data_6DRG
#
_entry.id   6DRG
#
loop_
_entity.id
_entity.type
_entity.pdbx_description
1 polymer 'Fatty acid-binding protein, liver'
2 non-polymer '2-[(4-{2-[(4-cyclohexylbutyl)(cyclohexylcarbamoyl)amino]ethyl}phenyl)sulfanyl]-2-methylpropanoic acid'
#
_entity_poly.entity_id   1
_entity_poly.type   'polypeptide(L)'
_entity_poly.pdbx_seq_one_letter_code
;HHHHHHVAMSFSGKYQLQSQENFEAFMKAIGLPEELIQKGKDIKGVSEIVQNGKHFKFTITAGSKVIQNEFTVGEECELE
TMTGEKVKTVVQLEGDNKLVTTFKNIKSVTELNGDIITNTMTLGDIVFKRISKRI
;
_entity_poly.pdbx_strand_id   A
#
# COMPACT_ATOMS: atom_id res chain seq x y z
N HIS A 1 -0.24 8.56 -30.46
CA HIS A 1 -1.09 8.43 -29.23
C HIS A 1 -0.35 7.32 -28.43
N HIS A 2 -0.18 7.53 -27.10
CA HIS A 2 0.52 6.64 -26.15
C HIS A 2 1.93 6.21 -26.60
N HIS A 3 2.95 6.93 -26.14
CA HIS A 3 4.36 6.64 -26.42
C HIS A 3 5.12 6.46 -25.10
N HIS A 4 5.70 5.26 -24.92
CA HIS A 4 6.55 4.89 -23.79
C HIS A 4 7.48 3.73 -24.21
N HIS A 5 8.59 3.60 -23.46
CA HIS A 5 9.63 2.59 -23.66
C HIS A 5 10.54 2.56 -22.42
N HIS A 6 10.69 1.37 -21.81
CA HIS A 6 11.54 1.11 -20.65
C HIS A 6 11.51 -0.38 -20.28
N VAL A 7 12.59 -0.84 -19.63
CA VAL A 7 12.76 -2.23 -19.16
C VAL A 7 11.95 -2.47 -17.87
N ALA A 8 12.28 -1.72 -16.80
CA ALA A 8 11.60 -1.73 -15.51
C ALA A 8 10.50 -0.65 -15.46
N MET A 9 9.77 -0.60 -14.35
CA MET A 9 8.74 0.41 -14.08
C MET A 9 9.15 1.36 -12.95
N SER A 10 8.52 2.54 -12.99
CA SER A 10 8.71 3.64 -12.06
C SER A 10 7.57 3.62 -11.04
N PHE A 11 7.90 3.27 -9.78
CA PHE A 11 6.98 3.39 -8.64
C PHE A 11 6.67 4.84 -8.22
N SER A 12 7.60 5.76 -8.52
CA SER A 12 7.51 7.21 -8.26
C SER A 12 6.21 7.85 -8.82
N GLY A 13 5.36 8.36 -7.91
CA GLY A 13 4.11 9.03 -8.26
C GLY A 13 3.15 9.04 -7.06
N LYS A 14 2.11 9.88 -7.16
CA LYS A 14 1.01 10.02 -6.20
C LYS A 14 -0.29 9.47 -6.79
N TYR A 15 -1.12 8.86 -5.93
CA TYR A 15 -2.35 8.14 -6.31
C TYR A 15 -3.45 8.42 -5.27
N GLN A 16 -4.70 8.60 -5.72
CA GLN A 16 -5.87 8.83 -4.86
C GLN A 16 -6.75 7.58 -4.83
N LEU A 17 -7.43 7.35 -3.69
CA LEU A 17 -8.35 6.23 -3.46
C LEU A 17 -9.53 6.25 -4.45
N GLN A 18 -9.76 5.13 -5.14
CA GLN A 18 -10.83 4.95 -6.12
C GLN A 18 -11.92 4.02 -5.58
N SER A 19 -11.52 2.79 -5.22
CA SER A 19 -12.41 1.71 -4.80
C SER A 19 -11.71 0.74 -3.84
N GLN A 20 -12.49 -0.19 -3.28
CA GLN A 20 -12.12 -1.01 -2.13
C GLN A 20 -13.13 -2.15 -1.92
N GLU A 21 -12.65 -3.30 -1.41
CA GLU A 21 -13.46 -4.48 -1.08
C GLU A 21 -12.95 -5.07 0.24
N ASN A 22 -13.86 -5.59 1.08
CA ASN A 22 -13.61 -6.15 2.42
C ASN A 22 -12.91 -5.16 3.39
N PHE A 23 -13.09 -3.85 3.17
CA PHE A 23 -12.52 -2.80 4.01
C PHE A 23 -12.99 -2.85 5.46
N GLU A 24 -14.32 -2.81 5.68
CA GLU A 24 -14.90 -2.92 7.02
C GLU A 24 -14.58 -4.27 7.71
N ALA A 25 -14.70 -5.38 6.96
CA ALA A 25 -14.39 -6.73 7.44
C ALA A 25 -12.95 -6.88 7.96
N PHE A 26 -11.98 -6.34 7.19
CA PHE A 26 -10.57 -6.30 7.55
C PHE A 26 -10.26 -5.38 8.74
N MET A 27 -10.82 -4.15 8.71
CA MET A 27 -10.63 -3.13 9.74
C MET A 27 -11.22 -3.52 11.10
N LYS A 28 -12.45 -4.05 11.12
CA LYS A 28 -13.08 -4.64 12.31
C LYS A 28 -12.29 -5.85 12.88
N ALA A 29 -11.62 -6.63 12.00
CA ALA A 29 -10.81 -7.79 12.38
C ALA A 29 -9.45 -7.44 13.00
N ILE A 30 -8.77 -6.38 12.51
CA ILE A 30 -7.54 -5.85 13.11
C ILE A 30 -7.80 -4.95 14.34
N GLY A 31 -9.09 -4.68 14.66
CA GLY A 31 -9.52 -4.04 15.90
C GLY A 31 -9.51 -2.50 15.81
N LEU A 32 -9.71 -1.92 14.62
CA LEU A 32 -9.83 -0.47 14.42
C LEU A 32 -11.13 0.06 15.04
N PRO A 33 -11.09 1.31 15.56
CA PRO A 33 -12.31 2.02 16.01
C PRO A 33 -13.22 2.36 14.83
N GLU A 34 -14.53 2.21 15.02
CA GLU A 34 -15.54 2.41 13.98
C GLU A 34 -15.58 3.82 13.37
N GLU A 35 -15.07 4.84 14.09
CA GLU A 35 -14.83 6.20 13.57
C GLU A 35 -13.83 6.23 12.41
N LEU A 36 -12.65 5.60 12.58
CA LEU A 36 -11.62 5.45 11.54
C LEU A 36 -12.07 4.62 10.34
N ILE A 37 -13.07 3.74 10.54
CA ILE A 37 -13.65 2.89 9.52
C ILE A 37 -14.71 3.66 8.71
N GLN A 38 -15.67 4.31 9.38
CA GLN A 38 -16.69 5.12 8.72
C GLN A 38 -16.11 6.30 7.91
N LYS A 39 -15.11 7.01 8.45
CA LYS A 39 -14.37 8.05 7.73
C LYS A 39 -13.44 7.49 6.65
N GLY A 40 -12.95 6.24 6.81
CA GLY A 40 -11.97 5.62 5.91
C GLY A 40 -12.61 5.14 4.60
N LYS A 41 -13.90 4.74 4.63
CA LYS A 41 -14.68 4.37 3.44
C LYS A 41 -15.49 5.55 2.88
N ASP A 42 -15.92 6.49 3.73
CA ASP A 42 -16.68 7.69 3.35
C ASP A 42 -15.78 8.72 2.63
N ILE A 43 -14.63 9.03 3.23
CA ILE A 43 -13.66 9.98 2.69
C ILE A 43 -12.61 9.19 1.88
N LYS A 44 -12.37 9.65 0.64
CA LYS A 44 -11.28 9.15 -0.20
C LYS A 44 -9.98 9.84 0.23
N GLY A 45 -9.08 9.06 0.84
CA GLY A 45 -7.75 9.50 1.22
C GLY A 45 -6.82 9.50 -0.02
N VAL A 46 -5.53 9.75 0.24
CA VAL A 46 -4.49 9.84 -0.77
C VAL A 46 -3.29 8.96 -0.36
N SER A 47 -2.54 8.50 -1.36
CA SER A 47 -1.33 7.68 -1.24
C SER A 47 -0.21 8.31 -2.09
N GLU A 48 1.04 8.00 -1.71
CA GLU A 48 2.24 8.32 -2.47
C GLU A 48 3.19 7.14 -2.36
N ILE A 49 3.90 6.88 -3.47
CA ILE A 49 4.86 5.81 -3.60
C ILE A 49 6.12 6.43 -4.21
N VAL A 50 7.27 6.18 -3.59
CA VAL A 50 8.55 6.76 -3.97
C VAL A 50 9.61 5.64 -3.99
N GLN A 51 10.45 5.62 -5.04
CA GLN A 51 11.51 4.65 -5.24
C GLN A 51 12.83 5.39 -5.49
N ASN A 52 13.87 4.98 -4.75
CA ASN A 52 15.18 5.64 -4.68
C ASN A 52 16.28 4.58 -4.84
N GLY A 53 16.23 3.80 -5.94
CA GLY A 53 17.15 2.70 -6.20
C GLY A 53 16.80 1.54 -5.24
N LYS A 54 17.75 1.21 -4.35
CA LYS A 54 17.55 0.23 -3.27
C LYS A 54 16.62 0.72 -2.14
N HIS A 55 16.65 2.03 -1.82
CA HIS A 55 15.72 2.64 -0.86
C HIS A 55 14.33 2.83 -1.49
N PHE A 56 13.32 2.89 -0.61
CA PHE A 56 11.92 3.02 -0.99
C PHE A 56 11.22 3.76 0.16
N LYS A 57 10.30 4.64 -0.22
CA LYS A 57 9.48 5.48 0.65
C LYS A 57 8.00 5.33 0.28
N PHE A 58 7.11 5.52 1.27
CA PHE A 58 5.67 5.41 1.06
C PHE A 58 4.99 6.38 2.04
N THR A 59 4.13 7.27 1.51
CA THR A 59 3.31 8.19 2.29
C THR A 59 1.85 7.76 2.22
N ILE A 60 1.22 7.59 3.38
CA ILE A 60 -0.19 7.28 3.56
C ILE A 60 -0.86 8.55 4.10
N THR A 61 -2.01 8.95 3.54
CA THR A 61 -2.76 10.14 3.96
C THR A 61 -4.25 9.78 4.10
N ALA A 62 -4.72 9.64 5.35
CA ALA A 62 -6.10 9.26 5.66
C ALA A 62 -6.88 10.46 6.20
N GLY A 63 -7.28 11.35 5.28
CA GLY A 63 -8.11 12.52 5.53
C GLY A 63 -7.30 13.73 6.01
N SER A 64 -6.42 13.55 7.02
CA SER A 64 -5.63 14.62 7.62
C SER A 64 -4.34 14.10 8.25
N LYS A 65 -4.39 12.92 8.91
CA LYS A 65 -3.22 12.20 9.42
C LYS A 65 -2.34 11.67 8.29
N VAL A 66 -1.01 11.81 8.45
CA VAL A 66 -0.02 11.37 7.48
C VAL A 66 0.99 10.43 8.17
N ILE A 67 1.23 9.26 7.57
CA ILE A 67 2.22 8.29 8.01
C ILE A 67 3.25 8.10 6.88
N GLN A 68 4.53 8.22 7.22
CA GLN A 68 5.65 8.02 6.30
C GLN A 68 6.49 6.83 6.80
N ASN A 69 6.71 5.88 5.89
CA ASN A 69 7.52 4.69 6.11
C ASN A 69 8.65 4.65 5.08
N GLU A 70 9.80 4.15 5.52
CA GLU A 70 10.98 3.92 4.70
C GLU A 70 11.52 2.51 4.98
N PHE A 71 11.96 1.85 3.91
CA PHE A 71 12.61 0.54 3.94
C PHE A 71 13.60 0.45 2.77
N THR A 72 14.45 -0.58 2.85
CA THR A 72 15.42 -0.91 1.81
C THR A 72 15.10 -2.33 1.30
N VAL A 73 14.95 -2.47 -0.02
CA VAL A 73 14.56 -3.71 -0.69
C VAL A 73 15.63 -4.82 -0.50
N GLY A 74 15.18 -5.98 0.00
CA GLY A 74 16.05 -7.14 0.28
C GLY A 74 16.75 -7.06 1.66
N GLU A 75 16.56 -5.96 2.42
CA GLU A 75 17.09 -5.75 3.76
C GLU A 75 15.94 -5.63 4.77
N GLU A 76 16.13 -6.22 5.96
CA GLU A 76 15.18 -6.20 7.07
C GLU A 76 15.00 -4.79 7.64
N CYS A 77 13.76 -4.28 7.55
CA CYS A 77 13.37 -2.93 7.94
C CYS A 77 11.99 -2.98 8.63
N GLU A 78 11.76 -1.99 9.51
CA GLU A 78 10.59 -1.94 10.37
C GLU A 78 9.55 -0.97 9.79
N LEU A 79 8.30 -1.46 9.67
CA LEU A 79 7.20 -0.76 9.00
C LEU A 79 6.04 -0.53 9.98
N GLU A 80 5.54 0.72 10.00
CA GLU A 80 4.44 1.19 10.82
C GLU A 80 3.10 1.02 10.09
N THR A 81 2.09 0.44 10.77
CA THR A 81 0.71 0.35 10.29
C THR A 81 -0.11 1.62 10.65
N MET A 82 -1.40 1.66 10.28
CA MET A 82 -2.34 2.75 10.59
C MET A 82 -2.54 3.01 12.10
N THR A 83 -2.44 1.96 12.93
CA THR A 83 -2.55 2.02 14.40
C THR A 83 -1.21 2.33 15.10
N GLY A 84 -0.09 2.35 14.36
CA GLY A 84 1.23 2.66 14.89
C GLY A 84 2.04 1.41 15.24
N GLU A 85 1.56 0.20 14.92
CA GLU A 85 2.25 -1.07 15.16
C GLU A 85 3.48 -1.20 14.26
N LYS A 86 4.67 -1.19 14.87
CA LYS A 86 5.96 -1.34 14.19
C LYS A 86 6.40 -2.81 14.21
N VAL A 87 6.67 -3.33 13.00
CA VAL A 87 6.92 -4.74 12.74
C VAL A 87 8.00 -4.90 11.65
N LYS A 88 9.05 -5.67 11.99
CA LYS A 88 10.15 -6.02 11.11
C LYS A 88 9.74 -7.02 10.03
N THR A 89 10.13 -6.72 8.79
CA THR A 89 9.80 -7.47 7.58
C THR A 89 10.77 -7.10 6.45
N VAL A 90 10.74 -7.85 5.35
CA VAL A 90 11.46 -7.54 4.11
C VAL A 90 10.45 -7.49 2.96
N VAL A 91 10.68 -6.57 2.01
CA VAL A 91 9.88 -6.41 0.81
C VAL A 91 10.75 -6.82 -0.41
N GLN A 92 10.24 -7.76 -1.22
CA GLN A 92 10.87 -8.26 -2.46
C GLN A 92 10.04 -7.85 -3.69
N LEU A 93 10.72 -7.50 -4.78
CA LEU A 93 10.12 -7.31 -6.10
C LEU A 93 10.21 -8.63 -6.90
N GLU A 94 9.12 -9.00 -7.58
CA GLU A 94 9.06 -10.14 -8.52
C GLU A 94 9.50 -9.78 -9.95
N GLY A 95 10.11 -8.59 -10.15
CA GLY A 95 10.59 -8.10 -11.44
C GLY A 95 9.47 -7.64 -12.38
N ASP A 96 8.23 -7.48 -11.86
CA ASP A 96 7.03 -7.21 -12.66
C ASP A 96 6.15 -6.17 -11.94
N ASN A 97 6.74 -5.02 -11.56
CA ASN A 97 6.05 -3.85 -10.99
C ASN A 97 5.27 -4.12 -9.67
N LYS A 98 5.64 -5.22 -8.98
CA LYS A 98 4.86 -5.85 -7.91
C LYS A 98 5.78 -6.17 -6.73
N LEU A 99 5.45 -5.61 -5.55
CA LEU A 99 6.18 -5.82 -4.30
C LEU A 99 5.37 -6.74 -3.37
N VAL A 100 6.05 -7.75 -2.79
CA VAL A 100 5.47 -8.74 -1.89
C VAL A 100 6.18 -8.67 -0.53
N THR A 101 5.40 -8.72 0.56
CA THR A 101 5.90 -8.64 1.93
C THR A 101 4.92 -9.34 2.91
N THR A 102 5.47 -9.92 4.01
CA THR A 102 4.73 -10.71 5.00
C THR A 102 5.33 -10.48 6.40
N PHE A 103 4.44 -10.22 7.35
CA PHE A 103 4.77 -9.91 8.75
C PHE A 103 4.66 -11.16 9.63
N LYS A 104 3.43 -11.69 9.73
CA LYS A 104 3.03 -12.79 10.59
C LYS A 104 2.04 -13.69 9.80
N ASN A 105 0.82 -13.19 9.64
CA ASN A 105 -0.30 -13.84 8.96
C ASN A 105 -0.93 -12.95 7.86
N ILE A 106 -0.42 -11.71 7.70
CA ILE A 106 -0.88 -10.72 6.75
C ILE A 106 0.03 -10.76 5.51
N LYS A 107 -0.53 -11.23 4.39
CA LYS A 107 0.16 -11.43 3.12
C LYS A 107 -0.17 -10.29 2.14
N SER A 108 0.75 -9.32 2.07
CA SER A 108 0.68 -8.18 1.17
C SER A 108 1.22 -8.54 -0.22
N VAL A 109 0.45 -8.19 -1.25
CA VAL A 109 0.82 -8.29 -2.65
C VAL A 109 0.38 -6.97 -3.32
N THR A 110 1.37 -6.09 -3.54
CA THR A 110 1.23 -4.84 -4.27
C THR A 110 1.39 -5.09 -5.77
N GLU A 111 0.69 -4.28 -6.58
CA GLU A 111 0.75 -4.31 -8.03
C GLU A 111 0.54 -2.89 -8.58
N LEU A 112 1.44 -2.47 -9.48
CA LEU A 112 1.37 -1.21 -10.21
C LEU A 112 1.14 -1.55 -11.68
N ASN A 113 0.14 -0.89 -12.30
CA ASN A 113 -0.23 -1.01 -13.71
C ASN A 113 -0.39 0.42 -14.25
N GLY A 114 0.74 1.03 -14.63
CA GLY A 114 0.80 2.38 -15.21
C GLY A 114 0.33 3.45 -14.21
N ASP A 115 -0.83 4.06 -14.51
CA ASP A 115 -1.50 5.05 -13.67
C ASP A 115 -2.39 4.42 -12.58
N ILE A 116 -2.55 3.09 -12.53
CA ILE A 116 -3.42 2.40 -11.58
C ILE A 116 -2.55 1.60 -10.57
N ILE A 117 -2.95 1.65 -9.29
CA ILE A 117 -2.41 0.81 -8.22
C ILE A 117 -3.51 -0.18 -7.82
N THR A 118 -3.10 -1.44 -7.63
CA THR A 118 -3.92 -2.55 -7.16
C THR A 118 -3.17 -3.18 -5.99
N ASN A 119 -3.76 -3.11 -4.79
CA ASN A 119 -3.18 -3.66 -3.58
C ASN A 119 -4.12 -4.75 -3.04
N THR A 120 -3.56 -5.96 -2.83
CA THR A 120 -4.29 -7.12 -2.34
C THR A 120 -3.57 -7.63 -1.08
N MET A 121 -4.25 -7.51 0.06
CA MET A 121 -3.82 -8.06 1.36
C MET A 121 -4.69 -9.30 1.69
N THR A 122 -4.10 -10.25 2.42
CA THR A 122 -4.80 -11.44 2.90
C THR A 122 -4.34 -11.76 4.34
N LEU A 123 -5.20 -11.46 5.31
CA LEU A 123 -5.02 -11.76 6.74
C LEU A 123 -5.91 -12.96 7.07
N GLY A 124 -5.31 -14.16 7.17
CA GLY A 124 -6.02 -15.40 7.48
C GLY A 124 -7.07 -15.72 6.42
N ASP A 125 -8.34 -15.87 6.84
CA ASP A 125 -9.52 -16.06 5.99
C ASP A 125 -10.16 -14.77 5.44
N ILE A 126 -9.57 -13.59 5.71
CA ILE A 126 -10.04 -12.30 5.19
C ILE A 126 -9.12 -11.87 4.03
N VAL A 127 -9.73 -11.31 2.96
CA VAL A 127 -9.03 -10.87 1.75
C VAL A 127 -9.46 -9.43 1.41
N PHE A 128 -8.65 -8.46 1.84
CA PHE A 128 -8.84 -7.02 1.61
C PHE A 128 -8.23 -6.56 0.27
N LYS A 129 -8.98 -5.72 -0.46
CA LYS A 129 -8.55 -5.06 -1.68
C LYS A 129 -8.60 -3.53 -1.53
N ARG A 130 -7.69 -2.87 -2.27
CA ARG A 130 -7.59 -1.43 -2.43
C ARG A 130 -7.19 -1.15 -3.88
N ILE A 131 -7.85 -0.16 -4.49
CA ILE A 131 -7.55 0.35 -5.82
C ILE A 131 -7.42 1.87 -5.72
N SER A 132 -6.35 2.41 -6.35
CA SER A 132 -6.07 3.84 -6.43
C SER A 132 -5.65 4.19 -7.87
N LYS A 133 -5.75 5.48 -8.25
CA LYS A 133 -5.42 5.98 -9.58
C LYS A 133 -4.65 7.31 -9.49
N ARG A 134 -3.68 7.49 -10.40
CA ARG A 134 -2.68 8.56 -10.41
C ARG A 134 -3.28 9.97 -10.55
N ILE A 135 -2.73 10.90 -9.75
CA ILE A 135 -3.23 12.27 -9.57
C ILE A 135 -2.54 13.12 -10.62
N HIS A 1 -3.98 2.01 -21.66
CA HIS A 1 -2.52 1.88 -21.95
C HIS A 1 -2.39 2.46 -23.38
N HIS A 2 -1.33 3.26 -23.61
CA HIS A 2 -1.01 3.87 -24.90
C HIS A 2 0.45 4.39 -24.83
N HIS A 3 1.40 3.44 -24.85
CA HIS A 3 2.84 3.70 -24.77
C HIS A 3 3.61 2.72 -25.67
N HIS A 4 4.84 3.09 -26.04
CA HIS A 4 5.74 2.31 -26.88
C HIS A 4 7.15 2.33 -26.27
N HIS A 5 7.39 1.37 -25.36
CA HIS A 5 8.68 1.12 -24.71
C HIS A 5 8.70 -0.30 -24.14
N HIS A 6 9.93 -0.82 -23.93
CA HIS A 6 10.21 -2.18 -23.47
C HIS A 6 11.26 -2.13 -22.34
N VAL A 7 10.91 -1.42 -21.26
CA VAL A 7 11.74 -1.22 -20.07
C VAL A 7 10.91 -1.43 -18.79
N ALA A 8 11.61 -1.55 -17.65
CA ALA A 8 11.02 -1.68 -16.31
C ALA A 8 10.26 -0.41 -15.88
N MET A 9 9.17 -0.61 -15.12
CA MET A 9 8.32 0.46 -14.59
C MET A 9 8.94 1.15 -13.37
N SER A 10 8.65 2.45 -13.25
CA SER A 10 8.99 3.28 -12.09
C SER A 10 7.80 3.33 -11.11
N PHE A 11 8.10 3.12 -9.82
CA PHE A 11 7.14 3.20 -8.72
C PHE A 11 6.85 4.62 -8.23
N SER A 12 7.69 5.60 -8.58
CA SER A 12 7.58 7.01 -8.16
C SER A 12 6.34 7.72 -8.74
N GLY A 13 5.61 8.43 -7.86
CA GLY A 13 4.42 9.21 -8.23
C GLY A 13 3.41 9.24 -7.06
N LYS A 14 2.40 10.13 -7.19
CA LYS A 14 1.27 10.25 -6.27
C LYS A 14 0.03 9.53 -6.83
N TYR A 15 -0.78 8.98 -5.92
CA TYR A 15 -1.98 8.20 -6.21
C TYR A 15 -3.10 8.59 -5.24
N GLN A 16 -4.36 8.38 -5.64
CA GLN A 16 -5.54 8.68 -4.84
C GLN A 16 -6.43 7.43 -4.78
N LEU A 17 -7.10 7.22 -3.64
CA LEU A 17 -8.02 6.11 -3.38
C LEU A 17 -9.21 6.18 -4.35
N GLN A 18 -9.52 5.03 -4.99
CA GLN A 18 -10.66 4.86 -5.89
C GLN A 18 -11.73 3.98 -5.26
N SER A 19 -11.32 2.81 -4.75
CA SER A 19 -12.22 1.82 -4.16
C SER A 19 -11.46 0.89 -3.19
N GLN A 20 -12.22 0.27 -2.28
CA GLN A 20 -11.76 -0.79 -1.39
C GLN A 20 -12.72 -1.99 -1.51
N GLU A 21 -12.21 -3.18 -1.18
CA GLU A 21 -12.95 -4.44 -1.14
C GLU A 21 -12.56 -5.19 0.15
N ASN A 22 -13.56 -5.65 0.90
CA ASN A 22 -13.45 -6.21 2.26
C ASN A 22 -12.83 -5.20 3.26
N PHE A 23 -13.21 -3.92 3.12
CA PHE A 23 -12.77 -2.83 3.99
C PHE A 23 -13.25 -3.00 5.43
N GLU A 24 -14.59 -2.99 5.63
CA GLU A 24 -15.20 -3.17 6.96
C GLU A 24 -14.95 -4.55 7.57
N ALA A 25 -14.76 -5.59 6.73
CA ALA A 25 -14.38 -6.93 7.16
C ALA A 25 -12.99 -6.96 7.81
N PHE A 26 -11.97 -6.39 7.14
CA PHE A 26 -10.59 -6.31 7.60
C PHE A 26 -10.39 -5.35 8.79
N MET A 27 -10.92 -4.12 8.65
CA MET A 27 -10.72 -3.03 9.60
C MET A 27 -11.38 -3.28 10.97
N LYS A 28 -12.60 -3.85 10.98
CA LYS A 28 -13.27 -4.27 12.22
C LYS A 28 -12.65 -5.54 12.83
N ALA A 29 -12.05 -6.42 12.01
CA ALA A 29 -11.36 -7.64 12.46
C ALA A 29 -10.02 -7.38 13.16
N ILE A 30 -9.28 -6.34 12.74
CA ILE A 30 -8.06 -5.88 13.43
C ILE A 30 -8.35 -5.00 14.66
N GLY A 31 -9.62 -4.67 14.91
CA GLY A 31 -10.10 -4.08 16.15
C GLY A 31 -10.05 -2.54 16.16
N LEU A 32 -10.03 -1.88 14.99
CA LEU A 32 -10.15 -0.42 14.88
C LEU A 32 -11.53 0.06 15.39
N PRO A 33 -11.57 1.25 16.05
CA PRO A 33 -12.84 1.89 16.45
C PRO A 33 -13.68 2.29 15.22
N GLU A 34 -15.01 2.16 15.34
CA GLU A 34 -15.96 2.36 14.25
C GLU A 34 -15.95 3.77 13.62
N GLU A 35 -15.47 4.80 14.36
CA GLU A 35 -15.19 6.14 13.83
C GLU A 35 -14.12 6.14 12.72
N LEU A 36 -13.02 5.38 12.90
CA LEU A 36 -11.95 5.20 11.92
C LEU A 36 -12.36 4.35 10.70
N ILE A 37 -13.36 3.47 10.85
CA ILE A 37 -14.00 2.77 9.74
C ILE A 37 -14.91 3.73 8.95
N GLN A 38 -15.86 4.38 9.63
CA GLN A 38 -16.87 5.25 9.02
C GLN A 38 -16.32 6.52 8.35
N LYS A 39 -15.17 7.03 8.80
CA LYS A 39 -14.45 8.13 8.15
C LYS A 39 -13.55 7.64 7.00
N GLY A 40 -13.14 6.36 7.00
CA GLY A 40 -12.20 5.81 6.03
C GLY A 40 -12.92 5.27 4.78
N LYS A 41 -14.22 4.93 4.88
CA LYS A 41 -15.03 4.43 3.77
C LYS A 41 -15.62 5.55 2.89
N ASP A 42 -16.00 6.70 3.48
CA ASP A 42 -16.55 7.85 2.73
C ASP A 42 -15.43 8.71 2.12
N ILE A 43 -14.44 9.09 2.95
CA ILE A 43 -13.29 9.89 2.52
C ILE A 43 -12.29 8.99 1.75
N LYS A 44 -11.99 9.41 0.52
CA LYS A 44 -10.95 8.82 -0.31
C LYS A 44 -9.62 9.52 0.02
N GLY A 45 -8.75 8.79 0.74
CA GLY A 45 -7.43 9.27 1.16
C GLY A 45 -6.47 9.40 -0.03
N VAL A 46 -5.35 10.10 0.20
CA VAL A 46 -4.26 10.25 -0.76
C VAL A 46 -3.11 9.30 -0.36
N SER A 47 -2.29 8.93 -1.33
CA SER A 47 -1.10 8.12 -1.14
C SER A 47 0.00 8.55 -2.13
N GLU A 48 1.22 8.08 -1.87
CA GLU A 48 2.42 8.48 -2.58
C GLU A 48 3.49 7.42 -2.35
N ILE A 49 4.27 7.19 -3.41
CA ILE A 49 5.43 6.31 -3.42
C ILE A 49 6.58 7.11 -4.03
N VAL A 50 7.79 6.92 -3.50
CA VAL A 50 9.02 7.53 -4.00
C VAL A 50 10.11 6.46 -4.01
N GLN A 51 10.38 5.89 -5.19
CA GLN A 51 11.47 4.93 -5.42
C GLN A 51 12.80 5.70 -5.52
N ASN A 52 13.80 5.22 -4.75
CA ASN A 52 15.14 5.83 -4.62
C ASN A 52 16.21 4.76 -4.87
N GLY A 53 16.08 4.03 -6.01
CA GLY A 53 16.95 2.91 -6.35
C GLY A 53 16.62 1.72 -5.44
N LYS A 54 17.61 1.28 -4.65
CA LYS A 54 17.46 0.27 -3.60
C LYS A 54 16.56 0.71 -2.43
N HIS A 55 16.61 2.01 -2.07
CA HIS A 55 15.68 2.61 -1.11
C HIS A 55 14.30 2.85 -1.72
N PHE A 56 13.29 2.96 -0.84
CA PHE A 56 11.89 3.03 -1.22
C PHE A 56 11.16 3.71 -0.07
N LYS A 57 10.43 4.79 -0.39
CA LYS A 57 9.63 5.58 0.56
C LYS A 57 8.14 5.36 0.25
N PHE A 58 7.35 5.25 1.32
CA PHE A 58 5.89 5.19 1.30
C PHE A 58 5.38 6.39 2.13
N THR A 59 4.41 7.12 1.57
CA THR A 59 3.72 8.23 2.23
C THR A 59 2.21 8.02 2.07
N ILE A 60 1.53 7.69 3.18
CA ILE A 60 0.10 7.41 3.23
C ILE A 60 -0.59 8.58 3.96
N THR A 61 -1.69 9.08 3.39
CA THR A 61 -2.54 10.09 4.03
C THR A 61 -3.93 9.47 4.29
N ALA A 62 -4.25 9.28 5.58
CA ALA A 62 -5.52 8.73 6.05
C ALA A 62 -6.43 9.88 6.52
N GLY A 63 -6.99 10.61 5.55
CA GLY A 63 -7.85 11.76 5.79
C GLY A 63 -6.97 13.00 5.99
N SER A 64 -6.70 13.35 7.26
CA SER A 64 -5.92 14.52 7.66
C SER A 64 -4.48 14.16 8.07
N LYS A 65 -4.30 13.04 8.80
CA LYS A 65 -2.99 12.56 9.25
C LYS A 65 -2.16 11.97 8.11
N VAL A 66 -0.83 12.00 8.25
CA VAL A 66 0.11 11.44 7.28
C VAL A 66 1.12 10.53 8.01
N ILE A 67 1.29 9.31 7.47
CA ILE A 67 2.28 8.31 7.88
C ILE A 67 3.41 8.29 6.86
N GLN A 68 4.66 8.27 7.33
CA GLN A 68 5.87 8.19 6.52
C GLN A 68 6.71 7.00 7.01
N ASN A 69 7.04 6.08 6.09
CA ASN A 69 7.91 4.94 6.35
C ASN A 69 8.86 4.75 5.17
N GLU A 70 10.15 4.56 5.47
CA GLU A 70 11.19 4.22 4.49
C GLU A 70 11.77 2.84 4.81
N PHE A 71 12.18 2.13 3.74
CA PHE A 71 12.82 0.82 3.80
C PHE A 71 13.74 0.64 2.60
N THR A 72 14.69 -0.30 2.73
CA THR A 72 15.53 -0.78 1.62
C THR A 72 15.00 -2.15 1.17
N VAL A 73 14.91 -2.33 -0.15
CA VAL A 73 14.44 -3.54 -0.80
C VAL A 73 15.41 -4.73 -0.55
N GLY A 74 14.87 -5.78 0.10
CA GLY A 74 15.58 -7.01 0.44
C GLY A 74 16.15 -7.02 1.86
N GLU A 75 16.21 -5.86 2.56
CA GLU A 75 16.68 -5.77 3.95
C GLU A 75 15.48 -5.71 4.91
N GLU A 76 15.66 -6.25 6.13
CA GLU A 76 14.68 -6.15 7.22
C GLU A 76 14.59 -4.72 7.75
N CYS A 77 13.42 -4.11 7.54
CA CYS A 77 13.08 -2.77 7.99
C CYS A 77 11.74 -2.85 8.73
N GLU A 78 11.53 -1.93 9.69
CA GLU A 78 10.36 -1.92 10.57
C GLU A 78 9.34 -0.88 10.09
N LEU A 79 8.12 -1.36 9.77
CA LEU A 79 7.05 -0.59 9.15
C LEU A 79 5.91 -0.36 10.15
N GLU A 80 5.42 0.89 10.21
CA GLU A 80 4.28 1.32 11.00
C GLU A 80 2.97 1.20 10.18
N THR A 81 1.86 0.90 10.87
CA THR A 81 0.49 0.92 10.33
C THR A 81 -0.33 2.07 10.99
N MET A 82 -1.59 2.24 10.57
CA MET A 82 -2.53 3.24 11.09
C MET A 82 -2.83 3.12 12.60
N THR A 83 -2.76 1.89 13.14
CA THR A 83 -2.91 1.56 14.56
C THR A 83 -1.62 1.78 15.38
N GLY A 84 -0.48 2.06 14.70
CA GLY A 84 0.82 2.30 15.32
C GLY A 84 1.61 0.99 15.54
N GLU A 85 1.14 -0.15 15.01
CA GLU A 85 1.82 -1.46 15.10
C GLU A 85 3.09 -1.48 14.25
N LYS A 86 4.24 -1.59 14.93
CA LYS A 86 5.56 -1.61 14.31
C LYS A 86 6.07 -3.05 14.24
N VAL A 87 6.37 -3.49 13.01
CA VAL A 87 6.70 -4.88 12.69
C VAL A 87 7.75 -4.95 11.56
N LYS A 88 8.77 -5.78 11.78
CA LYS A 88 9.87 -6.02 10.85
C LYS A 88 9.48 -6.98 9.72
N THR A 89 9.96 -6.68 8.50
CA THR A 89 9.75 -7.48 7.29
C THR A 89 10.70 -7.02 6.18
N VAL A 90 11.01 -7.95 5.25
CA VAL A 90 11.64 -7.66 3.96
C VAL A 90 10.55 -7.40 2.91
N VAL A 91 10.81 -6.44 2.00
CA VAL A 91 9.95 -6.13 0.87
C VAL A 91 10.77 -6.36 -0.40
N GLN A 92 10.25 -7.20 -1.31
CA GLN A 92 10.97 -7.70 -2.48
C GLN A 92 10.06 -7.64 -3.72
N LEU A 93 10.64 -7.19 -4.85
CA LEU A 93 9.93 -7.03 -6.13
C LEU A 93 9.80 -8.39 -6.84
N GLU A 94 8.56 -8.70 -7.27
CA GLU A 94 8.15 -9.99 -7.84
C GLU A 94 8.64 -10.23 -9.28
N GLY A 95 9.22 -9.20 -9.92
CA GLY A 95 9.72 -9.23 -11.30
C GLY A 95 8.67 -8.78 -12.32
N ASP A 96 7.50 -8.31 -11.86
CA ASP A 96 6.37 -7.91 -12.72
C ASP A 96 5.60 -6.76 -12.05
N ASN A 97 6.31 -5.65 -11.76
CA ASN A 97 5.76 -4.37 -11.28
C ASN A 97 5.05 -4.44 -9.91
N LYS A 98 5.36 -5.49 -9.13
CA LYS A 98 4.63 -5.90 -7.93
C LYS A 98 5.61 -6.07 -6.77
N LEU A 99 5.18 -5.69 -5.55
CA LEU A 99 5.97 -5.84 -4.32
C LEU A 99 5.26 -6.83 -3.39
N VAL A 100 5.98 -7.89 -3.00
CA VAL A 100 5.54 -8.92 -2.06
C VAL A 100 6.24 -8.69 -0.71
N THR A 101 5.49 -8.88 0.39
CA THR A 101 5.97 -8.71 1.75
C THR A 101 5.02 -9.40 2.74
N THR A 102 5.60 -10.13 3.71
CA THR A 102 4.87 -10.94 4.68
C THR A 102 5.40 -10.64 6.10
N PHE A 103 4.49 -10.21 6.98
CA PHE A 103 4.80 -9.81 8.35
C PHE A 103 4.89 -11.04 9.28
N LYS A 104 3.74 -11.72 9.48
CA LYS A 104 3.60 -12.95 10.24
C LYS A 104 2.54 -13.85 9.57
N ASN A 105 1.35 -13.27 9.34
CA ASN A 105 0.19 -13.93 8.73
C ASN A 105 -0.60 -12.99 7.81
N ILE A 106 -0.10 -11.75 7.61
CA ILE A 106 -0.63 -10.76 6.69
C ILE A 106 0.26 -10.80 5.42
N LYS A 107 -0.31 -11.28 4.31
CA LYS A 107 0.38 -11.49 3.04
C LYS A 107 0.00 -10.37 2.06
N SER A 108 0.74 -9.25 2.13
CA SER A 108 0.59 -8.07 1.27
C SER A 108 1.24 -8.31 -0.09
N VAL A 109 0.48 -8.07 -1.17
CA VAL A 109 0.95 -8.15 -2.55
C VAL A 109 0.40 -6.92 -3.32
N THR A 110 1.28 -5.91 -3.52
CA THR A 110 0.99 -4.69 -4.26
C THR A 110 1.26 -4.92 -5.77
N GLU A 111 0.63 -4.09 -6.63
CA GLU A 111 0.70 -4.18 -8.09
C GLU A 111 0.57 -2.78 -8.73
N LEU A 112 1.31 -2.57 -9.83
CA LEU A 112 1.32 -1.34 -10.62
C LEU A 112 1.12 -1.68 -12.10
N ASN A 113 0.14 -1.01 -12.74
CA ASN A 113 -0.22 -1.14 -14.15
C ASN A 113 -0.47 0.26 -14.70
N GLY A 114 0.63 0.98 -14.97
CA GLY A 114 0.63 2.34 -15.50
C GLY A 114 0.04 3.31 -14.46
N ASP A 115 -1.01 4.04 -14.85
CA ASP A 115 -1.75 4.98 -14.02
C ASP A 115 -2.71 4.31 -13.00
N ILE A 116 -2.97 3.00 -13.12
CA ILE A 116 -3.82 2.26 -12.19
C ILE A 116 -2.94 1.42 -11.25
N ILE A 117 -3.30 1.41 -9.96
CA ILE A 117 -2.61 0.65 -8.92
C ILE A 117 -3.64 -0.24 -8.20
N THR A 118 -3.24 -1.47 -7.87
CA THR A 118 -4.05 -2.47 -7.20
C THR A 118 -3.21 -3.14 -6.10
N ASN A 119 -3.87 -3.79 -5.13
CA ASN A 119 -3.24 -4.56 -4.06
C ASN A 119 -4.23 -5.62 -3.58
N THR A 120 -3.67 -6.76 -3.15
CA THR A 120 -4.37 -7.85 -2.48
C THR A 120 -3.56 -8.24 -1.24
N MET A 121 -4.10 -7.88 -0.06
CA MET A 121 -3.66 -8.33 1.25
C MET A 121 -4.53 -9.52 1.69
N THR A 122 -3.94 -10.48 2.39
CA THR A 122 -4.65 -11.64 2.95
C THR A 122 -4.20 -11.83 4.40
N LEU A 123 -5.11 -11.50 5.34
CA LEU A 123 -4.95 -11.70 6.78
C LEU A 123 -5.93 -12.77 7.22
N GLY A 124 -5.42 -14.00 7.38
CA GLY A 124 -6.19 -15.17 7.78
C GLY A 124 -7.24 -15.51 6.72
N ASP A 125 -8.51 -15.54 7.16
CA ASP A 125 -9.71 -15.84 6.38
C ASP A 125 -10.22 -14.66 5.51
N ILE A 126 -9.79 -13.42 5.82
CA ILE A 126 -10.24 -12.19 5.15
C ILE A 126 -9.17 -11.71 4.14
N VAL A 127 -9.63 -11.22 2.97
CA VAL A 127 -8.78 -10.76 1.88
C VAL A 127 -9.12 -9.30 1.54
N PHE A 128 -8.42 -8.35 2.21
CA PHE A 128 -8.52 -6.92 1.95
C PHE A 128 -7.85 -6.53 0.62
N LYS A 129 -8.62 -5.87 -0.26
CA LYS A 129 -8.16 -5.35 -1.55
C LYS A 129 -8.36 -3.84 -1.58
N ARG A 130 -7.47 -3.14 -2.31
CA ARG A 130 -7.34 -1.69 -2.24
C ARG A 130 -6.87 -1.18 -3.61
N ILE A 131 -7.67 -0.30 -4.22
CA ILE A 131 -7.50 0.18 -5.60
C ILE A 131 -7.29 1.71 -5.58
N SER A 132 -6.40 2.18 -6.46
CA SER A 132 -6.02 3.57 -6.61
C SER A 132 -5.75 3.96 -8.07
N LYS A 133 -5.68 5.28 -8.32
CA LYS A 133 -5.37 5.86 -9.62
C LYS A 133 -4.42 7.06 -9.46
N ARG A 134 -3.44 7.16 -10.36
CA ARG A 134 -2.34 8.12 -10.38
C ARG A 134 -2.82 9.55 -10.68
N ILE A 135 -2.36 10.51 -9.86
CA ILE A 135 -2.76 11.92 -9.88
C ILE A 135 -1.89 12.59 -10.93
N HIS A 1 -2.11 -9.20 -27.73
CA HIS A 1 -2.59 -8.11 -28.63
C HIS A 1 -2.15 -6.77 -27.96
N HIS A 2 -0.91 -6.70 -27.42
CA HIS A 2 -0.38 -5.53 -26.72
C HIS A 2 0.78 -4.89 -27.50
N HIS A 3 0.94 -3.58 -27.31
CA HIS A 3 2.02 -2.75 -27.84
C HIS A 3 3.38 -3.08 -27.19
N HIS A 4 4.46 -2.66 -27.89
CA HIS A 4 5.84 -2.78 -27.42
C HIS A 4 6.54 -1.43 -27.63
N HIS A 5 6.39 -0.53 -26.65
CA HIS A 5 7.10 0.75 -26.57
C HIS A 5 8.30 0.58 -25.62
N HIS A 6 8.03 0.68 -24.30
CA HIS A 6 9.04 0.52 -23.24
C HIS A 6 9.21 -0.94 -22.83
N VAL A 7 10.25 -1.19 -22.02
CA VAL A 7 10.66 -2.51 -21.53
C VAL A 7 10.83 -2.52 -19.98
N ALA A 8 10.22 -1.55 -19.29
CA ALA A 8 10.30 -1.39 -17.84
C ALA A 8 9.20 -0.46 -17.32
N MET A 9 9.01 -0.47 -15.99
CA MET A 9 8.11 0.43 -15.24
C MET A 9 8.86 1.05 -14.05
N SER A 10 8.22 2.05 -13.42
CA SER A 10 8.71 2.73 -12.22
C SER A 10 7.54 2.94 -11.24
N PHE A 11 7.86 2.83 -9.95
CA PHE A 11 6.94 3.05 -8.83
C PHE A 11 6.73 4.54 -8.49
N SER A 12 7.74 5.38 -8.78
CA SER A 12 7.79 6.81 -8.45
C SER A 12 6.61 7.62 -9.02
N GLY A 13 5.74 8.09 -8.13
CA GLY A 13 4.55 8.87 -8.47
C GLY A 13 3.55 8.83 -7.31
N LYS A 14 2.61 9.81 -7.31
CA LYS A 14 1.52 9.90 -6.33
C LYS A 14 0.22 9.31 -6.91
N TYR A 15 -0.59 8.72 -6.02
CA TYR A 15 -1.85 8.06 -6.36
C TYR A 15 -2.90 8.39 -5.27
N GLN A 16 -4.18 8.51 -5.66
CA GLN A 16 -5.32 8.80 -4.78
C GLN A 16 -6.23 7.56 -4.69
N LEU A 17 -6.90 7.38 -3.54
CA LEU A 17 -7.85 6.28 -3.28
C LEU A 17 -9.05 6.34 -4.24
N GLN A 18 -9.33 5.20 -4.90
CA GLN A 18 -10.43 5.02 -5.85
C GLN A 18 -11.52 4.10 -5.30
N SER A 19 -11.11 2.92 -4.81
CA SER A 19 -12.00 1.85 -4.36
C SER A 19 -11.31 0.92 -3.36
N GLN A 20 -12.12 0.07 -2.69
CA GLN A 20 -11.67 -0.84 -1.64
C GLN A 20 -12.76 -1.87 -1.32
N GLU A 21 -12.39 -3.17 -1.39
CA GLU A 21 -13.27 -4.31 -1.10
C GLU A 21 -12.78 -5.01 0.18
N ASN A 22 -13.75 -5.51 0.98
CA ASN A 22 -13.56 -6.05 2.35
C ASN A 22 -12.94 -5.01 3.29
N PHE A 23 -13.34 -3.73 3.15
CA PHE A 23 -12.89 -2.65 4.01
C PHE A 23 -13.38 -2.84 5.45
N GLU A 24 -14.71 -2.93 5.65
CA GLU A 24 -15.31 -3.23 6.96
C GLU A 24 -14.90 -4.60 7.52
N ALA A 25 -14.84 -5.62 6.65
CA ALA A 25 -14.48 -6.99 7.03
C ALA A 25 -13.06 -7.08 7.61
N PHE A 26 -12.08 -6.44 6.95
CA PHE A 26 -10.69 -6.37 7.40
C PHE A 26 -10.52 -5.50 8.64
N MET A 27 -11.10 -4.29 8.64
CA MET A 27 -10.99 -3.33 9.73
C MET A 27 -11.66 -3.81 11.04
N LYS A 28 -12.77 -4.54 10.96
CA LYS A 28 -13.36 -5.23 12.11
C LYS A 28 -12.54 -6.45 12.58
N ALA A 29 -11.84 -7.13 11.65
CA ALA A 29 -11.01 -8.30 11.95
C ALA A 29 -9.67 -7.97 12.64
N ILE A 30 -9.02 -6.86 12.27
CA ILE A 30 -7.85 -6.32 12.96
C ILE A 30 -8.19 -5.63 14.30
N GLY A 31 -9.48 -5.37 14.55
CA GLY A 31 -10.00 -4.87 15.82
C GLY A 31 -10.03 -3.34 15.88
N LEU A 32 -10.07 -2.63 14.73
CA LEU A 32 -10.26 -1.18 14.69
C LEU A 32 -11.72 -0.81 15.04
N PRO A 33 -11.90 0.30 15.81
CA PRO A 33 -13.23 0.81 16.14
C PRO A 33 -14.00 1.31 14.91
N GLU A 34 -15.33 1.24 15.00
CA GLU A 34 -16.23 1.56 13.89
C GLU A 34 -16.21 3.04 13.47
N GLU A 35 -15.75 3.96 14.34
CA GLU A 35 -15.49 5.37 14.00
C GLU A 35 -14.37 5.54 12.97
N LEU A 36 -13.23 4.84 13.16
CA LEU A 36 -12.10 4.81 12.20
C LEU A 36 -12.49 4.19 10.85
N ILE A 37 -13.46 3.25 10.87
CA ILE A 37 -14.05 2.65 9.68
C ILE A 37 -14.95 3.65 8.93
N GLN A 38 -15.90 4.30 9.63
CA GLN A 38 -16.82 5.26 9.03
C GLN A 38 -16.10 6.44 8.33
N LYS A 39 -15.16 7.10 9.03
CA LYS A 39 -14.36 8.16 8.40
C LYS A 39 -13.35 7.65 7.35
N GLY A 40 -12.99 6.36 7.38
CA GLY A 40 -12.00 5.76 6.48
C GLY A 40 -12.62 5.42 5.11
N LYS A 41 -13.93 5.12 5.07
CA LYS A 41 -14.69 4.90 3.83
C LYS A 41 -15.45 6.14 3.36
N ASP A 42 -15.86 7.04 4.27
CA ASP A 42 -16.45 8.35 3.94
C ASP A 42 -15.43 9.36 3.38
N ILE A 43 -14.18 9.34 3.88
CA ILE A 43 -13.12 10.25 3.44
C ILE A 43 -12.04 9.43 2.71
N LYS A 44 -11.82 9.75 1.43
CA LYS A 44 -10.71 9.20 0.64
C LYS A 44 -9.35 9.74 1.11
N GLY A 45 -8.36 8.83 1.18
CA GLY A 45 -6.98 9.16 1.46
C GLY A 45 -6.19 9.36 0.15
N VAL A 46 -4.90 9.65 0.31
CA VAL A 46 -3.91 9.78 -0.75
C VAL A 46 -2.67 8.94 -0.35
N SER A 47 -1.95 8.41 -1.34
CA SER A 47 -0.87 7.45 -1.13
C SER A 47 0.25 7.68 -2.14
N GLU A 48 1.39 8.22 -1.66
CA GLU A 48 2.58 8.45 -2.47
C GLU A 48 3.53 7.25 -2.40
N ILE A 49 4.22 7.04 -3.52
CA ILE A 49 5.16 5.95 -3.72
C ILE A 49 6.43 6.58 -4.33
N VAL A 50 7.59 6.30 -3.72
CA VAL A 50 8.88 6.85 -4.12
C VAL A 50 9.90 5.71 -4.14
N GLN A 51 10.60 5.57 -5.28
CA GLN A 51 11.65 4.58 -5.51
C GLN A 51 12.93 5.32 -5.88
N ASN A 52 14.06 4.90 -5.29
CA ASN A 52 15.38 5.50 -5.51
C ASN A 52 16.45 4.42 -5.38
N GLY A 53 16.56 3.58 -6.43
CA GLY A 53 17.47 2.44 -6.49
C GLY A 53 16.97 1.36 -5.53
N LYS A 54 17.82 1.00 -4.55
CA LYS A 54 17.52 0.07 -3.48
C LYS A 54 16.62 0.66 -2.37
N HIS A 55 16.73 1.97 -2.09
CA HIS A 55 15.86 2.66 -1.14
C HIS A 55 14.46 2.92 -1.71
N PHE A 56 13.50 3.06 -0.80
CA PHE A 56 12.09 3.20 -1.11
C PHE A 56 11.43 3.94 0.06
N LYS A 57 10.69 5.01 -0.26
CA LYS A 57 9.82 5.73 0.68
C LYS A 57 8.35 5.57 0.24
N PHE A 58 7.45 5.64 1.22
CA PHE A 58 6.01 5.50 1.01
C PHE A 58 5.33 6.44 2.03
N THR A 59 4.42 7.30 1.54
CA THR A 59 3.68 8.25 2.37
C THR A 59 2.19 7.91 2.32
N ILE A 60 1.62 7.56 3.48
CA ILE A 60 0.20 7.29 3.67
C ILE A 60 -0.43 8.56 4.24
N THR A 61 -1.43 9.10 3.52
CA THR A 61 -2.24 10.22 3.97
C THR A 61 -3.68 9.71 4.18
N ALA A 62 -4.08 9.64 5.46
CA ALA A 62 -5.43 9.33 5.92
C ALA A 62 -6.38 10.54 5.77
N GLY A 63 -7.53 10.50 6.45
CA GLY A 63 -8.56 11.55 6.39
C GLY A 63 -8.09 12.90 6.97
N SER A 64 -7.11 12.90 7.89
CA SER A 64 -6.52 14.09 8.51
C SER A 64 -5.15 13.82 9.18
N LYS A 65 -4.47 12.72 8.78
CA LYS A 65 -3.17 12.30 9.31
C LYS A 65 -2.22 11.96 8.17
N VAL A 66 -0.92 12.21 8.37
CA VAL A 66 0.15 11.87 7.43
C VAL A 66 1.19 11.02 8.20
N ILE A 67 1.46 9.82 7.68
CA ILE A 67 2.44 8.87 8.21
C ILE A 67 3.25 8.34 7.02
N GLN A 68 4.58 8.49 7.09
CA GLN A 68 5.51 7.97 6.10
C GLN A 68 6.52 7.01 6.75
N ASN A 69 6.95 6.03 5.94
CA ASN A 69 7.95 5.01 6.28
C ASN A 69 8.95 4.91 5.14
N GLU A 70 10.17 4.49 5.52
CA GLU A 70 11.25 4.19 4.59
C GLU A 70 11.77 2.77 4.87
N PHE A 71 12.12 2.08 3.79
CA PHE A 71 12.74 0.76 3.80
C PHE A 71 13.71 0.64 2.62
N THR A 72 14.55 -0.41 2.69
CA THR A 72 15.45 -0.79 1.61
C THR A 72 15.06 -2.19 1.14
N VAL A 73 14.89 -2.36 -0.18
CA VAL A 73 14.42 -3.59 -0.82
C VAL A 73 15.44 -4.73 -0.62
N GLY A 74 14.99 -5.83 0.01
CA GLY A 74 15.83 -6.99 0.32
C GLY A 74 16.48 -6.93 1.71
N GLU A 75 16.32 -5.82 2.45
CA GLU A 75 16.76 -5.63 3.84
C GLU A 75 15.52 -5.51 4.74
N GLU A 76 15.57 -6.16 5.91
CA GLU A 76 14.47 -6.13 6.89
C GLU A 76 14.38 -4.75 7.56
N CYS A 77 13.18 -4.16 7.48
CA CYS A 77 12.86 -2.81 7.96
C CYS A 77 11.49 -2.84 8.67
N GLU A 78 11.22 -1.79 9.45
CA GLU A 78 10.00 -1.69 10.24
C GLU A 78 9.01 -0.71 9.58
N LEU A 79 7.77 -1.18 9.34
CA LEU A 79 6.68 -0.41 8.75
C LEU A 79 5.64 -0.10 9.83
N GLU A 80 5.31 1.19 9.95
CA GLU A 80 4.28 1.73 10.84
C GLU A 80 2.91 1.73 10.15
N THR A 81 1.84 1.66 10.98
CA THR A 81 0.44 1.60 10.56
C THR A 81 -0.32 2.90 10.92
N MET A 82 -1.58 2.99 10.46
CA MET A 82 -2.52 4.09 10.79
C MET A 82 -2.83 4.23 12.29
N THR A 83 -2.82 3.11 13.04
CA THR A 83 -3.02 3.06 14.49
C THR A 83 -1.72 3.22 15.29
N GLY A 84 -0.55 3.23 14.62
CA GLY A 84 0.75 3.44 15.24
C GLY A 84 1.43 2.14 15.69
N GLU A 85 0.90 0.96 15.30
CA GLU A 85 1.59 -0.34 15.44
C GLU A 85 2.85 -0.37 14.56
N LYS A 86 3.89 -1.06 15.03
CA LYS A 86 5.18 -1.14 14.33
C LYS A 86 5.58 -2.61 14.22
N VAL A 87 5.84 -3.04 12.97
CA VAL A 87 6.05 -4.43 12.62
C VAL A 87 7.17 -4.57 11.57
N LYS A 88 8.13 -5.44 11.87
CA LYS A 88 9.28 -5.78 11.02
C LYS A 88 8.87 -6.73 9.88
N THR A 89 9.43 -6.48 8.70
CA THR A 89 8.99 -7.02 7.42
C THR A 89 10.03 -6.70 6.33
N VAL A 90 10.07 -7.54 5.28
CA VAL A 90 10.95 -7.31 4.13
C VAL A 90 10.08 -7.21 2.87
N VAL A 91 10.35 -6.20 2.03
CA VAL A 91 9.67 -6.00 0.76
C VAL A 91 10.62 -6.38 -0.39
N GLN A 92 10.17 -7.27 -1.29
CA GLN A 92 10.88 -7.68 -2.50
C GLN A 92 10.11 -7.22 -3.74
N LEU A 93 10.83 -6.67 -4.73
CA LEU A 93 10.32 -6.37 -6.06
C LEU A 93 10.53 -7.59 -6.97
N GLU A 94 9.41 -8.12 -7.51
CA GLU A 94 9.39 -9.20 -8.49
C GLU A 94 9.66 -8.68 -9.93
N GLY A 95 9.44 -9.53 -10.94
CA GLY A 95 9.70 -9.24 -12.35
C GLY A 95 8.46 -8.70 -13.09
N ASP A 96 7.38 -8.32 -12.40
CA ASP A 96 6.11 -7.92 -13.02
C ASP A 96 5.48 -6.73 -12.27
N ASN A 97 6.29 -5.71 -11.92
CA ASN A 97 5.85 -4.43 -11.33
C ASN A 97 5.22 -4.59 -9.92
N LYS A 98 5.53 -5.69 -9.22
CA LYS A 98 4.80 -6.17 -8.05
C LYS A 98 5.74 -6.26 -6.83
N LEU A 99 5.33 -5.62 -5.73
CA LEU A 99 6.04 -5.64 -4.44
C LEU A 99 5.33 -6.62 -3.50
N VAL A 100 6.00 -7.76 -3.24
CA VAL A 100 5.54 -8.79 -2.30
C VAL A 100 6.20 -8.57 -0.94
N THR A 101 5.40 -8.61 0.13
CA THR A 101 5.86 -8.36 1.50
C THR A 101 4.94 -9.06 2.52
N THR A 102 5.53 -9.47 3.67
CA THR A 102 4.87 -10.28 4.70
C THR A 102 5.43 -9.90 6.08
N PHE A 103 4.49 -9.71 7.03
CA PHE A 103 4.74 -9.28 8.39
C PHE A 103 4.88 -10.51 9.32
N LYS A 104 3.73 -11.10 9.65
CA LYS A 104 3.59 -12.28 10.53
C LYS A 104 2.75 -13.33 9.81
N ASN A 105 1.50 -12.94 9.47
CA ASN A 105 0.47 -13.80 8.88
C ASN A 105 -0.40 -13.03 7.85
N ILE A 106 -0.01 -11.79 7.51
CA ILE A 106 -0.67 -10.93 6.54
C ILE A 106 0.17 -10.97 5.25
N LYS A 107 -0.43 -11.50 4.18
CA LYS A 107 0.24 -11.75 2.91
C LYS A 107 -0.19 -10.66 1.90
N SER A 108 0.60 -9.58 1.86
CA SER A 108 0.34 -8.37 1.09
C SER A 108 1.15 -8.34 -0.21
N VAL A 109 0.41 -8.44 -1.33
CA VAL A 109 0.91 -8.47 -2.70
C VAL A 109 0.41 -7.20 -3.41
N THR A 110 1.34 -6.26 -3.64
CA THR A 110 1.11 -5.04 -4.41
C THR A 110 1.32 -5.34 -5.91
N GLU A 111 0.62 -4.58 -6.77
CA GLU A 111 0.70 -4.64 -8.22
C GLU A 111 0.50 -3.24 -8.81
N LEU A 112 1.40 -2.84 -9.71
CA LEU A 112 1.34 -1.58 -10.44
C LEU A 112 1.05 -1.90 -11.92
N ASN A 113 0.03 -1.23 -12.48
CA ASN A 113 -0.41 -1.33 -13.87
C ASN A 113 -0.54 0.10 -14.39
N GLY A 114 0.60 0.69 -14.79
CA GLY A 114 0.68 2.04 -15.35
C GLY A 114 0.28 3.08 -14.29
N ASP A 115 -0.80 3.80 -14.60
CA ASP A 115 -1.42 4.83 -13.76
C ASP A 115 -2.43 4.26 -12.72
N ILE A 116 -2.51 2.93 -12.57
CA ILE A 116 -3.40 2.26 -11.60
C ILE A 116 -2.55 1.39 -10.66
N ILE A 117 -2.84 1.48 -9.35
CA ILE A 117 -2.29 0.60 -8.32
C ILE A 117 -3.42 -0.32 -7.85
N THR A 118 -3.07 -1.60 -7.66
CA THR A 118 -3.95 -2.63 -7.13
C THR A 118 -3.17 -3.37 -6.03
N ASN A 119 -3.64 -3.28 -4.78
CA ASN A 119 -3.07 -4.00 -3.64
C ASN A 119 -4.06 -5.06 -3.18
N THR A 120 -3.53 -6.26 -2.87
CA THR A 120 -4.30 -7.39 -2.37
C THR A 120 -3.57 -7.98 -1.16
N MET A 121 -4.21 -7.84 0.01
CA MET A 121 -3.73 -8.30 1.31
C MET A 121 -4.61 -9.47 1.77
N THR A 122 -4.01 -10.42 2.50
CA THR A 122 -4.70 -11.60 3.01
C THR A 122 -4.22 -11.89 4.44
N LEU A 123 -5.03 -11.45 5.43
CA LEU A 123 -4.85 -11.69 6.86
C LEU A 123 -5.87 -12.76 7.28
N GLY A 124 -5.36 -13.95 7.64
CA GLY A 124 -6.16 -15.06 8.17
C GLY A 124 -7.22 -15.51 7.15
N ASP A 125 -8.49 -15.32 7.52
CA ASP A 125 -9.69 -15.68 6.74
C ASP A 125 -10.31 -14.48 5.98
N ILE A 126 -9.65 -13.31 5.96
CA ILE A 126 -10.14 -12.08 5.35
C ILE A 126 -9.13 -11.56 4.30
N VAL A 127 -9.64 -11.01 3.19
CA VAL A 127 -8.83 -10.51 2.07
C VAL A 127 -9.18 -9.05 1.75
N PHE A 128 -8.44 -8.08 2.32
CA PHE A 128 -8.58 -6.66 2.01
C PHE A 128 -7.94 -6.33 0.66
N LYS A 129 -8.67 -5.59 -0.18
CA LYS A 129 -8.18 -5.05 -1.44
C LYS A 129 -8.33 -3.52 -1.44
N ARG A 130 -7.41 -2.87 -2.16
CA ARG A 130 -7.32 -1.42 -2.27
C ARG A 130 -6.88 -1.07 -3.69
N ILE A 131 -7.57 -0.09 -4.29
CA ILE A 131 -7.33 0.40 -5.64
C ILE A 131 -7.10 1.92 -5.56
N SER A 132 -6.09 2.39 -6.30
CA SER A 132 -5.75 3.81 -6.44
C SER A 132 -5.42 4.15 -7.91
N LYS A 133 -5.57 5.43 -8.27
CA LYS A 133 -5.22 6.00 -9.59
C LYS A 133 -4.28 7.19 -9.41
N ARG A 134 -3.38 7.37 -10.38
CA ARG A 134 -2.38 8.43 -10.48
C ARG A 134 -2.98 9.84 -10.47
N ILE A 135 -2.31 10.79 -9.80
CA ILE A 135 -2.78 12.18 -9.60
C ILE A 135 -2.06 13.01 -10.66
N HIS A 1 17.98 9.05 -31.08
CA HIS A 1 17.53 8.36 -29.84
C HIS A 1 17.57 6.83 -30.10
N HIS A 2 17.13 6.35 -31.28
CA HIS A 2 16.85 4.94 -31.59
C HIS A 2 15.67 4.36 -30.77
N HIS A 3 15.46 3.04 -30.87
CA HIS A 3 14.47 2.29 -30.11
C HIS A 3 15.08 0.96 -29.63
N HIS A 4 14.35 0.28 -28.74
CA HIS A 4 14.76 -0.96 -28.07
C HIS A 4 13.54 -1.86 -27.81
N HIS A 5 13.80 -3.09 -27.31
CA HIS A 5 12.77 -4.05 -26.93
C HIS A 5 12.70 -4.13 -25.39
N HIS A 6 12.08 -3.11 -24.79
CA HIS A 6 11.82 -3.01 -23.36
C HIS A 6 10.82 -1.88 -23.10
N VAL A 7 10.05 -2.03 -22.00
CA VAL A 7 9.09 -1.04 -21.52
C VAL A 7 9.55 -0.40 -20.20
N ALA A 8 10.10 -1.20 -19.27
CA ALA A 8 10.50 -0.85 -17.90
C ALA A 8 9.31 -0.39 -17.02
N MET A 9 9.52 -0.43 -15.69
CA MET A 9 8.48 -0.12 -14.70
C MET A 9 8.99 0.95 -13.73
N SER A 10 8.10 1.89 -13.37
CA SER A 10 8.41 3.10 -12.62
C SER A 10 7.33 3.36 -11.56
N PHE A 11 7.60 2.88 -10.33
CA PHE A 11 6.75 3.05 -9.15
C PHE A 11 6.58 4.51 -8.68
N SER A 12 7.54 5.38 -9.00
CA SER A 12 7.57 6.80 -8.66
C SER A 12 6.34 7.60 -9.18
N GLY A 13 5.58 8.20 -8.24
CA GLY A 13 4.40 8.99 -8.54
C GLY A 13 3.43 8.99 -7.35
N LYS A 14 2.46 9.93 -7.37
CA LYS A 14 1.35 10.04 -6.42
C LYS A 14 0.08 9.35 -6.95
N TYR A 15 -0.73 8.80 -6.03
CA TYR A 15 -1.97 8.06 -6.33
C TYR A 15 -3.03 8.36 -5.27
N GLN A 16 -4.27 8.65 -5.70
CA GLN A 16 -5.42 8.91 -4.83
C GLN A 16 -6.32 7.67 -4.76
N LEU A 17 -7.02 7.48 -3.62
CA LEU A 17 -7.98 6.39 -3.37
C LEU A 17 -9.16 6.46 -4.36
N GLN A 18 -9.46 5.32 -5.02
CA GLN A 18 -10.54 5.18 -5.99
C GLN A 18 -11.63 4.22 -5.48
N SER A 19 -11.21 3.02 -5.05
CA SER A 19 -12.11 1.91 -4.71
C SER A 19 -11.46 0.98 -3.68
N GLN A 20 -12.28 0.07 -3.12
CA GLN A 20 -11.95 -0.78 -1.98
C GLN A 20 -12.96 -1.93 -1.84
N GLU A 21 -12.46 -3.10 -1.40
CA GLU A 21 -13.27 -4.29 -1.08
C GLU A 21 -12.72 -4.96 0.19
N ASN A 22 -13.62 -5.56 0.99
CA ASN A 22 -13.36 -6.16 2.31
C ASN A 22 -12.70 -5.17 3.30
N PHE A 23 -12.95 -3.86 3.12
CA PHE A 23 -12.44 -2.82 4.02
C PHE A 23 -13.01 -2.97 5.43
N GLU A 24 -14.35 -2.90 5.58
CA GLU A 24 -15.01 -3.09 6.87
C GLU A 24 -14.75 -4.47 7.48
N ALA A 25 -14.79 -5.54 6.65
CA ALA A 25 -14.48 -6.92 7.07
C ALA A 25 -13.10 -7.06 7.73
N PHE A 26 -12.07 -6.50 7.08
CA PHE A 26 -10.68 -6.46 7.58
C PHE A 26 -10.53 -5.57 8.84
N MET A 27 -11.10 -4.36 8.80
CA MET A 27 -10.98 -3.35 9.85
C MET A 27 -11.70 -3.74 11.15
N LYS A 28 -12.90 -4.35 11.06
CA LYS A 28 -13.60 -4.97 12.19
C LYS A 28 -12.86 -6.21 12.74
N ALA A 29 -12.18 -6.98 11.87
CA ALA A 29 -11.46 -8.21 12.24
C ALA A 29 -10.16 -7.96 13.01
N ILE A 30 -9.42 -6.87 12.69
CA ILE A 30 -8.27 -6.41 13.47
C ILE A 30 -8.67 -5.65 14.77
N GLY A 31 -9.97 -5.34 14.91
CA GLY A 31 -10.56 -4.84 16.15
C GLY A 31 -10.55 -3.32 16.26
N LEU A 32 -10.55 -2.58 15.13
CA LEU A 32 -10.70 -1.12 15.14
C LEU A 32 -12.13 -0.70 15.57
N PRO A 33 -12.27 0.51 16.17
CA PRO A 33 -13.58 1.08 16.49
C PRO A 33 -14.33 1.50 15.22
N GLU A 34 -15.68 1.39 15.26
CA GLU A 34 -16.58 1.73 14.17
C GLU A 34 -16.43 3.16 13.62
N GLU A 35 -16.02 4.13 14.47
CA GLU A 35 -15.74 5.50 14.04
C GLU A 35 -14.57 5.63 13.05
N LEU A 36 -13.44 4.93 13.32
CA LEU A 36 -12.29 4.84 12.40
C LEU A 36 -12.61 4.10 11.09
N ILE A 37 -13.59 3.18 11.13
CA ILE A 37 -14.04 2.41 9.99
C ILE A 37 -14.97 3.25 9.09
N GLN A 38 -16.00 3.88 9.68
CA GLN A 38 -16.95 4.73 8.97
C GLN A 38 -16.32 5.97 8.31
N LYS A 39 -15.37 6.65 9.01
CA LYS A 39 -14.58 7.72 8.43
C LYS A 39 -13.54 7.23 7.40
N GLY A 40 -13.05 5.98 7.55
CA GLY A 40 -11.99 5.42 6.72
C GLY A 40 -12.48 5.02 5.32
N LYS A 41 -13.75 4.59 5.20
CA LYS A 41 -14.41 4.30 3.91
C LYS A 41 -15.14 5.52 3.33
N ASP A 42 -15.65 6.42 4.18
CA ASP A 42 -16.37 7.64 3.77
C ASP A 42 -15.39 8.68 3.18
N ILE A 43 -14.31 8.98 3.92
CA ILE A 43 -13.27 9.92 3.51
C ILE A 43 -12.21 9.15 2.69
N LYS A 44 -11.91 9.67 1.49
CA LYS A 44 -10.78 9.22 0.67
C LYS A 44 -9.49 9.90 1.11
N GLY A 45 -8.43 9.10 1.22
CA GLY A 45 -7.07 9.57 1.48
C GLY A 45 -6.31 9.68 0.14
N VAL A 46 -5.00 9.93 0.26
CA VAL A 46 -4.02 10.03 -0.82
C VAL A 46 -2.76 9.25 -0.42
N SER A 47 -1.91 8.90 -1.41
CA SER A 47 -0.68 8.15 -1.21
C SER A 47 0.39 8.63 -2.20
N GLU A 48 1.67 8.39 -1.87
CA GLU A 48 2.80 8.60 -2.77
C GLU A 48 3.76 7.43 -2.62
N ILE A 49 4.17 6.89 -3.76
CA ILE A 49 5.12 5.79 -3.87
C ILE A 49 6.39 6.39 -4.49
N VAL A 50 7.55 6.11 -3.88
CA VAL A 50 8.83 6.70 -4.26
C VAL A 50 9.89 5.58 -4.31
N GLN A 51 10.57 5.46 -5.46
CA GLN A 51 11.62 4.47 -5.70
C GLN A 51 12.97 5.21 -5.89
N ASN A 52 14.00 4.75 -5.18
CA ASN A 52 15.34 5.36 -5.13
C ASN A 52 16.42 4.28 -5.32
N GLY A 53 16.31 3.49 -6.39
CA GLY A 53 17.21 2.37 -6.67
C GLY A 53 16.88 1.23 -5.69
N LYS A 54 17.83 0.90 -4.80
CA LYS A 54 17.66 -0.05 -3.71
C LYS A 54 16.77 0.46 -2.56
N HIS A 55 16.89 1.77 -2.23
CA HIS A 55 15.99 2.43 -1.27
C HIS A 55 14.62 2.70 -1.88
N PHE A 56 13.63 2.89 -1.00
CA PHE A 56 12.24 3.03 -1.35
C PHE A 56 11.56 3.74 -0.17
N LYS A 57 10.72 4.73 -0.45
CA LYS A 57 9.86 5.37 0.54
C LYS A 57 8.39 5.23 0.14
N PHE A 58 7.53 5.28 1.17
CA PHE A 58 6.09 5.25 1.00
C PHE A 58 5.45 6.28 1.93
N THR A 59 4.65 7.16 1.32
CA THR A 59 3.93 8.24 1.96
C THR A 59 2.44 7.88 2.00
N ILE A 60 1.83 7.89 3.19
CA ILE A 60 0.42 7.56 3.39
C ILE A 60 -0.27 8.77 4.04
N THR A 61 -1.22 9.37 3.31
CA THR A 61 -1.95 10.57 3.74
C THR A 61 -3.43 10.23 3.97
N ALA A 62 -3.89 10.31 5.24
CA ALA A 62 -5.26 9.97 5.63
C ALA A 62 -5.71 10.87 6.78
N GLY A 63 -7.01 11.20 6.80
CA GLY A 63 -7.65 12.02 7.83
C GLY A 63 -7.22 13.47 7.67
N SER A 64 -6.11 13.84 8.37
CA SER A 64 -5.48 15.15 8.28
C SER A 64 -3.99 15.05 8.70
N LYS A 65 -3.30 13.99 8.25
CA LYS A 65 -1.89 13.72 8.56
C LYS A 65 -1.22 12.87 7.47
N VAL A 66 0.12 12.92 7.44
CA VAL A 66 0.97 12.26 6.45
C VAL A 66 2.05 11.43 7.19
N ILE A 67 2.22 10.16 6.78
CA ILE A 67 3.19 9.20 7.35
C ILE A 67 4.20 8.84 6.27
N GLN A 68 5.47 9.25 6.45
CA GLN A 68 6.57 8.94 5.53
C GLN A 68 7.45 7.88 6.21
N ASN A 69 7.58 6.71 5.55
CA ASN A 69 8.50 5.64 5.94
C ASN A 69 9.59 5.45 4.89
N GLU A 70 10.65 4.71 5.26
CA GLU A 70 11.73 4.32 4.36
C GLU A 70 12.17 2.89 4.68
N PHE A 71 12.47 2.14 3.61
CA PHE A 71 12.98 0.78 3.66
C PHE A 71 13.85 0.50 2.42
N THR A 72 14.81 -0.42 2.57
CA THR A 72 15.61 -0.93 1.45
C THR A 72 15.05 -2.30 1.05
N VAL A 73 14.85 -2.50 -0.26
CA VAL A 73 14.26 -3.72 -0.83
C VAL A 73 15.20 -4.93 -0.62
N GLY A 74 14.75 -5.88 0.23
CA GLY A 74 15.50 -7.09 0.60
C GLY A 74 16.09 -7.00 2.02
N GLU A 75 16.16 -5.80 2.63
CA GLU A 75 16.61 -5.60 4.03
C GLU A 75 15.41 -5.45 4.96
N GLU A 76 15.57 -5.96 6.19
CA GLU A 76 14.59 -5.84 7.28
C GLU A 76 14.48 -4.38 7.77
N CYS A 77 13.23 -3.89 7.82
CA CYS A 77 12.89 -2.49 8.15
C CYS A 77 11.52 -2.47 8.84
N GLU A 78 11.30 -1.44 9.68
CA GLU A 78 10.06 -1.26 10.43
C GLU A 78 9.08 -0.37 9.65
N LEU A 79 7.87 -0.90 9.40
CA LEU A 79 6.76 -0.21 8.74
C LEU A 79 5.71 0.18 9.80
N GLU A 80 5.18 1.41 9.66
CA GLU A 80 4.13 1.98 10.51
C GLU A 80 2.78 1.96 9.76
N THR A 81 1.71 1.62 10.48
CA THR A 81 0.32 1.65 10.02
C THR A 81 -0.31 3.05 10.26
N MET A 82 -1.44 3.34 9.59
CA MET A 82 -2.30 4.51 9.86
C MET A 82 -2.76 4.65 11.33
N THR A 83 -2.89 3.51 12.02
CA THR A 83 -3.27 3.37 13.43
C THR A 83 -2.06 3.49 14.40
N GLY A 84 -0.83 3.48 13.87
CA GLY A 84 0.41 3.63 14.65
C GLY A 84 1.05 2.29 15.02
N GLU A 85 0.52 1.14 14.57
CA GLU A 85 1.09 -0.20 14.77
C GLU A 85 2.44 -0.33 14.04
N LYS A 86 3.51 -0.64 14.79
CA LYS A 86 4.87 -0.75 14.24
C LYS A 86 5.30 -2.21 14.22
N VAL A 87 5.79 -2.67 13.05
CA VAL A 87 6.13 -4.06 12.78
C VAL A 87 7.30 -4.16 11.78
N LYS A 88 8.28 -5.00 12.14
CA LYS A 88 9.44 -5.35 11.31
C LYS A 88 9.03 -6.34 10.20
N THR A 89 9.35 -5.96 8.95
CA THR A 89 8.94 -6.63 7.74
C THR A 89 10.00 -6.41 6.63
N VAL A 90 9.95 -7.21 5.56
CA VAL A 90 10.89 -7.12 4.44
C VAL A 90 10.07 -7.07 3.13
N VAL A 91 10.39 -6.11 2.25
CA VAL A 91 9.72 -5.93 0.97
C VAL A 91 10.62 -6.48 -0.16
N GLN A 92 10.04 -7.33 -1.01
CA GLN A 92 10.64 -7.93 -2.21
C GLN A 92 9.91 -7.44 -3.47
N LEU A 93 10.46 -7.77 -4.65
CA LEU A 93 9.88 -7.50 -5.96
C LEU A 93 9.95 -8.80 -6.77
N GLU A 94 8.80 -9.26 -7.29
CA GLU A 94 8.65 -10.54 -8.00
C GLU A 94 9.04 -10.49 -9.49
N GLY A 95 9.72 -9.42 -9.93
CA GLY A 95 10.17 -9.20 -11.31
C GLY A 95 9.03 -8.81 -12.26
N ASP A 96 7.85 -8.43 -11.73
CA ASP A 96 6.63 -8.26 -12.52
C ASP A 96 5.79 -7.10 -11.94
N ASN A 97 6.42 -5.92 -11.76
CA ASN A 97 5.80 -4.65 -11.31
C ASN A 97 4.94 -4.76 -10.02
N LYS A 98 5.33 -5.68 -9.13
CA LYS A 98 4.54 -6.11 -7.99
C LYS A 98 5.46 -6.30 -6.78
N LEU A 99 5.19 -5.56 -5.69
CA LEU A 99 5.95 -5.64 -4.43
C LEU A 99 5.29 -6.66 -3.50
N VAL A 100 6.04 -7.72 -3.16
CA VAL A 100 5.60 -8.80 -2.27
C VAL A 100 6.22 -8.58 -0.87
N THR A 101 5.36 -8.57 0.15
CA THR A 101 5.74 -8.29 1.53
C THR A 101 4.96 -9.21 2.48
N THR A 102 5.55 -9.56 3.64
CA THR A 102 4.89 -10.36 4.68
C THR A 102 5.39 -9.92 6.06
N PHE A 103 4.43 -9.85 7.00
CA PHE A 103 4.61 -9.40 8.37
C PHE A 103 4.78 -10.63 9.28
N LYS A 104 3.64 -11.25 9.62
CA LYS A 104 3.56 -12.45 10.46
C LYS A 104 2.57 -13.46 9.86
N ASN A 105 1.41 -12.95 9.42
CA ASN A 105 0.30 -13.74 8.87
C ASN A 105 -0.53 -12.95 7.84
N ILE A 106 -0.06 -11.75 7.45
CA ILE A 106 -0.71 -10.88 6.47
C ILE A 106 0.15 -10.88 5.19
N LYS A 107 -0.44 -11.40 4.10
CA LYS A 107 0.23 -11.66 2.83
C LYS A 107 -0.04 -10.49 1.86
N SER A 108 0.82 -9.46 1.94
CA SER A 108 0.78 -8.27 1.08
C SER A 108 1.29 -8.56 -0.34
N VAL A 109 0.47 -8.19 -1.33
CA VAL A 109 0.76 -8.32 -2.76
C VAL A 109 0.27 -7.02 -3.44
N THR A 110 1.20 -6.08 -3.63
CA THR A 110 1.00 -4.84 -4.39
C THR A 110 1.17 -5.09 -5.90
N GLU A 111 0.55 -4.24 -6.73
CA GLU A 111 0.65 -4.24 -8.18
C GLU A 111 0.60 -2.80 -8.71
N LEU A 112 1.42 -2.55 -9.75
CA LEU A 112 1.47 -1.33 -10.54
C LEU A 112 1.15 -1.71 -11.99
N ASN A 113 0.13 -1.08 -12.58
CA ASN A 113 -0.24 -1.16 -13.99
C ASN A 113 -0.42 0.28 -14.48
N GLY A 114 0.72 0.93 -14.80
CA GLY A 114 0.78 2.30 -15.33
C GLY A 114 0.26 3.30 -14.30
N ASP A 115 -0.84 3.99 -14.65
CA ASP A 115 -1.53 4.96 -13.80
C ASP A 115 -2.47 4.33 -12.75
N ILE A 116 -2.61 2.98 -12.70
CA ILE A 116 -3.49 2.29 -11.76
C ILE A 116 -2.64 1.43 -10.81
N ILE A 117 -2.93 1.54 -9.51
CA ILE A 117 -2.38 0.71 -8.44
C ILE A 117 -3.49 -0.22 -7.93
N THR A 118 -3.13 -1.49 -7.69
CA THR A 118 -4.02 -2.50 -7.13
C THR A 118 -3.25 -3.23 -6.02
N ASN A 119 -3.66 -3.02 -4.77
CA ASN A 119 -3.09 -3.73 -3.61
C ASN A 119 -4.09 -4.78 -3.13
N THR A 120 -3.57 -5.98 -2.84
CA THR A 120 -4.32 -7.11 -2.30
C THR A 120 -3.53 -7.67 -1.10
N MET A 121 -4.14 -7.61 0.10
CA MET A 121 -3.63 -8.21 1.33
C MET A 121 -4.51 -9.39 1.73
N THR A 122 -3.92 -10.39 2.40
CA THR A 122 -4.63 -11.58 2.89
C THR A 122 -4.21 -11.84 4.35
N LEU A 123 -5.06 -11.40 5.29
CA LEU A 123 -4.92 -11.65 6.72
C LEU A 123 -5.90 -12.76 7.13
N GLY A 124 -5.33 -13.94 7.46
CA GLY A 124 -6.08 -15.11 7.93
C GLY A 124 -7.08 -15.58 6.86
N ASP A 125 -8.38 -15.47 7.20
CA ASP A 125 -9.53 -15.89 6.39
C ASP A 125 -10.15 -14.74 5.56
N ILE A 126 -9.62 -13.51 5.65
CA ILE A 126 -10.15 -12.32 4.97
C ILE A 126 -9.10 -11.76 3.98
N VAL A 127 -9.58 -11.25 2.84
CA VAL A 127 -8.72 -10.71 1.77
C VAL A 127 -9.16 -9.27 1.43
N PHE A 128 -8.48 -8.29 2.05
CA PHE A 128 -8.61 -6.85 1.79
C PHE A 128 -8.03 -6.42 0.43
N LYS A 129 -8.75 -5.55 -0.29
CA LYS A 129 -8.27 -4.89 -1.51
C LYS A 129 -8.37 -3.37 -1.40
N ARG A 130 -7.47 -2.70 -2.12
CA ARG A 130 -7.41 -1.26 -2.34
C ARG A 130 -7.06 -1.00 -3.80
N ILE A 131 -7.76 -0.05 -4.42
CA ILE A 131 -7.51 0.44 -5.77
C ILE A 131 -7.29 1.96 -5.68
N SER A 132 -6.24 2.44 -6.36
CA SER A 132 -5.88 3.86 -6.44
C SER A 132 -5.46 4.20 -7.88
N LYS A 133 -5.57 5.49 -8.25
CA LYS A 133 -5.22 6.00 -9.59
C LYS A 133 -4.39 7.28 -9.49
N ARG A 134 -3.45 7.43 -10.43
CA ARG A 134 -2.39 8.46 -10.46
C ARG A 134 -2.92 9.89 -10.58
N ILE A 135 -2.25 10.83 -9.89
CA ILE A 135 -2.68 12.23 -9.72
C ILE A 135 -1.83 13.02 -10.71
N HIS A 1 -2.76 12.05 -27.24
CA HIS A 1 -2.60 11.48 -25.87
C HIS A 1 -1.17 10.87 -25.79
N HIS A 2 -0.13 11.66 -26.14
CA HIS A 2 1.31 11.31 -26.05
C HIS A 2 1.71 10.04 -26.83
N HIS A 3 0.97 9.73 -27.92
CA HIS A 3 1.11 8.53 -28.72
C HIS A 3 2.49 8.44 -29.39
N HIS A 4 3.08 7.23 -29.35
CA HIS A 4 4.42 6.88 -29.83
C HIS A 4 5.52 7.62 -29.05
N HIS A 5 5.75 7.17 -27.81
CA HIS A 5 6.78 7.66 -26.91
C HIS A 5 7.10 6.59 -25.85
N HIS A 6 8.38 6.56 -25.43
CA HIS A 6 8.86 5.72 -24.33
C HIS A 6 8.32 6.21 -22.98
N VAL A 7 7.67 5.29 -22.24
CA VAL A 7 7.07 5.55 -20.94
C VAL A 7 7.72 4.72 -19.82
N ALA A 8 8.16 3.49 -20.13
CA ALA A 8 8.78 2.52 -19.22
C ALA A 8 7.87 2.14 -18.03
N MET A 9 8.48 1.74 -16.90
CA MET A 9 7.80 1.52 -15.62
C MET A 9 8.63 2.12 -14.49
N SER A 10 7.92 2.69 -13.50
CA SER A 10 8.50 3.32 -12.33
C SER A 10 7.43 3.43 -11.24
N PHE A 11 7.78 2.98 -10.03
CA PHE A 11 6.98 3.12 -8.81
C PHE A 11 6.68 4.56 -8.40
N SER A 12 7.64 5.48 -8.65
CA SER A 12 7.59 6.89 -8.26
C SER A 12 6.37 7.65 -8.84
N GLY A 13 5.56 8.25 -7.97
CA GLY A 13 4.36 9.02 -8.33
C GLY A 13 3.36 9.03 -7.16
N LYS A 14 2.38 9.94 -7.25
CA LYS A 14 1.24 10.09 -6.32
C LYS A 14 -0.02 9.43 -6.89
N TYR A 15 -0.86 8.90 -5.99
CA TYR A 15 -2.11 8.19 -6.32
C TYR A 15 -3.18 8.53 -5.28
N GLN A 16 -4.46 8.41 -5.64
CA GLN A 16 -5.59 8.68 -4.75
C GLN A 16 -6.52 7.46 -4.76
N LEU A 17 -7.13 7.14 -3.60
CA LEU A 17 -8.09 6.04 -3.43
C LEU A 17 -9.29 6.19 -4.39
N GLN A 18 -9.66 5.06 -5.02
CA GLN A 18 -10.75 4.97 -5.99
C GLN A 18 -11.85 4.06 -5.43
N SER A 19 -11.46 2.84 -5.00
CA SER A 19 -12.38 1.79 -4.57
C SER A 19 -11.64 0.77 -3.69
N GLN A 20 -12.43 -0.03 -2.94
CA GLN A 20 -11.96 -1.10 -2.06
C GLN A 20 -13.04 -2.16 -1.84
N GLU A 21 -12.62 -3.36 -1.41
CA GLU A 21 -13.49 -4.49 -1.08
C GLU A 21 -12.97 -5.15 0.19
N ASN A 22 -13.88 -5.61 1.07
CA ASN A 22 -13.61 -6.18 2.41
C ASN A 22 -12.82 -5.21 3.33
N PHE A 23 -12.98 -3.88 3.12
CA PHE A 23 -12.38 -2.85 3.96
C PHE A 23 -12.89 -2.91 5.41
N GLU A 24 -14.22 -2.79 5.58
CA GLU A 24 -14.96 -2.95 6.84
C GLU A 24 -14.63 -4.27 7.55
N ALA A 25 -14.71 -5.39 6.81
CA ALA A 25 -14.41 -6.74 7.29
C ALA A 25 -12.98 -6.92 7.83
N PHE A 26 -11.98 -6.43 7.07
CA PHE A 26 -10.56 -6.48 7.43
C PHE A 26 -10.19 -5.58 8.60
N MET A 27 -10.67 -4.33 8.58
CA MET A 27 -10.40 -3.31 9.60
C MET A 27 -11.01 -3.67 10.97
N LYS A 28 -12.22 -4.25 10.97
CA LYS A 28 -12.86 -4.80 12.17
C LYS A 28 -12.18 -6.10 12.66
N ALA A 29 -11.55 -6.87 11.75
CA ALA A 29 -10.79 -8.08 12.08
C ALA A 29 -9.42 -7.81 12.71
N ILE A 30 -8.70 -6.76 12.27
CA ILE A 30 -7.47 -6.28 12.91
C ILE A 30 -7.73 -5.43 14.18
N GLY A 31 -9.00 -5.09 14.44
CA GLY A 31 -9.44 -4.48 15.70
C GLY A 31 -9.24 -2.96 15.72
N LEU A 32 -9.34 -2.28 14.55
CA LEU A 32 -9.32 -0.82 14.48
C LEU A 32 -10.56 -0.19 15.16
N PRO A 33 -10.41 1.07 15.65
CA PRO A 33 -11.56 1.86 16.13
C PRO A 33 -12.52 2.20 14.98
N GLU A 34 -13.84 2.18 15.28
CA GLU A 34 -14.89 2.44 14.30
C GLU A 34 -14.82 3.82 13.64
N GLU A 35 -14.19 4.82 14.30
CA GLU A 35 -13.90 6.13 13.70
C GLU A 35 -12.94 6.05 12.49
N LEU A 36 -11.81 5.31 12.62
CA LEU A 36 -10.87 5.05 11.51
C LEU A 36 -11.48 4.25 10.35
N ILE A 37 -12.49 3.41 10.65
CA ILE A 37 -13.22 2.62 9.67
C ILE A 37 -14.24 3.49 8.89
N GLN A 38 -15.10 4.21 9.62
CA GLN A 38 -16.12 5.08 9.01
C GLN A 38 -15.53 6.21 8.17
N LYS A 39 -14.45 6.87 8.64
CA LYS A 39 -13.70 7.86 7.86
C LYS A 39 -12.86 7.23 6.73
N GLY A 40 -12.45 5.95 6.87
CA GLY A 40 -11.57 5.29 5.91
C GLY A 40 -12.32 4.87 4.64
N LYS A 41 -13.61 4.52 4.77
CA LYS A 41 -14.50 4.21 3.64
C LYS A 41 -15.27 5.44 3.12
N ASP A 42 -15.58 6.41 4.01
CA ASP A 42 -16.27 7.66 3.68
C ASP A 42 -15.34 8.61 2.91
N ILE A 43 -14.16 8.89 3.49
CA ILE A 43 -13.16 9.79 2.94
C ILE A 43 -12.15 8.97 2.14
N LYS A 44 -11.96 9.34 0.87
CA LYS A 44 -10.91 8.83 -0.02
C LYS A 44 -9.55 9.40 0.39
N GLY A 45 -8.73 8.57 1.05
CA GLY A 45 -7.38 8.91 1.46
C GLY A 45 -6.42 8.91 0.26
N VAL A 46 -5.30 9.63 0.41
CA VAL A 46 -4.29 9.79 -0.62
C VAL A 46 -3.11 8.84 -0.32
N SER A 47 -2.42 8.43 -1.39
CA SER A 47 -1.30 7.52 -1.39
C SER A 47 -0.14 8.14 -2.20
N GLU A 48 1.08 7.71 -1.90
CA GLU A 48 2.27 8.21 -2.57
C GLU A 48 3.40 7.20 -2.43
N ILE A 49 4.18 7.10 -3.52
CA ILE A 49 5.23 6.12 -3.69
C ILE A 49 6.44 6.90 -4.25
N VAL A 50 7.62 6.66 -3.67
CA VAL A 50 8.85 7.37 -4.01
C VAL A 50 10.00 6.37 -4.03
N GLN A 51 10.37 5.90 -5.24
CA GLN A 51 11.48 4.98 -5.48
C GLN A 51 12.80 5.76 -5.54
N ASN A 52 13.83 5.26 -4.83
CA ASN A 52 15.14 5.91 -4.67
C ASN A 52 16.26 4.89 -4.89
N GLY A 53 16.25 4.21 -6.06
CA GLY A 53 17.24 3.18 -6.40
C GLY A 53 16.96 1.92 -5.58
N LYS A 54 17.86 1.58 -4.64
CA LYS A 54 17.68 0.50 -3.67
C LYS A 54 16.75 0.86 -2.51
N HIS A 55 16.75 2.14 -2.08
CA HIS A 55 15.80 2.66 -1.09
C HIS A 55 14.41 2.89 -1.70
N PHE A 56 13.40 2.85 -0.84
CA PHE A 56 12.00 2.99 -1.20
C PHE A 56 11.33 3.74 -0.04
N LYS A 57 10.50 4.72 -0.38
CA LYS A 57 9.64 5.45 0.54
C LYS A 57 8.18 5.35 0.08
N PHE A 58 7.26 5.44 1.05
CA PHE A 58 5.82 5.43 0.84
C PHE A 58 5.20 6.41 1.84
N THR A 59 4.26 7.24 1.37
CA THR A 59 3.55 8.24 2.15
C THR A 59 2.03 8.01 2.09
N ILE A 60 1.44 7.51 3.18
CA ILE A 60 0.00 7.26 3.32
C ILE A 60 -0.64 8.48 3.99
N THR A 61 -1.80 8.93 3.49
CA THR A 61 -2.62 9.97 4.10
C THR A 61 -4.03 9.41 4.34
N ALA A 62 -4.51 9.50 5.59
CA ALA A 62 -5.85 9.08 5.99
C ALA A 62 -6.66 10.32 6.40
N GLY A 63 -7.00 11.14 5.39
CA GLY A 63 -7.85 12.34 5.50
C GLY A 63 -7.11 13.57 6.07
N SER A 64 -6.21 13.40 7.05
CA SER A 64 -5.50 14.49 7.72
C SER A 64 -4.18 14.02 8.35
N LYS A 65 -4.19 12.87 9.05
CA LYS A 65 -2.99 12.20 9.55
C LYS A 65 -2.20 11.56 8.40
N VAL A 66 -0.86 11.68 8.47
CA VAL A 66 0.06 11.19 7.45
C VAL A 66 1.13 10.30 8.10
N ILE A 67 1.44 9.17 7.44
CA ILE A 67 2.44 8.20 7.89
C ILE A 67 3.44 7.96 6.76
N GLN A 68 4.72 8.17 7.09
CA GLN A 68 5.85 8.00 6.19
C GLN A 68 6.64 6.77 6.66
N ASN A 69 6.81 5.82 5.74
CA ASN A 69 7.60 4.60 5.94
C ASN A 69 8.71 4.55 4.88
N GLU A 70 9.87 4.02 5.30
CA GLU A 70 11.03 3.80 4.47
C GLU A 70 11.61 2.41 4.72
N PHE A 71 12.10 1.78 3.64
CA PHE A 71 12.79 0.50 3.67
C PHE A 71 13.77 0.40 2.50
N THR A 72 14.71 -0.56 2.61
CA THR A 72 15.62 -0.94 1.54
C THR A 72 15.22 -2.32 1.02
N VAL A 73 15.08 -2.45 -0.31
CA VAL A 73 14.70 -3.70 -0.99
C VAL A 73 15.81 -4.76 -0.83
N GLY A 74 15.48 -5.86 -0.15
CA GLY A 74 16.40 -6.97 0.15
C GLY A 74 16.81 -7.00 1.63
N GLU A 75 16.46 -5.98 2.43
CA GLU A 75 16.70 -5.93 3.87
C GLU A 75 15.38 -5.78 4.64
N GLU A 76 15.43 -6.26 5.89
CA GLU A 76 14.36 -6.15 6.89
C GLU A 76 14.34 -4.74 7.49
N CYS A 77 13.12 -4.17 7.54
CA CYS A 77 12.84 -2.82 8.04
C CYS A 77 11.49 -2.85 8.77
N GLU A 78 11.29 -1.89 9.68
CA GLU A 78 10.09 -1.80 10.51
C GLU A 78 9.08 -0.83 9.87
N LEU A 79 7.87 -1.33 9.64
CA LEU A 79 6.76 -0.66 8.93
C LEU A 79 5.66 -0.32 9.95
N GLU A 80 5.13 0.92 9.85
CA GLU A 80 4.11 1.48 10.74
C GLU A 80 2.70 1.42 10.10
N THR A 81 1.68 1.19 10.94
CA THR A 81 0.26 1.10 10.58
C THR A 81 -0.53 2.38 10.98
N MET A 82 -1.81 2.45 10.58
CA MET A 82 -2.76 3.54 10.90
C MET A 82 -2.93 3.84 12.41
N THR A 83 -2.86 2.79 13.25
CA THR A 83 -2.92 2.88 14.72
C THR A 83 -1.52 2.99 15.37
N GLY A 84 -0.43 2.90 14.57
CA GLY A 84 0.94 3.12 15.02
C GLY A 84 1.66 1.83 15.44
N GLU A 85 1.10 0.64 15.10
CA GLU A 85 1.74 -0.67 15.31
C GLU A 85 2.99 -0.79 14.43
N LYS A 86 4.13 -1.19 15.03
CA LYS A 86 5.41 -1.23 14.35
C LYS A 86 5.87 -2.70 14.24
N VAL A 87 6.05 -3.17 13.00
CA VAL A 87 6.28 -4.57 12.66
C VAL A 87 7.38 -4.72 11.60
N LYS A 88 8.36 -5.58 11.88
CA LYS A 88 9.48 -5.90 10.99
C LYS A 88 9.05 -6.84 9.85
N THR A 89 9.51 -6.51 8.64
CA THR A 89 9.22 -7.23 7.40
C THR A 89 10.25 -6.86 6.32
N VAL A 90 10.48 -7.80 5.38
CA VAL A 90 11.26 -7.59 4.17
C VAL A 90 10.27 -7.45 2.99
N VAL A 91 10.53 -6.47 2.11
CA VAL A 91 9.77 -6.25 0.88
C VAL A 91 10.65 -6.70 -0.31
N GLN A 92 10.07 -7.50 -1.21
CA GLN A 92 10.74 -8.06 -2.39
C GLN A 92 9.94 -7.88 -3.68
N LEU A 93 10.67 -7.72 -4.79
CA LEU A 93 10.15 -7.42 -6.13
C LEU A 93 10.32 -8.66 -7.02
N GLU A 94 9.21 -9.08 -7.67
CA GLU A 94 9.13 -10.28 -8.51
C GLU A 94 9.47 -10.04 -10.00
N GLY A 95 10.03 -8.87 -10.32
CA GLY A 95 10.42 -8.45 -11.68
C GLY A 95 9.25 -7.93 -12.52
N ASP A 96 8.02 -7.94 -11.98
CA ASP A 96 6.76 -7.70 -12.69
C ASP A 96 5.99 -6.51 -12.10
N ASN A 97 6.70 -5.44 -11.68
CA ASN A 97 6.16 -4.19 -11.11
C ASN A 97 5.19 -4.40 -9.93
N LYS A 98 5.56 -5.35 -9.04
CA LYS A 98 4.78 -5.81 -7.91
C LYS A 98 5.73 -6.00 -6.71
N LEU A 99 5.27 -5.66 -5.50
CA LEU A 99 6.02 -5.80 -4.26
C LEU A 99 5.26 -6.70 -3.27
N VAL A 100 5.89 -7.82 -2.89
CA VAL A 100 5.37 -8.80 -1.94
C VAL A 100 6.06 -8.59 -0.58
N THR A 101 5.27 -8.59 0.50
CA THR A 101 5.73 -8.31 1.85
C THR A 101 4.82 -9.01 2.89
N THR A 102 5.44 -9.64 3.90
CA THR A 102 4.78 -10.48 4.90
C THR A 102 5.34 -10.19 6.30
N PHE A 103 4.43 -9.89 7.23
CA PHE A 103 4.75 -9.48 8.60
C PHE A 103 4.77 -10.71 9.53
N LYS A 104 3.62 -11.39 9.64
CA LYS A 104 3.39 -12.52 10.54
C LYS A 104 2.49 -13.53 9.82
N ASN A 105 1.21 -13.17 9.62
CA ASN A 105 0.19 -13.95 8.93
C ASN A 105 -0.43 -13.16 7.76
N ILE A 106 -0.30 -11.82 7.78
CA ILE A 106 -0.83 -10.93 6.76
C ILE A 106 0.11 -10.93 5.54
N LYS A 107 -0.44 -11.30 4.38
CA LYS A 107 0.29 -11.46 3.11
C LYS A 107 -0.16 -10.37 2.14
N SER A 108 0.60 -9.27 2.14
CA SER A 108 0.34 -8.04 1.40
C SER A 108 1.10 -8.05 0.07
N VAL A 109 0.34 -8.14 -1.04
CA VAL A 109 0.84 -8.16 -2.41
C VAL A 109 0.38 -6.88 -3.11
N THR A 110 1.37 -6.06 -3.50
CA THR A 110 1.21 -4.81 -4.25
C THR A 110 1.37 -5.08 -5.75
N GLU A 111 0.72 -4.23 -6.57
CA GLU A 111 0.82 -4.23 -8.02
C GLU A 111 0.71 -2.78 -8.53
N LEU A 112 1.51 -2.47 -9.55
CA LEU A 112 1.51 -1.22 -10.29
C LEU A 112 1.27 -1.58 -11.78
N ASN A 113 0.26 -0.94 -12.39
CA ASN A 113 -0.11 -1.05 -13.80
C ASN A 113 -0.32 0.39 -14.31
N GLY A 114 0.76 1.03 -14.76
CA GLY A 114 0.74 2.36 -15.36
C GLY A 114 0.32 3.42 -14.33
N ASP A 115 -0.85 4.03 -14.57
CA ASP A 115 -1.48 5.01 -13.68
C ASP A 115 -2.40 4.39 -12.62
N ILE A 116 -2.50 3.06 -12.53
CA ILE A 116 -3.36 2.36 -11.58
C ILE A 116 -2.48 1.55 -10.61
N ILE A 117 -2.76 1.68 -9.31
CA ILE A 117 -2.20 0.82 -8.26
C ILE A 117 -3.33 -0.11 -7.78
N THR A 118 -2.98 -1.39 -7.62
CA THR A 118 -3.83 -2.41 -7.02
C THR A 118 -3.06 -3.00 -5.83
N ASN A 119 -3.76 -3.23 -4.72
CA ASN A 119 -3.19 -3.87 -3.53
C ASN A 119 -4.18 -4.91 -3.03
N THR A 120 -3.65 -6.10 -2.69
CA THR A 120 -4.43 -7.21 -2.15
C THR A 120 -3.69 -7.77 -0.92
N MET A 121 -4.33 -7.65 0.24
CA MET A 121 -3.88 -8.18 1.52
C MET A 121 -4.74 -9.38 1.90
N THR A 122 -4.11 -10.41 2.49
CA THR A 122 -4.76 -11.63 2.93
C THR A 122 -4.32 -11.95 4.37
N LEU A 123 -5.25 -11.77 5.32
CA LEU A 123 -5.07 -12.06 6.75
C LEU A 123 -6.13 -13.07 7.16
N GLY A 124 -5.68 -14.30 7.50
CA GLY A 124 -6.53 -15.39 7.97
C GLY A 124 -7.55 -15.76 6.88
N ASP A 125 -8.85 -15.60 7.22
CA ASP A 125 -9.99 -15.88 6.34
C ASP A 125 -10.54 -14.62 5.64
N ILE A 126 -9.91 -13.44 5.81
CA ILE A 126 -10.35 -12.17 5.23
C ILE A 126 -9.34 -11.73 4.16
N VAL A 127 -9.86 -11.27 3.00
CA VAL A 127 -9.06 -10.83 1.86
C VAL A 127 -9.49 -9.40 1.45
N PHE A 128 -8.75 -8.40 1.96
CA PHE A 128 -8.90 -6.99 1.62
C PHE A 128 -8.29 -6.64 0.25
N LYS A 129 -9.07 -5.93 -0.59
CA LYS A 129 -8.58 -5.28 -1.81
C LYS A 129 -8.68 -3.76 -1.66
N ARG A 130 -7.79 -3.07 -2.40
CA ARG A 130 -7.75 -1.61 -2.49
C ARG A 130 -7.19 -1.22 -3.86
N ILE A 131 -7.80 -0.20 -4.48
CA ILE A 131 -7.43 0.32 -5.80
C ILE A 131 -7.28 1.84 -5.69
N SER A 132 -6.22 2.36 -6.33
CA SER A 132 -5.93 3.79 -6.46
C SER A 132 -5.58 4.14 -7.92
N LYS A 133 -5.68 5.43 -8.28
CA LYS A 133 -5.35 5.97 -9.60
C LYS A 133 -4.55 7.27 -9.46
N ARG A 134 -3.60 7.48 -10.39
CA ARG A 134 -2.60 8.55 -10.38
C ARG A 134 -3.20 9.96 -10.45
N ILE A 135 -2.63 10.88 -9.66
CA ILE A 135 -3.11 12.26 -9.48
C ILE A 135 -2.42 13.09 -10.56
N HIS A 1 -7.42 -0.72 -21.21
CA HIS A 1 -6.13 -1.23 -21.80
C HIS A 1 -5.75 -0.13 -22.84
N HIS A 2 -4.43 0.08 -22.98
CA HIS A 2 -3.83 0.94 -24.00
C HIS A 2 -2.47 0.35 -24.41
N HIS A 3 -2.21 0.36 -25.72
CA HIS A 3 -0.99 -0.12 -26.36
C HIS A 3 -0.40 0.98 -27.25
N HIS A 4 0.73 0.70 -27.91
CA HIS A 4 1.48 1.60 -28.80
C HIS A 4 2.04 2.82 -28.03
N HIS A 5 3.13 2.58 -27.30
CA HIS A 5 3.84 3.58 -26.49
C HIS A 5 5.36 3.37 -26.57
N HIS A 6 6.10 4.41 -26.17
CA HIS A 6 7.56 4.43 -26.15
C HIS A 6 8.05 5.03 -24.81
N VAL A 7 7.55 4.48 -23.69
CA VAL A 7 7.93 4.84 -22.33
C VAL A 7 7.92 3.57 -21.45
N ALA A 8 8.90 3.51 -20.54
CA ALA A 8 9.03 2.45 -19.51
C ALA A 8 8.17 2.79 -18.28
N MET A 9 7.81 1.75 -17.51
CA MET A 9 7.16 1.90 -16.20
C MET A 9 8.19 2.21 -15.09
N SER A 10 7.69 2.83 -14.01
CA SER A 10 8.43 3.13 -12.80
C SER A 10 7.43 3.40 -11.66
N PHE A 11 7.81 2.99 -10.44
CA PHE A 11 7.04 3.20 -9.21
C PHE A 11 6.82 4.67 -8.81
N SER A 12 7.73 5.58 -9.21
CA SER A 12 7.69 7.01 -8.92
C SER A 12 6.43 7.72 -9.43
N GLY A 13 5.67 8.33 -8.49
CA GLY A 13 4.45 9.08 -8.77
C GLY A 13 3.50 9.03 -7.56
N LYS A 14 2.56 9.98 -7.50
CA LYS A 14 1.46 10.01 -6.53
C LYS A 14 0.21 9.33 -7.05
N TYR A 15 -0.58 8.75 -6.12
CA TYR A 15 -1.84 8.05 -6.38
C TYR A 15 -2.85 8.39 -5.27
N GLN A 16 -4.15 8.34 -5.61
CA GLN A 16 -5.27 8.64 -4.71
C GLN A 16 -6.22 7.44 -4.69
N LEU A 17 -6.89 7.21 -3.54
CA LEU A 17 -7.85 6.12 -3.35
C LEU A 17 -9.08 6.28 -4.26
N GLN A 18 -9.43 5.20 -4.98
CA GLN A 18 -10.55 5.12 -5.92
C GLN A 18 -11.61 4.14 -5.42
N SER A 19 -11.19 2.91 -5.06
CA SER A 19 -12.09 1.80 -4.72
C SER A 19 -11.40 0.83 -3.74
N GLN A 20 -12.20 -0.13 -3.22
CA GLN A 20 -11.87 -0.96 -2.07
C GLN A 20 -12.85 -2.13 -1.92
N GLU A 21 -12.35 -3.25 -1.37
CA GLU A 21 -13.12 -4.48 -1.11
C GLU A 21 -12.63 -5.09 0.23
N ASN A 22 -13.57 -5.62 1.04
CA ASN A 22 -13.34 -6.20 2.39
C ASN A 22 -12.67 -5.23 3.39
N PHE A 23 -12.86 -3.91 3.19
CA PHE A 23 -12.41 -2.88 4.11
C PHE A 23 -13.07 -2.99 5.50
N GLU A 24 -14.41 -2.97 5.53
CA GLU A 24 -15.25 -3.20 6.71
C GLU A 24 -14.85 -4.48 7.47
N ALA A 25 -14.83 -5.62 6.76
CA ALA A 25 -14.46 -6.94 7.27
C ALA A 25 -13.08 -6.99 7.96
N PHE A 26 -12.05 -6.49 7.27
CA PHE A 26 -10.67 -6.45 7.75
C PHE A 26 -10.47 -5.51 8.94
N MET A 27 -11.03 -4.30 8.85
CA MET A 27 -10.92 -3.24 9.87
C MET A 27 -11.67 -3.60 11.17
N LYS A 28 -12.83 -4.28 11.07
CA LYS A 28 -13.49 -4.91 12.21
C LYS A 28 -12.67 -6.06 12.84
N ALA A 29 -11.93 -6.83 12.02
CA ALA A 29 -11.16 -7.99 12.46
C ALA A 29 -9.85 -7.65 13.18
N ILE A 30 -9.16 -6.57 12.76
CA ILE A 30 -7.99 -6.01 13.48
C ILE A 30 -8.40 -5.20 14.73
N GLY A 31 -9.70 -4.92 14.90
CA GLY A 31 -10.26 -4.34 16.12
C GLY A 31 -10.24 -2.81 16.13
N LEU A 32 -10.26 -2.15 14.95
CA LEU A 32 -10.39 -0.69 14.85
C LEU A 32 -11.77 -0.20 15.33
N PRO A 33 -11.83 1.01 15.93
CA PRO A 33 -13.11 1.64 16.29
C PRO A 33 -13.93 2.01 15.04
N GLU A 34 -15.26 1.91 15.16
CA GLU A 34 -16.21 2.17 14.09
C GLU A 34 -16.10 3.57 13.45
N GLU A 35 -15.64 4.58 14.21
CA GLU A 35 -15.36 5.93 13.71
C GLU A 35 -14.22 5.97 12.66
N LEU A 36 -13.09 5.28 12.92
CA LEU A 36 -11.98 5.13 11.95
C LEU A 36 -12.38 4.34 10.69
N ILE A 37 -13.37 3.44 10.83
CA ILE A 37 -13.89 2.64 9.73
C ILE A 37 -14.83 3.49 8.86
N GLN A 38 -15.86 4.12 9.46
CA GLN A 38 -16.84 4.96 8.77
C GLN A 38 -16.21 6.16 8.04
N LYS A 39 -15.22 6.83 8.66
CA LYS A 39 -14.46 7.91 8.03
C LYS A 39 -13.45 7.39 6.97
N GLY A 40 -12.94 6.16 7.14
CA GLY A 40 -11.91 5.57 6.27
C GLY A 40 -12.48 5.07 4.93
N LYS A 41 -13.79 4.80 4.85
CA LYS A 41 -14.50 4.46 3.61
C LYS A 41 -15.32 5.64 3.05
N ASP A 42 -15.72 6.60 3.90
CA ASP A 42 -16.37 7.85 3.51
C ASP A 42 -15.37 8.77 2.79
N ILE A 43 -14.21 9.01 3.43
CA ILE A 43 -13.16 9.90 2.94
C ILE A 43 -12.09 9.06 2.19
N LYS A 44 -11.64 9.59 1.05
CA LYS A 44 -10.58 9.01 0.24
C LYS A 44 -9.22 9.59 0.66
N GLY A 45 -8.28 8.69 0.96
CA GLY A 45 -6.90 9.04 1.29
C GLY A 45 -6.04 9.17 0.03
N VAL A 46 -4.78 9.57 0.24
CA VAL A 46 -3.76 9.73 -0.79
C VAL A 46 -2.54 8.88 -0.39
N SER A 47 -1.78 8.40 -1.39
CA SER A 47 -0.64 7.51 -1.18
C SER A 47 0.43 7.77 -2.27
N GLU A 48 1.53 8.44 -1.87
CA GLU A 48 2.71 8.69 -2.70
C GLU A 48 3.62 7.48 -2.73
N ILE A 49 4.23 7.23 -3.89
CA ILE A 49 5.23 6.18 -4.09
C ILE A 49 6.46 6.85 -4.71
N VAL A 50 7.66 6.56 -4.16
CA VAL A 50 8.93 6.98 -4.74
C VAL A 50 9.97 5.84 -4.63
N GLN A 51 10.79 5.74 -5.68
CA GLN A 51 11.88 4.79 -5.82
C GLN A 51 13.17 5.60 -6.02
N ASN A 52 14.19 5.30 -5.20
CA ASN A 52 15.49 5.98 -5.23
C ASN A 52 16.60 4.95 -5.05
N GLY A 53 16.89 4.23 -6.16
CA GLY A 53 17.85 3.14 -6.20
C GLY A 53 17.28 1.95 -5.43
N LYS A 54 18.02 1.51 -4.40
CA LYS A 54 17.63 0.44 -3.48
C LYS A 54 16.63 0.88 -2.38
N HIS A 55 16.64 2.17 -2.00
CA HIS A 55 15.69 2.74 -1.04
C HIS A 55 14.34 3.05 -1.69
N PHE A 56 13.30 3.06 -0.85
CA PHE A 56 11.91 3.23 -1.25
C PHE A 56 11.22 4.00 -0.12
N LYS A 57 10.42 5.03 -0.48
CA LYS A 57 9.63 5.83 0.46
C LYS A 57 8.15 5.78 0.06
N PHE A 58 7.29 6.09 1.05
CA PHE A 58 5.84 6.01 0.96
C PHE A 58 5.23 7.06 1.92
N THR A 59 4.40 7.97 1.39
CA THR A 59 3.73 9.02 2.18
C THR A 59 2.20 8.85 2.03
N ILE A 60 1.56 8.38 3.11
CA ILE A 60 0.14 8.03 3.14
C ILE A 60 -0.61 9.07 3.98
N THR A 61 -1.54 9.79 3.34
CA THR A 61 -2.45 10.74 3.97
C THR A 61 -3.82 10.05 4.17
N ALA A 62 -4.37 10.20 5.38
CA ALA A 62 -5.62 9.58 5.80
C ALA A 62 -6.48 10.60 6.55
N GLY A 63 -7.16 11.45 5.78
CA GLY A 63 -8.01 12.53 6.30
C GLY A 63 -7.15 13.76 6.60
N SER A 64 -6.46 13.74 7.75
CA SER A 64 -5.62 14.84 8.25
C SER A 64 -4.28 14.32 8.81
N LYS A 65 -4.26 13.10 9.37
CA LYS A 65 -3.02 12.40 9.76
C LYS A 65 -2.26 11.90 8.52
N VAL A 66 -0.93 12.04 8.55
CA VAL A 66 -0.04 11.56 7.49
C VAL A 66 1.08 10.74 8.15
N ILE A 67 1.15 9.45 7.81
CA ILE A 67 2.19 8.53 8.26
C ILE A 67 3.12 8.25 7.08
N GLN A 68 4.41 8.52 7.27
CA GLN A 68 5.47 8.25 6.30
C GLN A 68 6.31 7.07 6.81
N ASN A 69 6.50 6.07 5.93
CA ASN A 69 7.31 4.89 6.16
C ASN A 69 8.22 4.67 4.96
N GLU A 70 9.35 4.00 5.22
CA GLU A 70 10.41 3.81 4.25
C GLU A 70 11.23 2.55 4.60
N PHE A 71 11.75 1.92 3.54
CA PHE A 71 12.47 0.66 3.62
C PHE A 71 13.40 0.50 2.41
N THR A 72 14.46 -0.28 2.61
CA THR A 72 15.36 -0.73 1.55
C THR A 72 14.92 -2.13 1.10
N VAL A 73 14.77 -2.32 -0.21
CA VAL A 73 14.36 -3.59 -0.82
C VAL A 73 15.43 -4.68 -0.57
N GLY A 74 14.98 -5.81 0.01
CA GLY A 74 15.85 -6.90 0.42
C GLY A 74 16.10 -6.89 1.95
N GLU A 75 16.19 -5.70 2.57
CA GLU A 75 16.52 -5.56 3.99
C GLU A 75 15.27 -5.39 4.86
N GLU A 76 15.34 -6.00 6.05
CA GLU A 76 14.29 -5.99 7.08
C GLU A 76 14.11 -4.59 7.68
N CYS A 77 12.86 -4.11 7.65
CA CYS A 77 12.46 -2.77 8.09
C CYS A 77 11.11 -2.87 8.81
N GLU A 78 10.87 -1.93 9.72
CA GLU A 78 9.67 -1.85 10.55
C GLU A 78 8.69 -0.85 9.90
N LEU A 79 7.50 -1.32 9.54
CA LEU A 79 6.46 -0.54 8.86
C LEU A 79 5.28 -0.32 9.82
N GLU A 80 5.04 0.96 10.17
CA GLU A 80 3.93 1.37 11.03
C GLU A 80 2.59 1.35 10.26
N THR A 81 1.49 1.15 10.99
CA THR A 81 0.11 1.21 10.52
C THR A 81 -0.63 2.38 11.20
N MET A 82 -1.92 2.58 10.85
CA MET A 82 -2.80 3.61 11.38
C MET A 82 -2.98 3.64 12.91
N THR A 83 -2.84 2.47 13.56
CA THR A 83 -2.95 2.27 15.00
C THR A 83 -1.62 2.51 15.75
N GLY A 84 -0.50 2.58 15.02
CA GLY A 84 0.84 2.73 15.58
C GLY A 84 1.57 1.38 15.68
N GLU A 85 0.93 0.25 15.30
CA GLU A 85 1.53 -1.09 15.27
C GLU A 85 2.61 -1.18 14.18
N LYS A 86 3.86 -1.39 14.61
CA LYS A 86 5.04 -1.51 13.76
C LYS A 86 5.56 -2.95 13.83
N VAL A 87 5.90 -3.49 12.65
CA VAL A 87 6.22 -4.90 12.44
C VAL A 87 7.33 -5.05 11.39
N LYS A 88 8.39 -5.81 11.75
CA LYS A 88 9.50 -6.16 10.87
C LYS A 88 9.05 -7.10 9.75
N THR A 89 9.40 -6.73 8.51
CA THR A 89 9.22 -7.53 7.31
C THR A 89 10.19 -7.04 6.22
N VAL A 90 10.47 -7.93 5.25
CA VAL A 90 11.19 -7.63 4.01
C VAL A 90 10.18 -7.51 2.86
N VAL A 91 10.54 -6.70 1.86
CA VAL A 91 9.75 -6.49 0.64
C VAL A 91 10.68 -6.72 -0.56
N GLN A 92 10.24 -7.59 -1.49
CA GLN A 92 10.95 -7.97 -2.71
C GLN A 92 10.12 -7.57 -3.93
N LEU A 93 10.71 -7.71 -5.13
CA LEU A 93 10.09 -7.35 -6.41
C LEU A 93 10.24 -8.53 -7.38
N GLU A 94 9.12 -8.95 -8.00
CA GLU A 94 9.01 -10.14 -8.87
C GLU A 94 9.40 -9.90 -10.34
N GLY A 95 10.06 -8.77 -10.64
CA GLY A 95 10.49 -8.37 -11.99
C GLY A 95 9.32 -7.90 -12.88
N ASP A 96 8.14 -7.66 -12.30
CA ASP A 96 6.89 -7.39 -13.02
C ASP A 96 6.07 -6.36 -12.26
N ASN A 97 6.71 -5.23 -11.90
CA ASN A 97 6.11 -4.01 -11.31
C ASN A 97 5.16 -4.28 -10.11
N LYS A 98 5.56 -5.25 -9.27
CA LYS A 98 4.75 -5.81 -8.19
C LYS A 98 5.68 -6.11 -7.01
N LEU A 99 5.26 -5.71 -5.80
CA LEU A 99 6.01 -5.93 -4.56
C LEU A 99 5.37 -7.08 -3.76
N VAL A 100 6.19 -8.08 -3.44
CA VAL A 100 5.81 -9.27 -2.66
C VAL A 100 6.42 -9.16 -1.25
N THR A 101 5.62 -9.43 -0.23
CA THR A 101 5.93 -9.14 1.17
C THR A 101 4.97 -9.90 2.11
N THR A 102 5.51 -10.42 3.23
CA THR A 102 4.75 -11.24 4.16
C THR A 102 5.23 -11.02 5.60
N PHE A 103 4.29 -10.75 6.51
CA PHE A 103 4.50 -10.56 7.95
C PHE A 103 4.45 -11.93 8.68
N LYS A 104 4.11 -11.91 9.98
CA LYS A 104 3.94 -13.08 10.84
C LYS A 104 2.83 -14.05 10.38
N ASN A 105 1.75 -13.49 9.81
CA ASN A 105 0.56 -14.22 9.36
C ASN A 105 -0.29 -13.40 8.37
N ILE A 106 0.24 -12.28 7.86
CA ILE A 106 -0.42 -11.42 6.88
C ILE A 106 0.41 -11.46 5.59
N LYS A 107 -0.19 -11.96 4.50
CA LYS A 107 0.35 -11.89 3.14
C LYS A 107 -0.06 -10.54 2.53
N SER A 108 0.81 -9.98 1.67
CA SER A 108 0.55 -8.70 1.01
C SER A 108 1.25 -8.66 -0.35
N VAL A 109 0.47 -8.36 -1.40
CA VAL A 109 0.95 -8.28 -2.78
C VAL A 109 0.43 -6.96 -3.37
N THR A 110 1.36 -6.03 -3.61
CA THR A 110 1.11 -4.77 -4.31
C THR A 110 1.39 -4.94 -5.81
N GLU A 111 0.72 -4.15 -6.63
CA GLU A 111 0.78 -4.15 -8.08
C GLU A 111 0.66 -2.72 -8.62
N LEU A 112 1.48 -2.42 -9.63
CA LEU A 112 1.48 -1.21 -10.43
C LEU A 112 1.21 -1.63 -11.87
N ASN A 113 0.18 -1.03 -12.48
CA ASN A 113 -0.19 -1.15 -13.90
C ASN A 113 -0.37 0.26 -14.43
N GLY A 114 0.77 0.93 -14.73
CA GLY A 114 0.83 2.27 -15.31
C GLY A 114 0.32 3.32 -14.31
N ASP A 115 -0.85 3.92 -14.62
CA ASP A 115 -1.54 4.87 -13.75
C ASP A 115 -2.33 4.21 -12.61
N ILE A 116 -2.61 2.89 -12.68
CA ILE A 116 -3.45 2.19 -11.72
C ILE A 116 -2.58 1.38 -10.74
N ILE A 117 -2.88 1.51 -9.44
CA ILE A 117 -2.33 0.70 -8.37
C ILE A 117 -3.44 -0.23 -7.85
N THR A 118 -3.06 -1.48 -7.55
CA THR A 118 -3.89 -2.46 -6.88
C THR A 118 -3.06 -3.10 -5.76
N ASN A 119 -3.69 -3.38 -4.62
CA ASN A 119 -3.09 -4.08 -3.48
C ASN A 119 -4.07 -5.16 -3.02
N THR A 120 -3.51 -6.31 -2.64
CA THR A 120 -4.24 -7.47 -2.13
C THR A 120 -3.51 -8.00 -0.89
N MET A 121 -4.11 -7.74 0.28
CA MET A 121 -3.69 -8.24 1.59
C MET A 121 -4.56 -9.45 1.96
N THR A 122 -3.99 -10.41 2.69
CA THR A 122 -4.71 -11.56 3.24
C THR A 122 -4.22 -11.82 4.68
N LEU A 123 -5.09 -11.53 5.65
CA LEU A 123 -4.89 -11.76 7.08
C LEU A 123 -5.88 -12.82 7.54
N GLY A 124 -5.37 -14.03 7.85
CA GLY A 124 -6.14 -15.15 8.34
C GLY A 124 -7.16 -15.60 7.29
N ASP A 125 -8.46 -15.40 7.60
CA ASP A 125 -9.62 -15.81 6.82
C ASP A 125 -10.25 -14.65 6.00
N ILE A 126 -9.67 -13.44 6.03
CA ILE A 126 -10.18 -12.24 5.35
C ILE A 126 -9.12 -11.68 4.38
N VAL A 127 -9.59 -11.18 3.21
CA VAL A 127 -8.74 -10.68 2.13
C VAL A 127 -9.11 -9.21 1.79
N PHE A 128 -8.45 -8.25 2.46
CA PHE A 128 -8.58 -6.82 2.18
C PHE A 128 -7.88 -6.42 0.87
N LYS A 129 -8.60 -5.71 0.00
CA LYS A 129 -8.07 -5.16 -1.25
C LYS A 129 -8.30 -3.64 -1.31
N ARG A 130 -7.40 -2.97 -2.06
CA ARG A 130 -7.38 -1.54 -2.26
C ARG A 130 -7.02 -1.23 -3.72
N ILE A 131 -7.63 -0.18 -4.28
CA ILE A 131 -7.40 0.27 -5.65
C ILE A 131 -7.23 1.80 -5.64
N SER A 132 -6.13 2.28 -6.23
CA SER A 132 -5.81 3.70 -6.34
C SER A 132 -5.44 4.05 -7.80
N LYS A 133 -5.54 5.34 -8.17
CA LYS A 133 -5.19 5.85 -9.50
C LYS A 133 -4.38 7.14 -9.39
N ARG A 134 -3.46 7.31 -10.36
CA ARG A 134 -2.44 8.36 -10.42
C ARG A 134 -3.00 9.78 -10.51
N ILE A 135 -2.35 10.71 -9.78
CA ILE A 135 -2.77 12.12 -9.63
C ILE A 135 -1.99 12.89 -10.67
N HIS A 1 6.16 16.35 -34.56
CA HIS A 1 5.04 16.03 -33.61
C HIS A 1 4.45 14.66 -34.02
N HIS A 2 5.31 13.64 -34.20
CA HIS A 2 4.94 12.25 -34.47
C HIS A 2 5.95 11.30 -33.82
N HIS A 3 5.47 10.11 -33.42
CA HIS A 3 6.23 9.00 -32.82
C HIS A 3 6.87 9.37 -31.48
N HIS A 4 6.12 9.17 -30.38
CA HIS A 4 6.49 9.61 -29.03
C HIS A 4 5.84 8.74 -27.94
N HIS A 5 5.84 7.41 -28.14
CA HIS A 5 5.27 6.42 -27.22
C HIS A 5 6.24 5.26 -27.01
N HIS A 6 6.13 4.64 -25.81
CA HIS A 6 6.97 3.54 -25.33
C HIS A 6 6.32 2.90 -24.10
N VAL A 7 6.70 1.64 -23.83
CA VAL A 7 6.32 0.92 -22.62
C VAL A 7 7.48 0.94 -21.60
N ALA A 8 7.14 1.10 -20.33
CA ALA A 8 8.05 1.17 -19.19
C ALA A 8 7.24 1.14 -17.89
N MET A 9 7.83 0.54 -16.84
CA MET A 9 7.22 0.40 -15.52
C MET A 9 8.08 1.15 -14.49
N SER A 10 7.49 2.17 -13.88
CA SER A 10 8.13 3.06 -12.92
C SER A 10 7.15 3.38 -11.79
N PHE A 11 7.51 2.95 -10.57
CA PHE A 11 6.72 3.12 -9.34
C PHE A 11 6.44 4.58 -8.95
N SER A 12 7.39 5.48 -9.26
CA SER A 12 7.38 6.90 -8.91
C SER A 12 6.16 7.68 -9.45
N GLY A 13 5.55 8.48 -8.56
CA GLY A 13 4.38 9.31 -8.85
C GLY A 13 3.41 9.30 -7.65
N LYS A 14 2.45 10.24 -7.66
CA LYS A 14 1.34 10.31 -6.69
C LYS A 14 0.10 9.59 -7.20
N TYR A 15 -0.65 8.97 -6.27
CA TYR A 15 -1.89 8.24 -6.51
C TYR A 15 -2.92 8.61 -5.44
N GLN A 16 -4.21 8.61 -5.83
CA GLN A 16 -5.35 8.91 -4.95
C GLN A 16 -6.25 7.67 -4.84
N LEU A 17 -6.89 7.53 -3.68
CA LEU A 17 -7.72 6.36 -3.32
C LEU A 17 -9.04 6.35 -4.10
N GLN A 18 -9.28 5.26 -4.84
CA GLN A 18 -10.45 5.07 -5.69
C GLN A 18 -11.55 4.25 -4.99
N SER A 19 -11.21 3.04 -4.52
CA SER A 19 -12.15 2.09 -3.94
C SER A 19 -11.41 1.02 -3.11
N GLN A 20 -12.13 0.39 -2.19
CA GLN A 20 -11.66 -0.70 -1.33
C GLN A 20 -12.72 -1.80 -1.30
N GLU A 21 -12.27 -3.06 -1.20
CA GLU A 21 -13.10 -4.26 -1.00
C GLU A 21 -12.63 -4.97 0.27
N ASN A 22 -13.60 -5.44 1.08
CA ASN A 22 -13.41 -6.05 2.42
C ASN A 22 -12.65 -5.12 3.38
N PHE A 23 -12.85 -3.79 3.25
CA PHE A 23 -12.30 -2.77 4.14
C PHE A 23 -12.83 -2.96 5.57
N GLU A 24 -14.16 -2.87 5.73
CA GLU A 24 -14.82 -3.07 7.03
C GLU A 24 -14.61 -4.47 7.62
N ALA A 25 -14.63 -5.52 6.78
CA ALA A 25 -14.39 -6.90 7.17
C ALA A 25 -13.02 -7.10 7.82
N PHE A 26 -11.97 -6.58 7.19
CA PHE A 26 -10.58 -6.61 7.67
C PHE A 26 -10.37 -5.73 8.91
N MET A 27 -10.90 -4.50 8.90
CA MET A 27 -10.73 -3.51 9.95
C MET A 27 -11.47 -3.89 11.25
N LYS A 28 -12.67 -4.49 11.16
CA LYS A 28 -13.37 -5.10 12.29
C LYS A 28 -12.65 -6.35 12.84
N ALA A 29 -12.01 -7.15 11.96
CA ALA A 29 -11.32 -8.39 12.32
C ALA A 29 -10.00 -8.16 13.09
N ILE A 30 -9.26 -7.09 12.78
CA ILE A 30 -8.09 -6.66 13.55
C ILE A 30 -8.46 -5.89 14.86
N GLY A 31 -9.75 -5.54 15.02
CA GLY A 31 -10.31 -5.07 16.28
C GLY A 31 -10.33 -3.55 16.40
N LEU A 32 -10.31 -2.78 15.29
CA LEU A 32 -10.49 -1.32 15.31
C LEU A 32 -11.92 -0.92 15.71
N PRO A 33 -12.08 0.27 16.34
CA PRO A 33 -13.41 0.84 16.62
C PRO A 33 -14.14 1.29 15.34
N GLU A 34 -15.48 1.17 15.34
CA GLU A 34 -16.34 1.50 14.20
C GLU A 34 -16.22 2.93 13.67
N GLU A 35 -15.87 3.91 14.53
CA GLU A 35 -15.63 5.29 14.13
C GLU A 35 -14.44 5.46 13.16
N LEU A 36 -13.32 4.77 13.44
CA LEU A 36 -12.12 4.70 12.59
C LEU A 36 -12.37 3.97 11.26
N ILE A 37 -13.34 3.05 11.26
CA ILE A 37 -13.74 2.27 10.08
C ILE A 37 -14.66 3.09 9.16
N GLN A 38 -15.68 3.74 9.73
CA GLN A 38 -16.63 4.58 8.98
C GLN A 38 -15.98 5.82 8.36
N LYS A 39 -15.06 6.50 9.08
CA LYS A 39 -14.26 7.60 8.53
C LYS A 39 -13.17 7.11 7.55
N GLY A 40 -12.72 5.85 7.68
CA GLY A 40 -11.65 5.29 6.85
C GLY A 40 -12.12 4.96 5.44
N LYS A 41 -13.37 4.47 5.29
CA LYS A 41 -14.01 4.22 3.99
C LYS A 41 -14.73 5.45 3.42
N ASP A 42 -15.22 6.36 4.28
CA ASP A 42 -15.91 7.59 3.88
C ASP A 42 -14.92 8.61 3.31
N ILE A 43 -13.90 8.98 4.11
CA ILE A 43 -12.88 9.95 3.74
C ILE A 43 -11.81 9.26 2.88
N LYS A 44 -11.65 9.74 1.64
CA LYS A 44 -10.65 9.25 0.69
C LYS A 44 -9.29 9.91 0.95
N GLY A 45 -8.25 9.07 0.98
CA GLY A 45 -6.86 9.46 1.23
C GLY A 45 -6.09 9.62 -0.07
N VAL A 46 -4.81 9.98 0.08
CA VAL A 46 -3.82 10.12 -0.99
C VAL A 46 -2.56 9.32 -0.56
N SER A 47 -1.85 8.75 -1.54
CA SER A 47 -0.70 7.87 -1.30
C SER A 47 0.35 8.06 -2.40
N GLU A 48 1.47 8.71 -2.04
CA GLU A 48 2.62 8.93 -2.91
C GLU A 48 3.57 7.73 -2.89
N ILE A 49 4.23 7.50 -4.01
CA ILE A 49 5.25 6.47 -4.18
C ILE A 49 6.51 7.16 -4.75
N VAL A 50 7.68 6.85 -4.17
CA VAL A 50 8.96 7.41 -4.60
C VAL A 50 10.03 6.30 -4.53
N GLN A 51 10.32 5.67 -5.68
CA GLN A 51 11.46 4.77 -5.85
C GLN A 51 12.74 5.60 -6.09
N ASN A 52 13.85 5.16 -5.48
CA ASN A 52 15.16 5.79 -5.62
C ASN A 52 16.25 4.70 -5.57
N GLY A 53 16.32 3.92 -6.65
CA GLY A 53 17.26 2.80 -6.79
C GLY A 53 16.80 1.65 -5.90
N LYS A 54 17.73 1.15 -5.06
CA LYS A 54 17.49 0.13 -4.04
C LYS A 54 16.54 0.59 -2.91
N HIS A 55 16.61 1.88 -2.53
CA HIS A 55 15.71 2.50 -1.55
C HIS A 55 14.33 2.81 -2.17
N PHE A 56 13.33 2.91 -1.28
CA PHE A 56 11.94 3.04 -1.64
C PHE A 56 11.23 3.80 -0.50
N LYS A 57 10.54 4.89 -0.86
CA LYS A 57 9.76 5.77 0.00
C LYS A 57 8.26 5.64 -0.32
N PHE A 58 7.43 5.94 0.68
CA PHE A 58 5.98 5.98 0.59
C PHE A 58 5.46 7.02 1.60
N THR A 59 4.39 7.75 1.21
CA THR A 59 3.79 8.82 2.02
C THR A 59 2.27 8.67 1.97
N ILE A 60 1.70 8.04 3.02
CA ILE A 60 0.26 7.77 3.17
C ILE A 60 -0.40 8.92 3.95
N THR A 61 -1.29 9.64 3.27
CA THR A 61 -2.09 10.74 3.82
C THR A 61 -3.53 10.25 4.01
N ALA A 62 -4.02 10.24 5.27
CA ALA A 62 -5.36 9.78 5.62
C ALA A 62 -5.71 10.14 7.07
N GLY A 63 -7.02 10.24 7.35
CA GLY A 63 -7.57 10.47 8.68
C GLY A 63 -7.49 11.95 9.04
N SER A 64 -6.31 12.39 9.52
CA SER A 64 -6.01 13.77 9.91
C SER A 64 -4.50 14.09 9.88
N LYS A 65 -3.69 13.20 9.28
CA LYS A 65 -2.22 13.29 9.30
C LYS A 65 -1.59 12.58 8.10
N VAL A 66 -0.25 12.62 8.04
CA VAL A 66 0.55 11.97 7.01
C VAL A 66 1.66 11.15 7.68
N ILE A 67 1.74 9.85 7.33
CA ILE A 67 2.79 8.93 7.77
C ILE A 67 3.71 8.62 6.59
N GLN A 68 5.03 8.79 6.81
CA GLN A 68 6.07 8.48 5.86
C GLN A 68 6.92 7.32 6.40
N ASN A 69 7.18 6.32 5.54
CA ASN A 69 8.05 5.18 5.82
C ASN A 69 9.00 4.99 4.63
N GLU A 70 10.23 4.57 4.96
CA GLU A 70 11.28 4.24 4.00
C GLU A 70 11.92 2.90 4.37
N PHE A 71 12.30 2.15 3.33
CA PHE A 71 12.87 0.81 3.41
C PHE A 71 13.68 0.55 2.12
N THR A 72 14.71 -0.29 2.24
CA THR A 72 15.42 -0.86 1.10
C THR A 72 14.80 -2.23 0.76
N VAL A 73 14.68 -2.52 -0.54
CA VAL A 73 14.17 -3.79 -1.05
C VAL A 73 15.16 -4.93 -0.73
N GLY A 74 14.78 -5.78 0.23
CA GLY A 74 15.59 -6.90 0.72
C GLY A 74 16.12 -6.69 2.14
N GLU A 75 15.91 -5.51 2.78
CA GLU A 75 16.24 -5.27 4.19
C GLU A 75 14.96 -5.43 5.03
N GLU A 76 15.15 -5.91 6.28
CA GLU A 76 14.12 -5.99 7.30
C GLU A 76 14.00 -4.65 8.04
N CYS A 77 12.78 -4.09 8.08
CA CYS A 77 12.46 -2.80 8.69
C CYS A 77 11.05 -2.85 9.29
N GLU A 78 10.85 -2.05 10.34
CA GLU A 78 9.61 -1.94 11.09
C GLU A 78 8.72 -0.85 10.47
N LEU A 79 7.56 -1.26 9.95
CA LEU A 79 6.67 -0.43 9.13
C LEU A 79 5.42 -0.05 9.93
N GLU A 80 5.26 1.25 10.20
CA GLU A 80 4.13 1.81 10.95
C GLU A 80 2.86 1.92 10.06
N THR A 81 1.73 1.45 10.61
CA THR A 81 0.39 1.58 10.03
C THR A 81 -0.30 2.86 10.55
N MET A 82 -1.45 3.20 9.94
CA MET A 82 -2.32 4.34 10.28
C MET A 82 -2.82 4.35 11.73
N THR A 83 -2.95 3.16 12.33
CA THR A 83 -3.43 2.92 13.68
C THR A 83 -2.35 3.11 14.77
N GLY A 84 -1.06 3.17 14.36
CA GLY A 84 0.10 3.32 15.23
C GLY A 84 0.80 1.97 15.50
N GLU A 85 0.25 0.83 15.03
CA GLU A 85 0.87 -0.49 15.09
C GLU A 85 2.07 -0.57 14.15
N LYS A 86 3.20 -1.14 14.62
CA LYS A 86 4.42 -1.29 13.85
C LYS A 86 5.03 -2.67 14.10
N VAL A 87 5.47 -3.31 13.00
CA VAL A 87 5.91 -4.70 12.96
C VAL A 87 7.00 -4.87 11.89
N LYS A 88 8.03 -5.67 12.23
CA LYS A 88 9.15 -5.99 11.32
C LYS A 88 8.71 -6.96 10.21
N THR A 89 9.17 -6.64 8.99
CA THR A 89 8.88 -7.36 7.76
C THR A 89 9.88 -6.92 6.66
N VAL A 90 10.19 -7.85 5.75
CA VAL A 90 11.00 -7.62 4.57
C VAL A 90 10.06 -7.41 3.36
N VAL A 91 10.40 -6.43 2.50
CA VAL A 91 9.72 -6.20 1.23
C VAL A 91 10.67 -6.62 0.10
N GLN A 92 10.17 -7.51 -0.78
CA GLN A 92 10.87 -8.05 -1.94
C GLN A 92 10.10 -7.72 -3.23
N LEU A 93 10.84 -7.72 -4.36
CA LEU A 93 10.32 -7.35 -5.68
C LEU A 93 10.60 -8.52 -6.64
N GLU A 94 9.54 -9.00 -7.31
CA GLU A 94 9.56 -10.19 -8.17
C GLU A 94 10.03 -9.94 -9.62
N GLY A 95 10.63 -8.77 -9.89
CA GLY A 95 11.13 -8.35 -11.20
C GLY A 95 10.00 -7.93 -12.16
N ASP A 96 8.75 -7.82 -11.67
CA ASP A 96 7.56 -7.60 -12.48
C ASP A 96 6.62 -6.66 -11.72
N ASN A 97 7.09 -5.42 -11.46
CA ASN A 97 6.31 -4.24 -10.99
C ASN A 97 5.36 -4.50 -9.81
N LYS A 98 5.77 -5.38 -8.87
CA LYS A 98 4.97 -5.88 -7.76
C LYS A 98 5.89 -6.05 -6.54
N LEU A 99 5.38 -5.69 -5.34
CA LEU A 99 6.09 -5.85 -4.07
C LEU A 99 5.36 -6.89 -3.20
N VAL A 100 6.08 -7.94 -2.80
CA VAL A 100 5.61 -9.02 -1.93
C VAL A 100 6.22 -8.84 -0.54
N THR A 101 5.39 -8.99 0.50
CA THR A 101 5.71 -8.71 1.90
C THR A 101 4.67 -9.38 2.82
N THR A 102 5.12 -9.85 4.00
CA THR A 102 4.27 -10.55 4.97
C THR A 102 4.75 -10.26 6.40
N PHE A 103 3.81 -9.85 7.27
CA PHE A 103 4.04 -9.59 8.68
C PHE A 103 4.33 -10.89 9.46
N LYS A 104 3.27 -11.68 9.70
CA LYS A 104 3.28 -12.96 10.42
C LYS A 104 2.37 -13.98 9.71
N ASN A 105 1.20 -13.52 9.24
CA ASN A 105 0.15 -14.33 8.64
C ASN A 105 -0.75 -13.52 7.67
N ILE A 106 -0.23 -12.38 7.19
CA ILE A 106 -0.93 -11.46 6.30
C ILE A 106 -0.11 -11.34 5.01
N LYS A 107 -0.42 -12.20 4.01
CA LYS A 107 0.20 -12.17 2.68
C LYS A 107 -0.26 -10.95 1.88
N SER A 108 0.66 -10.00 1.67
CA SER A 108 0.39 -8.71 1.04
C SER A 108 1.19 -8.62 -0.26
N VAL A 109 0.47 -8.58 -1.39
CA VAL A 109 1.02 -8.44 -2.73
C VAL A 109 0.51 -7.13 -3.33
N THR A 110 1.42 -6.17 -3.49
CA THR A 110 1.21 -4.90 -4.18
C THR A 110 1.48 -5.09 -5.69
N GLU A 111 0.84 -4.25 -6.53
CA GLU A 111 0.96 -4.29 -7.98
C GLU A 111 0.81 -2.87 -8.53
N LEU A 112 1.64 -2.55 -9.53
CA LEU A 112 1.65 -1.31 -10.31
C LEU A 112 1.34 -1.68 -11.77
N ASN A 113 0.33 -1.02 -12.35
CA ASN A 113 -0.02 -1.07 -13.78
C ASN A 113 -0.08 0.38 -14.27
N GLY A 114 1.11 1.01 -14.36
CA GLY A 114 1.30 2.37 -14.87
C GLY A 114 0.63 3.38 -13.95
N ASP A 115 -0.46 4.00 -14.46
CA ASP A 115 -1.29 4.96 -13.74
C ASP A 115 -2.29 4.32 -12.73
N ILE A 116 -2.25 2.99 -12.54
CA ILE A 116 -3.14 2.27 -11.63
C ILE A 116 -2.29 1.49 -10.61
N ILE A 117 -2.75 1.46 -9.36
CA ILE A 117 -2.19 0.66 -8.27
C ILE A 117 -3.30 -0.27 -7.76
N THR A 118 -2.93 -1.53 -7.51
CA THR A 118 -3.79 -2.55 -6.93
C THR A 118 -2.99 -3.27 -5.83
N ASN A 119 -3.43 -3.16 -4.57
CA ASN A 119 -2.90 -3.92 -3.44
C ASN A 119 -3.93 -4.99 -3.06
N THR A 120 -3.44 -6.20 -2.74
CA THR A 120 -4.22 -7.31 -2.23
C THR A 120 -3.51 -7.88 -1.00
N MET A 121 -4.22 -7.87 0.14
CA MET A 121 -3.80 -8.48 1.41
C MET A 121 -4.72 -9.66 1.73
N THR A 122 -4.18 -10.67 2.44
CA THR A 122 -4.91 -11.88 2.84
C THR A 122 -4.51 -12.24 4.28
N LEU A 123 -5.36 -11.80 5.24
CA LEU A 123 -5.25 -12.11 6.67
C LEU A 123 -6.31 -13.15 7.03
N GLY A 124 -5.84 -14.37 7.36
CA GLY A 124 -6.69 -15.48 7.82
C GLY A 124 -7.67 -15.90 6.71
N ASP A 125 -8.97 -15.65 6.95
CA ASP A 125 -10.09 -16.02 6.09
C ASP A 125 -10.74 -14.76 5.46
N ILE A 126 -10.03 -13.61 5.45
CA ILE A 126 -10.50 -12.34 4.88
C ILE A 126 -9.42 -11.79 3.94
N VAL A 127 -9.85 -11.29 2.76
CA VAL A 127 -8.97 -10.77 1.72
C VAL A 127 -9.31 -9.30 1.42
N PHE A 128 -8.59 -8.38 2.06
CA PHE A 128 -8.66 -6.93 1.82
C PHE A 128 -7.98 -6.53 0.51
N LYS A 129 -8.69 -5.77 -0.36
CA LYS A 129 -8.10 -5.12 -1.53
C LYS A 129 -8.27 -3.60 -1.45
N ARG A 130 -7.35 -2.91 -2.12
CA ARG A 130 -7.32 -1.46 -2.33
C ARG A 130 -6.98 -1.18 -3.79
N ILE A 131 -7.68 -0.19 -4.37
CA ILE A 131 -7.45 0.31 -5.72
C ILE A 131 -7.20 1.83 -5.62
N SER A 132 -6.16 2.30 -6.32
CA SER A 132 -5.78 3.71 -6.42
C SER A 132 -5.40 4.06 -7.86
N LYS A 133 -5.46 5.36 -8.21
CA LYS A 133 -5.21 5.87 -9.57
C LYS A 133 -4.39 7.18 -9.51
N ARG A 134 -3.47 7.33 -10.47
CA ARG A 134 -2.42 8.35 -10.53
C ARG A 134 -2.97 9.78 -10.73
N ILE A 135 -2.41 10.74 -9.97
CA ILE A 135 -2.85 12.14 -9.92
C ILE A 135 -2.06 12.87 -10.99
N HIS A 1 19.22 10.08 -30.13
CA HIS A 1 18.25 10.14 -31.27
C HIS A 1 16.89 10.30 -30.56
N HIS A 2 16.00 11.14 -31.16
CA HIS A 2 14.60 11.37 -30.75
C HIS A 2 14.45 11.82 -29.28
N HIS A 3 13.26 11.60 -28.69
CA HIS A 3 12.95 11.90 -27.29
C HIS A 3 13.05 10.60 -26.46
N HIS A 4 14.29 10.19 -26.17
CA HIS A 4 14.58 8.98 -25.40
C HIS A 4 14.63 9.30 -23.90
N HIS A 5 13.49 9.14 -23.21
CA HIS A 5 13.35 9.32 -21.77
C HIS A 5 12.05 8.65 -21.32
N HIS A 6 12.14 7.80 -20.27
CA HIS A 6 11.05 6.98 -19.71
C HIS A 6 10.39 6.05 -20.75
N VAL A 7 10.99 4.88 -20.95
CA VAL A 7 10.54 3.85 -21.90
C VAL A 7 9.89 2.64 -21.17
N ALA A 8 9.45 2.85 -19.93
CA ALA A 8 8.78 1.85 -19.10
C ALA A 8 8.02 2.53 -17.93
N MET A 9 7.15 1.75 -17.28
CA MET A 9 6.45 2.11 -16.05
C MET A 9 7.40 2.22 -14.84
N SER A 10 6.93 2.90 -13.78
CA SER A 10 7.70 3.14 -12.56
C SER A 10 6.75 3.31 -11.37
N PHE A 11 7.24 2.94 -10.17
CA PHE A 11 6.60 3.22 -8.89
C PHE A 11 6.58 4.70 -8.52
N SER A 12 7.59 5.48 -8.95
CA SER A 12 7.73 6.92 -8.71
C SER A 12 6.55 7.73 -9.25
N GLY A 13 5.67 8.15 -8.33
CA GLY A 13 4.43 8.85 -8.66
C GLY A 13 3.57 8.93 -7.39
N LYS A 14 2.44 9.65 -7.51
CA LYS A 14 1.49 9.89 -6.44
C LYS A 14 0.11 9.40 -6.93
N TYR A 15 -0.72 8.87 -6.02
CA TYR A 15 -1.95 8.13 -6.37
C TYR A 15 -3.05 8.43 -5.35
N GLN A 16 -4.25 8.80 -5.82
CA GLN A 16 -5.44 9.00 -4.99
C GLN A 16 -6.21 7.68 -4.80
N LEU A 17 -6.87 7.52 -3.64
CA LEU A 17 -7.75 6.38 -3.36
C LEU A 17 -9.02 6.43 -4.23
N GLN A 18 -9.34 5.28 -4.85
CA GLN A 18 -10.51 5.12 -5.73
C GLN A 18 -11.61 4.31 -5.03
N SER A 19 -11.25 3.12 -4.52
CA SER A 19 -12.17 2.18 -3.91
C SER A 19 -11.41 1.11 -3.12
N GLN A 20 -12.09 0.49 -2.16
CA GLN A 20 -11.55 -0.57 -1.30
C GLN A 20 -12.60 -1.69 -1.19
N GLU A 21 -12.13 -2.94 -1.27
CA GLU A 21 -12.94 -4.15 -1.13
C GLU A 21 -12.51 -4.88 0.17
N ASN A 22 -13.50 -5.37 0.95
CA ASN A 22 -13.34 -5.94 2.30
C ASN A 22 -12.69 -4.96 3.29
N PHE A 23 -12.90 -3.64 3.11
CA PHE A 23 -12.40 -2.59 4.00
C PHE A 23 -12.95 -2.73 5.42
N GLU A 24 -14.29 -2.69 5.54
CA GLU A 24 -15.05 -2.93 6.77
C GLU A 24 -14.68 -4.26 7.44
N ALA A 25 -14.70 -5.36 6.68
CA ALA A 25 -14.38 -6.72 7.13
C ALA A 25 -12.97 -6.86 7.74
N PHE A 26 -11.95 -6.34 7.05
CA PHE A 26 -10.56 -6.34 7.47
C PHE A 26 -10.29 -5.44 8.69
N MET A 27 -10.83 -4.22 8.67
CA MET A 27 -10.67 -3.23 9.73
C MET A 27 -11.32 -3.65 11.06
N LYS A 28 -12.51 -4.27 11.00
CA LYS A 28 -13.19 -4.88 12.14
C LYS A 28 -12.46 -6.13 12.68
N ALA A 29 -11.72 -6.85 11.81
CA ALA A 29 -10.95 -8.05 12.17
C ALA A 29 -9.60 -7.75 12.85
N ILE A 30 -8.92 -6.66 12.45
CA ILE A 30 -7.74 -6.13 13.16
C ILE A 30 -8.11 -5.35 14.45
N GLY A 31 -9.42 -5.13 14.68
CA GLY A 31 -9.95 -4.61 15.94
C GLY A 31 -9.89 -3.08 16.01
N LEU A 32 -10.01 -2.37 14.87
CA LEU A 32 -10.03 -0.91 14.81
C LEU A 32 -11.30 -0.33 15.47
N PRO A 33 -11.19 0.90 16.02
CA PRO A 33 -12.37 1.67 16.46
C PRO A 33 -13.26 2.03 15.27
N GLU A 34 -14.58 1.93 15.46
CA GLU A 34 -15.57 2.12 14.40
C GLU A 34 -15.60 3.55 13.81
N GLU A 35 -15.07 4.55 14.55
CA GLU A 35 -14.81 5.89 14.03
C GLU A 35 -13.77 5.92 12.89
N LEU A 36 -12.64 5.19 13.04
CA LEU A 36 -11.62 5.03 11.99
C LEU A 36 -12.11 4.23 10.77
N ILE A 37 -13.08 3.34 10.98
CA ILE A 37 -13.72 2.56 9.92
C ILE A 37 -14.70 3.43 9.11
N GLN A 38 -15.62 4.12 9.79
CA GLN A 38 -16.60 5.00 9.14
C GLN A 38 -15.94 6.16 8.38
N LYS A 39 -14.99 6.88 9.00
CA LYS A 39 -14.22 7.93 8.33
C LYS A 39 -13.31 7.39 7.19
N GLY A 40 -12.88 6.12 7.27
CA GLY A 40 -11.96 5.51 6.31
C GLY A 40 -12.68 5.07 5.02
N LYS A 41 -13.97 4.72 5.09
CA LYS A 41 -14.80 4.38 3.93
C LYS A 41 -15.62 5.58 3.41
N ASP A 42 -16.02 6.52 4.29
CA ASP A 42 -16.69 7.77 3.94
C ASP A 42 -15.75 8.81 3.29
N ILE A 43 -14.50 8.92 3.79
CA ILE A 43 -13.52 9.88 3.29
C ILE A 43 -12.40 9.12 2.57
N LYS A 44 -12.08 9.57 1.35
CA LYS A 44 -10.96 9.10 0.54
C LYS A 44 -9.69 9.91 0.87
N GLY A 45 -8.59 9.17 1.06
CA GLY A 45 -7.25 9.71 1.28
C GLY A 45 -6.43 9.62 -0.02
N VAL A 46 -5.12 9.86 0.13
CA VAL A 46 -4.15 9.86 -0.96
C VAL A 46 -2.91 9.08 -0.51
N SER A 47 -2.17 8.52 -1.46
CA SER A 47 -0.92 7.79 -1.26
C SER A 47 0.17 8.34 -2.19
N GLU A 48 1.43 8.05 -1.82
CA GLU A 48 2.61 8.28 -2.65
C GLU A 48 3.46 7.02 -2.59
N ILE A 49 4.17 6.75 -3.69
CA ILE A 49 5.10 5.65 -3.80
C ILE A 49 6.32 6.20 -4.55
N VAL A 50 7.53 5.98 -4.01
CA VAL A 50 8.77 6.37 -4.68
C VAL A 50 9.83 5.26 -4.50
N GLN A 51 10.56 5.02 -5.60
CA GLN A 51 11.65 4.06 -5.70
C GLN A 51 12.95 4.86 -5.83
N ASN A 52 13.83 4.69 -4.83
CA ASN A 52 15.07 5.46 -4.67
C ASN A 52 16.27 4.50 -4.80
N GLY A 53 16.29 3.71 -5.89
CA GLY A 53 17.25 2.62 -6.09
C GLY A 53 16.86 1.48 -5.14
N LYS A 54 17.75 1.15 -4.19
CA LYS A 54 17.50 0.19 -3.12
C LYS A 54 16.53 0.70 -2.04
N HIS A 55 16.57 2.00 -1.71
CA HIS A 55 15.61 2.62 -0.79
C HIS A 55 14.24 2.82 -1.45
N PHE A 56 13.22 3.02 -0.60
CA PHE A 56 11.83 3.10 -1.01
C PHE A 56 11.08 3.83 0.10
N LYS A 57 10.27 4.83 -0.28
CA LYS A 57 9.43 5.62 0.61
C LYS A 57 7.97 5.48 0.18
N PHE A 58 7.05 5.57 1.17
CA PHE A 58 5.61 5.52 0.95
C PHE A 58 4.97 6.52 1.92
N THR A 59 4.26 7.53 1.37
CA THR A 59 3.45 8.48 2.13
C THR A 59 2.00 8.00 2.15
N ILE A 60 1.36 8.04 3.32
CA ILE A 60 -0.05 7.70 3.52
C ILE A 60 -0.74 8.95 4.11
N THR A 61 -1.54 9.63 3.29
CA THR A 61 -2.34 10.79 3.68
C THR A 61 -3.78 10.33 3.94
N ALA A 62 -4.12 10.16 5.22
CA ALA A 62 -5.47 9.82 5.68
C ALA A 62 -6.32 11.08 5.88
N GLY A 63 -7.59 10.87 6.26
CA GLY A 63 -8.59 11.91 6.52
C GLY A 63 -8.45 12.54 7.92
N SER A 64 -7.24 12.60 8.51
CA SER A 64 -6.97 13.20 9.82
C SER A 64 -5.49 13.60 10.00
N LYS A 65 -4.57 12.84 9.40
CA LYS A 65 -3.11 13.02 9.52
C LYS A 65 -2.38 12.28 8.41
N VAL A 66 -1.07 12.55 8.28
CA VAL A 66 -0.19 11.89 7.31
C VAL A 66 0.93 11.13 8.05
N ILE A 67 1.16 9.87 7.67
CA ILE A 67 2.26 9.03 8.14
C ILE A 67 3.07 8.58 6.92
N GLN A 68 4.41 8.66 7.02
CA GLN A 68 5.32 8.19 5.97
C GLN A 68 6.21 7.09 6.56
N ASN A 69 6.53 6.08 5.72
CA ASN A 69 7.36 4.93 6.09
C ASN A 69 8.40 4.68 4.99
N GLU A 70 9.65 4.51 5.45
CA GLU A 70 10.78 4.17 4.61
C GLU A 70 11.27 2.76 4.95
N PHE A 71 11.71 2.04 3.92
CA PHE A 71 12.36 0.73 4.01
C PHE A 71 13.36 0.60 2.86
N THR A 72 14.26 -0.39 2.99
CA THR A 72 15.19 -0.78 1.93
C THR A 72 14.82 -2.18 1.44
N VAL A 73 14.72 -2.34 0.11
CA VAL A 73 14.33 -3.60 -0.55
C VAL A 73 15.34 -4.72 -0.26
N GLY A 74 14.86 -5.80 0.36
CA GLY A 74 15.65 -6.97 0.73
C GLY A 74 16.22 -6.90 2.16
N GLU A 75 16.15 -5.75 2.86
CA GLU A 75 16.62 -5.58 4.23
C GLU A 75 15.41 -5.46 5.18
N GLU A 76 15.49 -6.11 6.36
CA GLU A 76 14.46 -6.03 7.40
C GLU A 76 14.35 -4.62 7.99
N CYS A 77 13.15 -4.03 7.86
CA CYS A 77 12.83 -2.68 8.31
C CYS A 77 11.42 -2.71 8.93
N GLU A 78 11.23 -1.96 10.04
CA GLU A 78 9.90 -1.70 10.60
C GLU A 78 9.06 -0.81 9.67
N LEU A 79 7.82 -1.25 9.43
CA LEU A 79 6.82 -0.57 8.62
C LEU A 79 5.60 -0.30 9.51
N GLU A 80 5.39 1.00 9.85
CA GLU A 80 4.24 1.46 10.63
C GLU A 80 2.96 1.48 9.76
N THR A 81 1.81 1.37 10.44
CA THR A 81 0.47 1.44 9.88
C THR A 81 -0.22 2.75 10.34
N MET A 82 -1.37 3.10 9.75
CA MET A 82 -2.23 4.25 10.13
C MET A 82 -2.62 4.29 11.62
N THR A 83 -2.64 3.11 12.26
CA THR A 83 -2.93 2.83 13.66
C THR A 83 -1.74 3.06 14.62
N GLY A 84 -0.50 3.09 14.09
CA GLY A 84 0.73 3.18 14.85
C GLY A 84 1.44 1.82 15.01
N GLU A 85 0.89 0.73 14.43
CA GLU A 85 1.43 -0.63 14.50
C GLU A 85 2.64 -0.81 13.57
N LYS A 86 3.86 -0.86 14.17
CA LYS A 86 5.12 -1.10 13.47
C LYS A 86 5.56 -2.57 13.62
N VAL A 87 5.95 -3.16 12.48
CA VAL A 87 6.26 -4.58 12.33
C VAL A 87 7.36 -4.76 11.29
N LYS A 88 8.37 -5.56 11.67
CA LYS A 88 9.61 -5.79 10.94
C LYS A 88 9.38 -6.79 9.80
N THR A 89 9.82 -6.42 8.58
CA THR A 89 9.56 -7.19 7.37
C THR A 89 10.52 -6.76 6.24
N VAL A 90 10.68 -7.66 5.25
CA VAL A 90 11.31 -7.40 3.97
C VAL A 90 10.25 -7.27 2.87
N VAL A 91 10.52 -6.40 1.89
CA VAL A 91 9.70 -6.19 0.70
C VAL A 91 10.61 -6.46 -0.52
N GLN A 92 10.16 -7.35 -1.43
CA GLN A 92 10.88 -7.75 -2.63
C GLN A 92 10.02 -7.64 -3.88
N LEU A 93 10.64 -7.16 -4.97
CA LEU A 93 10.04 -7.09 -6.30
C LEU A 93 10.23 -8.45 -7.01
N GLU A 94 9.18 -8.93 -7.69
CA GLU A 94 9.21 -10.12 -8.55
C GLU A 94 9.65 -9.83 -10.00
N GLY A 95 10.27 -8.65 -10.24
CA GLY A 95 10.76 -8.20 -11.54
C GLY A 95 9.64 -7.82 -12.51
N ASP A 96 8.39 -7.68 -12.02
CA ASP A 96 7.19 -7.48 -12.83
C ASP A 96 6.25 -6.53 -12.07
N ASN A 97 6.75 -5.31 -11.76
CA ASN A 97 5.98 -4.15 -11.24
C ASN A 97 5.04 -4.45 -10.05
N LYS A 98 5.46 -5.40 -9.20
CA LYS A 98 4.69 -5.98 -8.10
C LYS A 98 5.64 -6.22 -6.92
N LEU A 99 5.30 -5.71 -5.73
CA LEU A 99 6.05 -5.90 -4.49
C LEU A 99 5.30 -6.88 -3.56
N VAL A 100 6.05 -7.83 -2.98
CA VAL A 100 5.52 -8.86 -2.08
C VAL A 100 6.20 -8.73 -0.71
N THR A 101 5.40 -8.81 0.37
CA THR A 101 5.86 -8.64 1.74
C THR A 101 4.93 -9.36 2.75
N THR A 102 5.53 -9.94 3.81
CA THR A 102 4.85 -10.75 4.83
C THR A 102 5.50 -10.51 6.20
N PHE A 103 4.65 -10.37 7.23
CA PHE A 103 5.03 -10.03 8.61
C PHE A 103 4.97 -11.30 9.47
N LYS A 104 3.77 -11.89 9.58
CA LYS A 104 3.47 -13.10 10.37
C LYS A 104 2.49 -13.98 9.58
N ASN A 105 1.27 -13.44 9.37
CA ASN A 105 0.13 -14.13 8.76
C ASN A 105 -0.66 -13.22 7.80
N ILE A 106 -0.10 -12.04 7.49
CA ILE A 106 -0.69 -11.03 6.59
C ILE A 106 0.19 -10.99 5.33
N LYS A 107 -0.34 -11.50 4.20
CA LYS A 107 0.38 -11.61 2.93
C LYS A 107 -0.06 -10.49 1.99
N SER A 108 0.77 -9.44 1.91
CA SER A 108 0.56 -8.26 1.07
C SER A 108 1.21 -8.53 -0.31
N VAL A 109 0.43 -8.34 -1.37
CA VAL A 109 0.88 -8.42 -2.76
C VAL A 109 0.39 -7.16 -3.48
N THR A 110 1.33 -6.24 -3.71
CA THR A 110 1.14 -5.00 -4.46
C THR A 110 1.27 -5.29 -5.96
N GLU A 111 0.57 -4.49 -6.79
CA GLU A 111 0.62 -4.52 -8.23
C GLU A 111 0.42 -3.10 -8.78
N LEU A 112 1.19 -2.76 -9.81
CA LEU A 112 1.13 -1.49 -10.51
C LEU A 112 0.95 -1.80 -12.01
N ASN A 113 -0.10 -1.24 -12.61
CA ASN A 113 -0.46 -1.35 -14.03
C ASN A 113 -0.64 0.08 -14.55
N GLY A 114 0.48 0.70 -14.94
CA GLY A 114 0.56 2.07 -15.48
C GLY A 114 0.07 3.07 -14.44
N ASP A 115 -1.06 3.74 -14.75
CA ASP A 115 -1.73 4.74 -13.92
C ASP A 115 -2.75 4.15 -12.93
N ILE A 116 -2.71 2.83 -12.69
CA ILE A 116 -3.60 2.15 -11.73
C ILE A 116 -2.75 1.28 -10.79
N ILE A 117 -3.02 1.40 -9.48
CA ILE A 117 -2.47 0.53 -8.45
C ILE A 117 -3.60 -0.42 -8.00
N THR A 118 -3.22 -1.69 -7.78
CA THR A 118 -4.10 -2.73 -7.24
C THR A 118 -3.31 -3.46 -6.15
N ASN A 119 -3.73 -3.31 -4.89
CA ASN A 119 -3.15 -4.03 -3.76
C ASN A 119 -4.09 -5.18 -3.36
N THR A 120 -3.49 -6.29 -2.89
CA THR A 120 -4.18 -7.48 -2.42
C THR A 120 -3.47 -8.03 -1.17
N MET A 121 -4.02 -7.71 0.00
CA MET A 121 -3.66 -8.25 1.30
C MET A 121 -4.53 -9.47 1.63
N THR A 122 -3.98 -10.41 2.42
CA THR A 122 -4.69 -11.59 2.91
C THR A 122 -4.27 -11.84 4.36
N LEU A 123 -5.17 -11.52 5.30
CA LEU A 123 -5.02 -11.73 6.74
C LEU A 123 -6.06 -12.77 7.20
N GLY A 124 -5.58 -13.96 7.57
CA GLY A 124 -6.42 -15.08 8.03
C GLY A 124 -7.34 -15.52 6.88
N ASP A 125 -8.66 -15.50 7.15
CA ASP A 125 -9.73 -15.84 6.19
C ASP A 125 -10.35 -14.59 5.52
N ILE A 126 -9.74 -13.39 5.64
CA ILE A 126 -10.22 -12.16 5.02
C ILE A 126 -9.15 -11.61 4.06
N VAL A 127 -9.60 -11.17 2.87
CA VAL A 127 -8.75 -10.66 1.80
C VAL A 127 -9.12 -9.20 1.51
N PHE A 128 -8.39 -8.25 2.10
CA PHE A 128 -8.49 -6.82 1.83
C PHE A 128 -7.83 -6.46 0.49
N LYS A 129 -8.58 -5.76 -0.39
CA LYS A 129 -8.00 -5.14 -1.59
C LYS A 129 -8.25 -3.63 -1.57
N ARG A 130 -7.40 -2.91 -2.31
CA ARG A 130 -7.41 -1.45 -2.39
C ARG A 130 -6.94 -1.02 -3.78
N ILE A 131 -7.71 -0.14 -4.42
CA ILE A 131 -7.45 0.40 -5.75
C ILE A 131 -7.14 1.90 -5.61
N SER A 132 -6.12 2.36 -6.35
CA SER A 132 -5.77 3.78 -6.47
C SER A 132 -5.48 4.13 -7.96
N LYS A 133 -5.59 5.42 -8.29
CA LYS A 133 -5.33 5.98 -9.61
C LYS A 133 -4.25 7.07 -9.49
N ARG A 134 -3.27 7.03 -10.41
CA ARG A 134 -2.12 7.93 -10.48
C ARG A 134 -2.51 9.37 -10.85
N ILE A 135 -1.77 10.34 -10.29
CA ILE A 135 -1.94 11.79 -10.48
C ILE A 135 -0.56 12.36 -10.64
N HIS A 1 4.68 16.07 -18.45
CA HIS A 1 4.48 14.58 -18.32
C HIS A 1 4.88 14.03 -19.71
N HIS A 2 5.53 12.86 -19.71
CA HIS A 2 5.95 12.09 -20.89
C HIS A 2 5.97 10.59 -20.57
N HIS A 3 6.01 9.77 -21.64
CA HIS A 3 6.11 8.30 -21.56
C HIS A 3 7.18 7.76 -22.52
N HIS A 4 7.37 8.42 -23.68
CA HIS A 4 8.42 8.12 -24.67
C HIS A 4 9.83 8.44 -24.14
N HIS A 5 10.86 8.01 -24.89
CA HIS A 5 12.29 8.02 -24.55
C HIS A 5 12.67 6.93 -23.54
N HIS A 6 12.09 6.97 -22.33
CA HIS A 6 12.28 5.98 -21.28
C HIS A 6 11.71 4.60 -21.64
N VAL A 7 12.40 3.56 -21.16
CA VAL A 7 12.12 2.15 -21.44
C VAL A 7 12.20 1.31 -20.14
N ALA A 8 11.53 1.81 -19.08
CA ALA A 8 11.46 1.18 -17.77
C ALA A 8 10.28 1.70 -16.96
N MET A 9 9.82 0.88 -15.99
CA MET A 9 8.87 1.23 -14.94
C MET A 9 9.61 1.68 -13.67
N SER A 10 8.86 2.30 -12.73
CA SER A 10 9.34 2.69 -11.41
C SER A 10 8.16 3.02 -10.51
N PHE A 11 8.31 2.74 -9.20
CA PHE A 11 7.36 3.08 -8.13
C PHE A 11 7.45 4.56 -7.72
N SER A 12 7.28 5.48 -8.69
CA SER A 12 7.43 6.92 -8.52
C SER A 12 6.17 7.63 -9.06
N GLY A 13 5.49 8.38 -8.19
CA GLY A 13 4.28 9.13 -8.51
C GLY A 13 3.33 9.12 -7.31
N LYS A 14 2.34 10.04 -7.33
CA LYS A 14 1.26 10.15 -6.34
C LYS A 14 -0.03 9.53 -6.90
N TYR A 15 -0.81 8.85 -6.02
CA TYR A 15 -2.03 8.14 -6.38
C TYR A 15 -3.13 8.43 -5.35
N GLN A 16 -4.39 8.39 -5.77
CA GLN A 16 -5.57 8.65 -4.93
C GLN A 16 -6.48 7.42 -4.97
N LEU A 17 -7.12 7.12 -3.83
CA LEU A 17 -8.11 6.05 -3.66
C LEU A 17 -9.28 6.15 -4.66
N GLN A 18 -9.68 4.99 -5.21
CA GLN A 18 -10.75 4.85 -6.19
C GLN A 18 -11.84 3.89 -5.69
N SER A 19 -11.44 2.69 -5.23
CA SER A 19 -12.34 1.59 -4.87
C SER A 19 -11.79 0.77 -3.69
N GLN A 20 -12.72 0.15 -2.95
CA GLN A 20 -12.47 -0.53 -1.67
C GLN A 20 -13.31 -1.82 -1.62
N GLU A 21 -12.70 -2.95 -1.23
CA GLU A 21 -13.38 -4.25 -1.08
C GLU A 21 -12.86 -4.94 0.19
N ASN A 22 -13.79 -5.49 1.00
CA ASN A 22 -13.53 -6.07 2.34
C ASN A 22 -12.80 -5.11 3.30
N PHE A 23 -12.98 -3.79 3.11
CA PHE A 23 -12.37 -2.76 3.95
C PHE A 23 -12.86 -2.85 5.41
N GLU A 24 -14.19 -2.83 5.63
CA GLU A 24 -14.75 -3.02 6.97
C GLU A 24 -14.41 -4.39 7.58
N ALA A 25 -14.57 -5.48 6.81
CA ALA A 25 -14.29 -6.85 7.24
C ALA A 25 -12.85 -7.05 7.76
N PHE A 26 -11.87 -6.53 7.02
CA PHE A 26 -10.45 -6.55 7.38
C PHE A 26 -10.12 -5.63 8.57
N MET A 27 -10.64 -4.38 8.56
CA MET A 27 -10.42 -3.40 9.62
C MET A 27 -10.99 -3.84 10.98
N LYS A 28 -12.25 -4.32 11.01
CA LYS A 28 -12.86 -4.92 12.21
C LYS A 28 -12.09 -6.16 12.74
N ALA A 29 -11.46 -6.93 11.83
CA ALA A 29 -10.68 -8.13 12.18
C ALA A 29 -9.29 -7.83 12.77
N ILE A 30 -8.59 -6.78 12.30
CA ILE A 30 -7.33 -6.31 12.88
C ILE A 30 -7.53 -5.44 14.15
N GLY A 31 -8.79 -5.08 14.47
CA GLY A 31 -9.15 -4.41 15.72
C GLY A 31 -9.04 -2.88 15.62
N LEU A 32 -9.14 -2.31 14.40
CA LEU A 32 -9.22 -0.86 14.16
C LEU A 32 -10.52 -0.29 14.76
N PRO A 33 -10.45 0.93 15.35
CA PRO A 33 -11.65 1.61 15.89
C PRO A 33 -12.63 2.01 14.77
N GLU A 34 -13.93 1.91 15.06
CA GLU A 34 -15.02 2.19 14.12
C GLU A 34 -15.00 3.61 13.52
N GLU A 35 -14.43 4.60 14.24
CA GLU A 35 -14.23 5.95 13.72
C GLU A 35 -13.24 6.01 12.54
N LEU A 36 -12.08 5.32 12.64
CA LEU A 36 -11.11 5.17 11.55
C LEU A 36 -11.66 4.38 10.35
N ILE A 37 -12.66 3.52 10.58
CA ILE A 37 -13.33 2.74 9.56
C ILE A 37 -14.37 3.57 8.82
N GLN A 38 -15.27 4.25 9.56
CA GLN A 38 -16.31 5.11 8.99
C GLN A 38 -15.73 6.30 8.20
N LYS A 39 -14.68 6.96 8.72
CA LYS A 39 -13.96 8.02 8.00
C LYS A 39 -13.10 7.47 6.86
N GLY A 40 -12.62 6.21 6.96
CA GLY A 40 -11.73 5.59 5.97
C GLY A 40 -12.46 5.16 4.70
N LYS A 41 -13.77 4.85 4.79
CA LYS A 41 -14.65 4.53 3.66
C LYS A 41 -15.50 5.73 3.20
N ASP A 42 -15.80 6.68 4.10
CA ASP A 42 -16.58 7.88 3.79
C ASP A 42 -15.70 8.96 3.13
N ILE A 43 -14.47 9.17 3.66
CA ILE A 43 -13.51 10.15 3.14
C ILE A 43 -12.44 9.39 2.35
N LYS A 44 -12.22 9.85 1.10
CA LYS A 44 -11.22 9.32 0.19
C LYS A 44 -9.83 9.83 0.59
N GLY A 45 -8.92 8.90 0.93
CA GLY A 45 -7.53 9.20 1.29
C GLY A 45 -6.64 9.18 0.04
N VAL A 46 -5.41 9.65 0.21
CA VAL A 46 -4.40 9.78 -0.83
C VAL A 46 -3.14 9.01 -0.41
N SER A 47 -2.40 8.51 -1.41
CA SER A 47 -1.15 7.79 -1.26
C SER A 47 -0.05 8.43 -2.14
N GLU A 48 1.20 8.06 -1.87
CA GLU A 48 2.37 8.54 -2.58
C GLU A 48 3.43 7.46 -2.52
N ILE A 49 4.18 7.29 -3.62
CA ILE A 49 5.18 6.25 -3.75
C ILE A 49 6.40 6.93 -4.41
N VAL A 50 7.60 6.70 -3.85
CA VAL A 50 8.84 7.35 -4.29
C VAL A 50 9.98 6.32 -4.26
N GLN A 51 10.32 5.78 -5.45
CA GLN A 51 11.45 4.87 -5.66
C GLN A 51 12.72 5.70 -5.92
N ASN A 52 13.85 5.24 -5.37
CA ASN A 52 15.16 5.86 -5.54
C ASN A 52 16.25 4.79 -5.42
N GLY A 53 16.41 4.01 -6.51
CA GLY A 53 17.38 2.92 -6.60
C GLY A 53 16.94 1.76 -5.71
N LYS A 54 17.79 1.40 -4.74
CA LYS A 54 17.51 0.40 -3.71
C LYS A 54 16.57 0.88 -2.60
N HIS A 55 16.61 2.18 -2.26
CA HIS A 55 15.71 2.81 -1.29
C HIS A 55 14.31 3.03 -1.89
N PHE A 56 13.31 2.95 -1.00
CA PHE A 56 11.89 3.09 -1.30
C PHE A 56 11.29 3.94 -0.18
N LYS A 57 10.47 4.94 -0.57
CA LYS A 57 9.68 5.78 0.30
C LYS A 57 8.21 5.75 -0.11
N PHE A 58 7.35 6.14 0.84
CA PHE A 58 5.90 6.17 0.67
C PHE A 58 5.34 7.19 1.68
N THR A 59 4.26 7.89 1.29
CA THR A 59 3.52 8.79 2.17
C THR A 59 2.02 8.46 2.11
N ILE A 60 1.45 8.06 3.26
CA ILE A 60 0.01 7.83 3.45
C ILE A 60 -0.62 9.15 3.95
N THR A 61 -1.81 9.48 3.44
CA THR A 61 -2.59 10.65 3.85
C THR A 61 -4.06 10.21 4.01
N ALA A 62 -4.55 10.22 5.26
CA ALA A 62 -5.88 9.72 5.63
C ALA A 62 -6.70 10.86 6.25
N GLY A 63 -7.17 11.78 5.39
CA GLY A 63 -7.95 12.95 5.78
C GLY A 63 -6.99 14.03 6.30
N SER A 64 -6.73 14.03 7.61
CA SER A 64 -5.90 15.02 8.30
C SER A 64 -4.52 14.45 8.69
N LYS A 65 -4.49 13.20 9.20
CA LYS A 65 -3.27 12.50 9.60
C LYS A 65 -2.45 12.03 8.39
N VAL A 66 -1.11 12.03 8.55
CA VAL A 66 -0.14 11.62 7.54
C VAL A 66 0.90 10.70 8.19
N ILE A 67 1.15 9.54 7.56
CA ILE A 67 2.11 8.53 8.01
C ILE A 67 3.01 8.14 6.82
N GLN A 68 4.30 8.51 6.90
CA GLN A 68 5.32 8.08 5.94
C GLN A 68 6.18 6.96 6.55
N ASN A 69 6.66 6.08 5.65
CA ASN A 69 7.55 4.96 5.93
C ASN A 69 8.59 4.88 4.82
N GLU A 70 9.75 4.32 5.18
CA GLU A 70 10.89 4.09 4.29
C GLU A 70 11.45 2.69 4.56
N PHE A 71 11.86 2.01 3.48
CA PHE A 71 12.55 0.73 3.51
C PHE A 71 13.55 0.65 2.37
N THR A 72 14.43 -0.36 2.43
CA THR A 72 15.37 -0.71 1.36
C THR A 72 15.04 -2.14 0.92
N VAL A 73 14.89 -2.35 -0.41
CA VAL A 73 14.50 -3.63 -1.01
C VAL A 73 15.59 -4.69 -0.77
N GLY A 74 15.19 -5.82 -0.15
CA GLY A 74 16.10 -6.92 0.21
C GLY A 74 16.73 -6.77 1.61
N GLU A 75 16.39 -5.70 2.35
CA GLU A 75 16.77 -5.49 3.75
C GLU A 75 15.51 -5.50 4.64
N GLU A 76 15.72 -5.90 5.90
CA GLU A 76 14.70 -5.93 6.96
C GLU A 76 14.45 -4.51 7.51
N CYS A 77 13.17 -4.09 7.53
CA CYS A 77 12.73 -2.75 7.94
C CYS A 77 11.35 -2.84 8.64
N GLU A 78 11.08 -1.93 9.59
CA GLU A 78 9.76 -1.78 10.20
C GLU A 78 8.77 -1.03 9.29
N LEU A 79 7.50 -1.44 9.37
CA LEU A 79 6.36 -0.82 8.72
C LEU A 79 5.33 -0.43 9.80
N GLU A 80 4.90 0.84 9.79
CA GLU A 80 3.86 1.38 10.69
C GLU A 80 2.48 1.33 9.99
N THR A 81 1.43 1.02 10.77
CA THR A 81 0.02 1.05 10.35
C THR A 81 -0.71 2.30 10.90
N MET A 82 -2.03 2.40 10.61
CA MET A 82 -2.91 3.51 11.00
C MET A 82 -3.03 3.75 12.51
N THR A 83 -3.07 2.67 13.30
CA THR A 83 -3.08 2.68 14.77
C THR A 83 -1.67 2.64 15.38
N GLY A 84 -0.62 2.57 14.55
CA GLY A 84 0.77 2.69 15.00
C GLY A 84 1.42 1.32 15.26
N GLU A 85 0.88 0.22 14.72
CA GLU A 85 1.43 -1.14 14.86
C GLU A 85 2.74 -1.25 14.05
N LYS A 86 3.87 -1.45 14.76
CA LYS A 86 5.20 -1.49 14.16
C LYS A 86 5.67 -2.95 14.09
N VAL A 87 6.04 -3.39 12.88
CA VAL A 87 6.35 -4.79 12.57
C VAL A 87 7.47 -4.89 11.51
N LYS A 88 8.55 -5.60 11.87
CA LYS A 88 9.67 -5.92 10.97
C LYS A 88 9.29 -6.97 9.92
N THR A 89 9.79 -6.75 8.69
CA THR A 89 9.62 -7.63 7.54
C THR A 89 10.53 -7.15 6.39
N VAL A 90 10.75 -8.02 5.40
CA VAL A 90 11.42 -7.70 4.14
C VAL A 90 10.34 -7.58 3.04
N VAL A 91 10.46 -6.53 2.21
CA VAL A 91 9.66 -6.35 1.01
C VAL A 91 10.53 -6.71 -0.21
N GLN A 92 10.01 -7.60 -1.07
CA GLN A 92 10.67 -8.11 -2.27
C GLN A 92 9.81 -7.91 -3.51
N LEU A 93 10.47 -7.77 -4.67
CA LEU A 93 9.84 -7.63 -5.98
C LEU A 93 9.90 -8.97 -6.72
N GLU A 94 8.79 -9.35 -7.37
CA GLU A 94 8.68 -10.54 -8.23
C GLU A 94 9.09 -10.27 -9.70
N GLY A 95 9.78 -9.15 -9.96
CA GLY A 95 10.28 -8.76 -11.29
C GLY A 95 9.19 -8.28 -12.25
N ASP A 96 7.97 -7.99 -11.73
CA ASP A 96 6.80 -7.67 -12.53
C ASP A 96 5.99 -6.58 -11.79
N ASN A 97 6.64 -5.44 -11.50
CA ASN A 97 6.07 -4.22 -10.89
C ASN A 97 5.13 -4.47 -9.68
N LYS A 98 5.48 -5.47 -8.87
CA LYS A 98 4.65 -6.03 -7.80
C LYS A 98 5.54 -6.34 -6.60
N LEU A 99 5.22 -5.73 -5.45
CA LEU A 99 5.89 -5.97 -4.17
C LEU A 99 5.12 -7.01 -3.35
N VAL A 100 5.85 -7.87 -2.63
CA VAL A 100 5.31 -8.94 -1.79
C VAL A 100 6.03 -8.89 -0.42
N THR A 101 5.27 -9.05 0.68
CA THR A 101 5.79 -9.04 2.04
C THR A 101 4.85 -9.84 2.98
N THR A 102 5.44 -10.44 4.04
CA THR A 102 4.74 -11.27 5.03
C THR A 102 5.35 -11.03 6.42
N PHE A 103 4.48 -10.78 7.41
CA PHE A 103 4.86 -10.50 8.80
C PHE A 103 4.80 -11.79 9.64
N LYS A 104 3.60 -12.40 9.71
CA LYS A 104 3.29 -13.56 10.55
C LYS A 104 2.31 -14.46 9.79
N ASN A 105 1.03 -14.03 9.72
CA ASN A 105 -0.08 -14.71 9.03
C ASN A 105 -0.64 -13.84 7.89
N ILE A 106 -0.32 -12.53 7.90
CA ILE A 106 -0.82 -11.55 6.95
C ILE A 106 0.14 -11.50 5.74
N LYS A 107 -0.34 -11.97 4.58
CA LYS A 107 0.38 -11.94 3.31
C LYS A 107 -0.14 -10.79 2.46
N SER A 108 0.74 -9.81 2.20
CA SER A 108 0.40 -8.52 1.60
C SER A 108 1.12 -8.39 0.26
N VAL A 109 0.35 -8.14 -0.81
CA VAL A 109 0.84 -8.05 -2.18
C VAL A 109 0.29 -6.78 -2.85
N THR A 110 1.20 -5.86 -3.23
CA THR A 110 0.88 -4.66 -4.00
C THR A 110 1.29 -4.85 -5.46
N GLU A 111 0.62 -4.10 -6.35
CA GLU A 111 0.83 -4.06 -7.79
C GLU A 111 0.75 -2.61 -8.29
N LEU A 112 1.58 -2.32 -9.30
CA LEU A 112 1.66 -1.06 -10.03
C LEU A 112 1.48 -1.39 -11.51
N ASN A 113 0.42 -0.84 -12.13
CA ASN A 113 0.13 -0.97 -13.55
C ASN A 113 0.05 0.46 -14.14
N GLY A 114 1.21 1.13 -14.20
CA GLY A 114 1.34 2.48 -14.76
C GLY A 114 0.64 3.50 -13.85
N ASP A 115 -0.48 4.06 -14.34
CA ASP A 115 -1.31 5.01 -13.60
C ASP A 115 -2.26 4.34 -12.59
N ILE A 116 -2.36 3.00 -12.56
CA ILE A 116 -3.27 2.27 -11.66
C ILE A 116 -2.44 1.49 -10.62
N ILE A 117 -2.88 1.52 -9.37
CA ILE A 117 -2.35 0.72 -8.26
C ILE A 117 -3.45 -0.23 -7.78
N THR A 118 -3.05 -1.46 -7.41
CA THR A 118 -3.91 -2.45 -6.79
C THR A 118 -3.16 -3.05 -5.58
N ASN A 119 -3.77 -2.99 -4.40
CA ASN A 119 -3.30 -3.66 -3.19
C ASN A 119 -4.27 -4.82 -2.89
N THR A 120 -3.70 -5.98 -2.57
CA THR A 120 -4.41 -7.19 -2.16
C THR A 120 -3.67 -7.81 -0.96
N MET A 121 -4.33 -7.88 0.20
CA MET A 121 -3.79 -8.48 1.42
C MET A 121 -4.73 -9.60 1.90
N THR A 122 -4.14 -10.69 2.42
CA THR A 122 -4.84 -11.87 2.91
C THR A 122 -4.40 -12.14 4.35
N LEU A 123 -5.34 -11.99 5.30
CA LEU A 123 -5.16 -12.25 6.72
C LEU A 123 -6.18 -13.32 7.14
N GLY A 124 -5.70 -14.54 7.38
CA GLY A 124 -6.50 -15.68 7.84
C GLY A 124 -7.57 -16.04 6.79
N ASP A 125 -8.83 -15.80 7.16
CA ASP A 125 -10.03 -16.11 6.38
C ASP A 125 -10.62 -14.89 5.62
N ILE A 126 -9.97 -13.71 5.71
CA ILE A 126 -10.43 -12.46 5.09
C ILE A 126 -9.38 -11.94 4.11
N VAL A 127 -9.83 -11.43 2.95
CA VAL A 127 -8.97 -10.88 1.90
C VAL A 127 -9.42 -9.44 1.58
N PHE A 128 -8.66 -8.46 2.11
CA PHE A 128 -8.75 -7.05 1.77
C PHE A 128 -8.24 -6.77 0.34
N LYS A 129 -8.95 -5.90 -0.39
CA LYS A 129 -8.50 -5.32 -1.64
C LYS A 129 -8.81 -3.81 -1.69
N ARG A 130 -8.05 -3.10 -2.53
CA ARG A 130 -8.12 -1.66 -2.71
C ARG A 130 -7.50 -1.29 -4.05
N ILE A 131 -8.11 -0.32 -4.74
CA ILE A 131 -7.62 0.24 -6.01
C ILE A 131 -7.42 1.76 -5.81
N SER A 132 -6.32 2.27 -6.39
CA SER A 132 -6.00 3.69 -6.48
C SER A 132 -5.56 4.03 -7.93
N LYS A 133 -5.61 5.33 -8.28
CA LYS A 133 -5.24 5.84 -9.61
C LYS A 133 -4.44 7.14 -9.48
N ARG A 134 -3.48 7.33 -10.40
CA ARG A 134 -2.47 8.39 -10.40
C ARG A 134 -3.07 9.81 -10.52
N ILE A 135 -2.43 10.78 -9.86
CA ILE A 135 -2.87 12.17 -9.75
C ILE A 135 -2.00 12.90 -10.76
N HIS A 1 -1.37 13.00 -18.60
CA HIS A 1 -0.95 11.69 -19.21
C HIS A 1 0.09 12.15 -20.27
N HIS A 2 1.21 11.41 -20.38
CA HIS A 2 2.28 11.68 -21.36
C HIS A 2 3.25 10.49 -21.45
N HIS A 3 3.65 9.94 -20.29
CA HIS A 3 4.49 8.74 -20.19
C HIS A 3 3.77 7.47 -20.68
N HIS A 4 4.57 6.47 -21.09
CA HIS A 4 4.10 5.20 -21.62
C HIS A 4 4.83 4.05 -20.90
N HIS A 5 6.04 3.71 -21.36
CA HIS A 5 6.86 2.59 -20.88
C HIS A 5 8.30 2.74 -21.38
N HIS A 6 9.23 2.03 -20.71
CA HIS A 6 10.64 1.97 -21.12
C HIS A 6 11.29 0.69 -20.55
N VAL A 7 10.91 -0.46 -21.12
CA VAL A 7 11.36 -1.83 -20.80
C VAL A 7 10.85 -2.30 -19.43
N ALA A 8 11.42 -1.73 -18.36
CA ALA A 8 10.96 -1.85 -16.98
C ALA A 8 9.86 -0.83 -16.66
N MET A 9 9.38 -0.89 -15.41
CA MET A 9 8.38 0.04 -14.87
C MET A 9 8.98 0.93 -13.77
N SER A 10 8.31 2.07 -13.56
CA SER A 10 8.67 3.13 -12.62
C SER A 10 7.56 3.29 -11.58
N PHE A 11 7.86 2.86 -10.34
CA PHE A 11 7.01 3.03 -9.16
C PHE A 11 6.74 4.49 -8.76
N SER A 12 7.72 5.36 -9.03
CA SER A 12 7.72 6.80 -8.76
C SER A 12 6.48 7.54 -9.31
N GLY A 13 5.74 8.19 -8.40
CA GLY A 13 4.51 8.92 -8.72
C GLY A 13 3.63 8.99 -7.47
N LYS A 14 2.61 9.87 -7.53
CA LYS A 14 1.63 10.06 -6.47
C LYS A 14 0.28 9.49 -6.94
N TYR A 15 -0.50 8.91 -6.01
CA TYR A 15 -1.74 8.18 -6.29
C TYR A 15 -2.82 8.54 -5.26
N GLN A 16 -4.11 8.38 -5.63
CA GLN A 16 -5.26 8.69 -4.78
C GLN A 16 -6.20 7.48 -4.74
N LEU A 17 -6.86 7.28 -3.59
CA LEU A 17 -7.79 6.16 -3.35
C LEU A 17 -9.02 6.24 -4.29
N GLN A 18 -9.32 5.11 -4.96
CA GLN A 18 -10.44 4.97 -5.88
C GLN A 18 -11.51 4.04 -5.31
N SER A 19 -11.11 2.80 -4.97
CA SER A 19 -12.02 1.72 -4.59
C SER A 19 -11.46 0.87 -3.45
N GLN A 20 -12.40 0.22 -2.73
CA GLN A 20 -12.18 -0.45 -1.44
C GLN A 20 -13.04 -1.72 -1.43
N GLU A 21 -12.42 -2.91 -1.23
CA GLU A 21 -13.15 -4.17 -1.01
C GLU A 21 -12.59 -4.87 0.25
N ASN A 22 -13.49 -5.46 1.04
CA ASN A 22 -13.25 -6.06 2.37
C ASN A 22 -12.63 -5.04 3.35
N PHE A 23 -13.01 -3.75 3.22
CA PHE A 23 -12.60 -2.69 4.14
C PHE A 23 -13.18 -2.91 5.55
N GLU A 24 -14.52 -2.92 5.69
CA GLU A 24 -15.18 -3.21 6.98
C GLU A 24 -14.88 -4.61 7.51
N ALA A 25 -14.73 -5.61 6.62
CA ALA A 25 -14.36 -6.99 6.97
C ALA A 25 -13.00 -7.06 7.68
N PHE A 26 -11.97 -6.47 7.07
CA PHE A 26 -10.60 -6.41 7.61
C PHE A 26 -10.48 -5.55 8.88
N MET A 27 -11.03 -4.33 8.81
CA MET A 27 -10.91 -3.29 9.83
C MET A 27 -11.63 -3.66 11.15
N LYS A 28 -12.80 -4.31 11.05
CA LYS A 28 -13.53 -4.84 12.20
C LYS A 28 -12.93 -6.17 12.72
N ALA A 29 -12.23 -6.94 11.86
CA ALA A 29 -11.55 -8.19 12.25
C ALA A 29 -10.26 -7.96 13.04
N ILE A 30 -9.49 -6.90 12.72
CA ILE A 30 -8.35 -6.44 13.53
C ILE A 30 -8.78 -5.67 14.80
N GLY A 31 -10.07 -5.31 14.90
CA GLY A 31 -10.68 -4.80 16.12
C GLY A 31 -10.54 -3.29 16.28
N LEU A 32 -10.46 -2.52 15.18
CA LEU A 32 -10.48 -1.05 15.21
C LEU A 32 -11.83 -0.50 15.73
N PRO A 33 -11.82 0.70 16.35
CA PRO A 33 -13.07 1.38 16.76
C PRO A 33 -13.92 1.76 15.55
N GLU A 34 -15.25 1.61 15.67
CA GLU A 34 -16.21 1.86 14.60
C GLU A 34 -16.20 3.29 14.04
N GLU A 35 -15.67 4.27 14.81
CA GLU A 35 -15.33 5.60 14.32
C GLU A 35 -14.27 5.59 13.19
N LEU A 36 -13.13 4.91 13.38
CA LEU A 36 -12.06 4.76 12.37
C LEU A 36 -12.53 4.04 11.10
N ILE A 37 -13.50 3.12 11.22
CA ILE A 37 -14.15 2.47 10.09
C ILE A 37 -15.12 3.43 9.37
N GLN A 38 -16.07 4.04 10.09
CA GLN A 38 -17.09 4.93 9.52
C GLN A 38 -16.55 6.25 8.94
N LYS A 39 -15.42 6.75 9.45
CA LYS A 39 -14.68 7.90 8.90
C LYS A 39 -13.74 7.49 7.75
N GLY A 40 -13.34 6.20 7.68
CA GLY A 40 -12.40 5.67 6.71
C GLY A 40 -13.10 5.14 5.44
N LYS A 41 -14.42 4.90 5.49
CA LYS A 41 -15.21 4.45 4.35
C LYS A 41 -15.84 5.60 3.55
N ASP A 42 -16.19 6.73 4.20
CA ASP A 42 -16.75 7.91 3.51
C ASP A 42 -15.62 8.79 2.93
N ILE A 43 -14.56 9.04 3.73
CA ILE A 43 -13.42 9.86 3.35
C ILE A 43 -12.35 8.98 2.69
N LYS A 44 -11.96 9.36 1.48
CA LYS A 44 -10.76 8.85 0.81
C LYS A 44 -9.52 9.64 1.25
N GLY A 45 -8.39 8.93 1.31
CA GLY A 45 -7.08 9.52 1.52
C GLY A 45 -6.33 9.59 0.18
N VAL A 46 -5.03 9.90 0.29
CA VAL A 46 -4.05 10.00 -0.79
C VAL A 46 -2.80 9.17 -0.40
N SER A 47 -2.01 8.76 -1.39
CA SER A 47 -0.78 7.98 -1.22
C SER A 47 0.32 8.53 -2.14
N GLU A 48 1.59 8.20 -1.84
CA GLU A 48 2.74 8.52 -2.68
C GLU A 48 3.74 7.38 -2.63
N ILE A 49 4.44 7.20 -3.75
CA ILE A 49 5.43 6.16 -3.97
C ILE A 49 6.66 6.84 -4.57
N VAL A 50 7.82 6.64 -3.93
CA VAL A 50 9.08 7.28 -4.32
C VAL A 50 10.19 6.22 -4.27
N GLN A 51 10.43 5.56 -5.41
CA GLN A 51 11.56 4.66 -5.62
C GLN A 51 12.84 5.47 -5.91
N ASN A 52 13.97 5.05 -5.32
CA ASN A 52 15.27 5.69 -5.50
C ASN A 52 16.37 4.62 -5.39
N GLY A 53 16.50 3.83 -6.47
CA GLY A 53 17.45 2.72 -6.57
C GLY A 53 17.00 1.57 -5.65
N LYS A 54 17.90 1.15 -4.75
CA LYS A 54 17.62 0.17 -3.69
C LYS A 54 16.71 0.68 -2.57
N HIS A 55 16.77 1.99 -2.25
CA HIS A 55 15.86 2.64 -1.31
C HIS A 55 14.48 2.91 -1.93
N PHE A 56 13.48 3.02 -1.05
CA PHE A 56 12.09 3.15 -1.43
C PHE A 56 11.37 3.83 -0.25
N LYS A 57 10.65 4.91 -0.56
CA LYS A 57 9.82 5.69 0.37
C LYS A 57 8.35 5.60 -0.04
N PHE A 58 7.47 5.72 0.96
CA PHE A 58 6.03 5.60 0.80
C PHE A 58 5.36 6.54 1.81
N THR A 59 4.57 7.49 1.30
CA THR A 59 3.78 8.42 2.10
C THR A 59 2.31 7.96 2.10
N ILE A 60 1.71 7.87 3.29
CA ILE A 60 0.30 7.56 3.48
C ILE A 60 -0.36 8.80 4.07
N THR A 61 -1.34 9.35 3.36
CA THR A 61 -2.14 10.49 3.81
C THR A 61 -3.59 10.00 4.02
N ALA A 62 -3.97 9.82 5.29
CA ALA A 62 -5.32 9.50 5.75
C ALA A 62 -6.27 10.73 5.64
N GLY A 63 -7.41 10.68 6.35
CA GLY A 63 -8.43 11.74 6.33
C GLY A 63 -7.93 13.09 6.87
N SER A 64 -6.93 13.09 7.77
CA SER A 64 -6.30 14.29 8.34
C SER A 64 -4.95 13.99 9.02
N LYS A 65 -4.26 12.91 8.59
CA LYS A 65 -3.00 12.46 9.18
C LYS A 65 -2.04 12.00 8.06
N VAL A 66 -0.74 12.29 8.23
CA VAL A 66 0.31 11.88 7.29
C VAL A 66 1.35 11.02 8.04
N ILE A 67 1.65 9.84 7.48
CA ILE A 67 2.61 8.87 8.00
C ILE A 67 3.53 8.46 6.85
N GLN A 68 4.85 8.65 7.04
CA GLN A 68 5.87 8.30 6.05
C GLN A 68 6.73 7.16 6.60
N ASN A 69 7.06 6.20 5.73
CA ASN A 69 7.95 5.08 6.01
C ASN A 69 8.94 4.92 4.85
N GLU A 70 10.18 4.52 5.19
CA GLU A 70 11.24 4.20 4.25
C GLU A 70 11.75 2.78 4.55
N PHE A 71 12.14 2.08 3.48
CA PHE A 71 12.74 0.76 3.53
C PHE A 71 13.72 0.58 2.36
N THR A 72 14.61 -0.41 2.50
CA THR A 72 15.53 -0.84 1.45
C THR A 72 15.07 -2.22 0.96
N VAL A 73 14.95 -2.36 -0.37
CA VAL A 73 14.51 -3.59 -1.04
C VAL A 73 15.57 -4.71 -0.86
N GLY A 74 15.17 -5.77 -0.14
CA GLY A 74 16.03 -6.93 0.16
C GLY A 74 16.53 -6.93 1.61
N GLU A 75 16.33 -5.85 2.38
CA GLU A 75 16.66 -5.77 3.81
C GLU A 75 15.37 -5.61 4.64
N GLU A 76 15.39 -6.14 5.88
CA GLU A 76 14.29 -6.00 6.83
C GLU A 76 14.22 -4.56 7.37
N CYS A 77 13.00 -4.01 7.38
CA CYS A 77 12.67 -2.68 7.89
C CYS A 77 11.34 -2.75 8.66
N GLU A 78 11.02 -1.68 9.40
CA GLU A 78 9.81 -1.59 10.23
C GLU A 78 8.83 -0.58 9.63
N LEU A 79 7.56 -0.99 9.54
CA LEU A 79 6.48 -0.28 8.86
C LEU A 79 5.35 0.02 9.86
N GLU A 80 4.79 1.24 9.78
CA GLU A 80 3.74 1.75 10.67
C GLU A 80 2.38 1.88 9.95
N THR A 81 1.31 1.56 10.69
CA THR A 81 -0.09 1.63 10.25
C THR A 81 -0.77 2.92 10.77
N MET A 82 -1.95 3.23 10.22
CA MET A 82 -2.88 4.28 10.68
C MET A 82 -3.34 4.14 12.15
N THR A 83 -3.37 2.92 12.69
CA THR A 83 -3.67 2.63 14.10
C THR A 83 -2.44 2.78 15.05
N GLY A 84 -1.23 2.91 14.48
CA GLY A 84 0.00 3.16 15.21
C GLY A 84 0.75 1.88 15.60
N GLU A 85 0.29 0.69 15.16
CA GLU A 85 1.00 -0.58 15.32
C GLU A 85 2.22 -0.62 14.38
N LYS A 86 3.36 -1.09 14.92
CA LYS A 86 4.63 -1.16 14.19
C LYS A 86 5.09 -2.62 14.14
N VAL A 87 5.54 -3.06 12.97
CA VAL A 87 5.86 -4.46 12.66
C VAL A 87 7.01 -4.53 11.64
N LYS A 88 8.01 -5.39 11.94
CA LYS A 88 9.11 -5.72 11.04
C LYS A 88 8.66 -6.64 9.90
N THR A 89 9.21 -6.37 8.71
CA THR A 89 8.92 -7.07 7.46
C THR A 89 10.00 -6.74 6.41
N VAL A 90 10.19 -7.66 5.46
CA VAL A 90 11.04 -7.46 4.29
C VAL A 90 10.13 -7.30 3.05
N VAL A 91 10.41 -6.27 2.23
CA VAL A 91 9.68 -6.00 0.99
C VAL A 91 10.63 -6.27 -0.20
N GLN A 92 10.16 -7.07 -1.17
CA GLN A 92 10.94 -7.55 -2.32
C GLN A 92 10.10 -7.57 -3.60
N LEU A 93 10.77 -7.33 -4.75
CA LEU A 93 10.16 -7.31 -6.07
C LEU A 93 9.86 -8.73 -6.58
N GLU A 94 8.69 -8.91 -7.21
CA GLU A 94 8.25 -10.17 -7.82
C GLU A 94 8.68 -10.29 -9.30
N GLY A 95 9.50 -9.34 -9.80
CA GLY A 95 10.00 -9.31 -11.18
C GLY A 95 8.91 -8.93 -12.21
N ASP A 96 7.79 -8.36 -11.76
CA ASP A 96 6.60 -8.07 -12.56
C ASP A 96 5.89 -6.83 -11.97
N ASN A 97 6.66 -5.75 -11.70
CA ASN A 97 6.17 -4.46 -11.18
C ASN A 97 5.31 -4.58 -9.90
N LYS A 98 5.66 -5.57 -9.06
CA LYS A 98 4.90 -5.99 -7.89
C LYS A 98 5.85 -6.08 -6.70
N LEU A 99 5.37 -5.66 -5.50
CA LEU A 99 6.12 -5.78 -4.26
C LEU A 99 5.37 -6.70 -3.29
N VAL A 100 6.00 -7.85 -3.02
CA VAL A 100 5.54 -8.88 -2.07
C VAL A 100 6.22 -8.64 -0.71
N THR A 101 5.41 -8.77 0.35
CA THR A 101 5.78 -8.48 1.74
C THR A 101 4.88 -9.26 2.72
N THR A 102 5.45 -9.65 3.87
CA THR A 102 4.81 -10.49 4.90
C THR A 102 5.38 -10.15 6.28
N PHE A 103 4.47 -9.97 7.24
CA PHE A 103 4.77 -9.57 8.63
C PHE A 103 4.80 -10.82 9.51
N LYS A 104 3.61 -11.41 9.72
CA LYS A 104 3.36 -12.51 10.64
C LYS A 104 2.46 -13.54 9.93
N ASN A 105 1.28 -13.10 9.48
CA ASN A 105 0.24 -13.92 8.87
C ASN A 105 -0.59 -13.14 7.81
N ILE A 106 -0.14 -11.93 7.44
CA ILE A 106 -0.78 -11.07 6.45
C ILE A 106 0.12 -11.09 5.19
N LYS A 107 -0.32 -11.81 4.15
CA LYS A 107 0.36 -11.87 2.85
C LYS A 107 -0.13 -10.71 1.98
N SER A 108 0.73 -9.71 1.80
CA SER A 108 0.44 -8.50 1.05
C SER A 108 1.26 -8.43 -0.24
N VAL A 109 0.53 -8.31 -1.36
CA VAL A 109 1.04 -8.31 -2.72
C VAL A 109 0.53 -7.04 -3.41
N THR A 110 1.45 -6.08 -3.58
CA THR A 110 1.25 -4.84 -4.34
C THR A 110 1.46 -5.13 -5.84
N GLU A 111 0.80 -4.33 -6.69
CA GLU A 111 0.94 -4.33 -8.14
C GLU A 111 0.86 -2.89 -8.66
N LEU A 112 1.72 -2.57 -9.63
CA LEU A 112 1.77 -1.32 -10.38
C LEU A 112 1.51 -1.68 -11.85
N ASN A 113 0.53 -1.01 -12.47
CA ASN A 113 0.16 -1.11 -13.89
C ASN A 113 -0.01 0.33 -14.39
N GLY A 114 1.12 0.97 -14.73
CA GLY A 114 1.15 2.34 -15.25
C GLY A 114 0.65 3.33 -14.20
N ASP A 115 -0.47 3.99 -14.54
CA ASP A 115 -1.19 4.94 -13.69
C ASP A 115 -2.26 4.30 -12.78
N ILE A 116 -2.19 2.99 -12.55
CA ILE A 116 -3.10 2.25 -11.66
C ILE A 116 -2.28 1.39 -10.70
N ILE A 117 -2.63 1.46 -9.41
CA ILE A 117 -2.11 0.60 -8.35
C ILE A 117 -3.24 -0.31 -7.87
N THR A 118 -2.91 -1.59 -7.68
CA THR A 118 -3.79 -2.60 -7.11
C THR A 118 -3.03 -3.26 -5.96
N ASN A 119 -3.61 -3.22 -4.76
CA ASN A 119 -3.06 -3.87 -3.58
C ASN A 119 -4.01 -5.00 -3.16
N THR A 120 -3.45 -6.17 -2.86
CA THR A 120 -4.18 -7.35 -2.42
C THR A 120 -3.46 -7.96 -1.21
N MET A 121 -4.11 -7.79 -0.04
CA MET A 121 -3.65 -8.26 1.27
C MET A 121 -4.55 -9.43 1.71
N THR A 122 -3.97 -10.41 2.44
CA THR A 122 -4.67 -11.61 2.90
C THR A 122 -4.26 -11.91 4.35
N LEU A 123 -5.08 -11.41 5.30
CA LEU A 123 -4.97 -11.68 6.74
C LEU A 123 -5.97 -12.78 7.11
N GLY A 124 -5.44 -13.97 7.43
CA GLY A 124 -6.21 -15.13 7.89
C GLY A 124 -7.21 -15.59 6.82
N ASP A 125 -8.50 -15.38 7.12
CA ASP A 125 -9.66 -15.79 6.31
C ASP A 125 -10.28 -14.63 5.50
N ILE A 126 -9.72 -13.40 5.58
CA ILE A 126 -10.21 -12.20 4.91
C ILE A 126 -9.14 -11.63 3.96
N VAL A 127 -9.57 -11.09 2.82
CA VAL A 127 -8.69 -10.55 1.78
C VAL A 127 -9.04 -9.07 1.49
N PHE A 128 -8.36 -8.15 2.20
CA PHE A 128 -8.45 -6.70 1.97
C PHE A 128 -7.82 -6.29 0.63
N LYS A 129 -8.59 -5.56 -0.20
CA LYS A 129 -8.16 -5.04 -1.50
C LYS A 129 -8.37 -3.53 -1.57
N ARG A 130 -7.45 -2.88 -2.31
CA ARG A 130 -7.37 -1.42 -2.44
C ARG A 130 -6.95 -1.09 -3.87
N ILE A 131 -7.66 -0.15 -4.51
CA ILE A 131 -7.35 0.36 -5.85
C ILE A 131 -7.10 1.86 -5.73
N SER A 132 -6.00 2.33 -6.36
CA SER A 132 -5.63 3.74 -6.41
C SER A 132 -5.21 4.12 -7.85
N LYS A 133 -5.44 5.39 -8.22
CA LYS A 133 -5.13 5.96 -9.53
C LYS A 133 -4.13 7.12 -9.37
N ARG A 134 -3.18 7.22 -10.31
CA ARG A 134 -2.10 8.22 -10.35
C ARG A 134 -2.65 9.63 -10.61
N ILE A 135 -2.05 10.64 -9.93
CA ILE A 135 -2.50 12.04 -9.93
C ILE A 135 -1.54 12.80 -10.85
#